data_7MXB
#
_entry.id   7MXB
#
_cell.length_a   104.663
_cell.length_b   42.741
_cell.length_c   175.327
_cell.angle_alpha   90.000
_cell.angle_beta   95.311
_cell.angle_gamma   90.000
#
_symmetry.space_group_name_H-M   'P 1 21 1'
#
loop_
_entity.id
_entity.type
_entity.pdbx_description
1 polymer 'Serine/threonine protein kinases'
2 non-polymer "MAGNESIUM-5'-ADENYLY-IMIDO-TRIPHOSPHATE"
3 non-polymer 'MAGNESIUM ION'
4 water water
#
_entity_poly.entity_id   1
_entity_poly.type   'polypeptide(L)'
_entity_poly.pdbx_seq_one_letter_code
;VRRQSRPVADGMVELPFITPKPEDELLIDPEKKRKPGVAAPQLVAGDIVAEQYEVLGVIAHGGMGWIYLANDRNVSGRIV
VLKGMMAQSSVQDQGTAEAEREFLADITHPGIVKAYNFIDDPRVPGGFIVMEYVNGPSLKDRCKAQPDGVLRVDLAIGYI
LELLPAMDYLHQRGVVYNDLKPENVIATEDQVKLIDLGAVTGIGAFGYIYGTKGFQAPEVATHGPSISSDIFTIGRTLAA
LTMPLPVEDGVLAPGIPSPKNSPLLRRHLSFYRLLQRATADDPQHRFRNVSELRTQLYGVLREILAVRDGKQYPPQHSLF
SPQRSTFGTKHLVFRTDRIIDGIERQARITAPEIVSALPVPLIDRTDPGARMLSGSSYAEPSETLETLRNSMEDEQYRQS
IEIPLGVVRALLDLGFTTEARQWLETLEGRIGDDWRHKWFSGITYLLLDDYATAQVFFNHVLTILPGEAAPKLALAAVDE
LILQQIGAESTAYLTPDIVSATATLSKDFEDLDASAFESLSDTWSHISSDPHVVRFHSLRLYALVWATNPTTVSSAFGLA
RQLMAENQIELAVQALDKLPQSSTHYRMATLTTILLLVSSNLSESRIRRAARRLTEIPTNEPRFNQIKIAIMSAGLSWLR
ERKLKASASANPLFEYPFSQKGLRTGISEALRIQARSAPFPHHRYALVDMANAVRPLSWF
;
_entity_poly.pdbx_strand_id   A,B
#
loop_
_chem_comp.id
_chem_comp.type
_chem_comp.name
_chem_comp.formula
MAP non-polymer MAGNESIUM-5'-ADENYLY-IMIDO-TRIPHOSPHATE 'C10 H16 Mg N6 O12 P3'
MG non-polymer 'MAGNESIUM ION' 'Mg 2'
#
# COMPACT_ATOMS: atom_id res chain seq x y z
N VAL A 1 -13.63 -30.33 -17.33
CA VAL A 1 -14.20 -29.15 -18.00
C VAL A 1 -13.30 -28.70 -19.15
N ARG A 2 -13.39 -29.41 -20.27
CA ARG A 2 -12.61 -29.07 -21.46
C ARG A 2 -13.21 -27.84 -22.13
N ARG A 3 -12.33 -26.93 -22.58
CA ARG A 3 -12.76 -25.58 -22.91
C ARG A 3 -12.11 -25.13 -24.22
N GLN A 4 -12.30 -23.85 -24.50
CA GLN A 4 -11.79 -23.11 -25.65
C GLN A 4 -10.60 -22.25 -25.21
N SER A 5 -9.95 -21.60 -26.17
CA SER A 5 -8.87 -20.68 -25.83
C SER A 5 -9.38 -19.52 -24.99
N ARG A 6 -8.52 -19.06 -24.07
CA ARG A 6 -8.85 -18.11 -23.01
C ARG A 6 -8.15 -16.77 -23.20
N PRO A 7 -8.85 -15.66 -22.99
CA PRO A 7 -8.20 -14.35 -23.13
C PRO A 7 -7.37 -13.98 -21.92
N VAL A 8 -6.17 -13.46 -22.19
CA VAL A 8 -5.28 -12.94 -21.16
C VAL A 8 -4.82 -11.55 -21.56
N ALA A 9 -4.19 -10.85 -20.61
CA ALA A 9 -3.65 -9.51 -20.82
C ALA A 9 -4.72 -8.56 -21.38
N ASP A 10 -5.77 -8.38 -20.59
CA ASP A 10 -6.90 -7.50 -20.94
C ASP A 10 -7.49 -7.87 -22.29
N GLY A 11 -7.48 -9.17 -22.63
CA GLY A 11 -8.03 -9.62 -23.88
C GLY A 11 -7.16 -9.39 -25.10
N MET A 12 -5.91 -8.98 -24.92
CA MET A 12 -5.03 -8.73 -26.05
C MET A 12 -4.41 -10.00 -26.61
N VAL A 13 -4.34 -11.07 -25.81
CA VAL A 13 -3.76 -12.35 -26.23
C VAL A 13 -4.70 -13.46 -25.78
N GLU A 14 -4.86 -14.47 -26.63
CA GLU A 14 -5.63 -15.66 -26.28
C GLU A 14 -4.69 -16.84 -26.17
N LEU A 15 -4.69 -17.50 -25.02
CA LEU A 15 -3.87 -18.69 -24.81
C LEU A 15 -4.68 -19.94 -25.14
N PRO A 16 -4.10 -20.89 -25.87
CA PRO A 16 -4.85 -22.08 -26.26
C PRO A 16 -5.10 -23.01 -25.08
N PHE A 17 -6.22 -23.72 -25.14
CA PHE A 17 -6.53 -24.78 -24.18
C PHE A 17 -5.77 -26.04 -24.58
N ILE A 18 -4.90 -26.52 -23.69
CA ILE A 18 -4.08 -27.70 -23.96
C ILE A 18 -4.78 -28.91 -23.38
N THR A 19 -5.17 -29.84 -24.24
CA THR A 19 -5.83 -31.06 -23.76
C THR A 19 -4.80 -31.96 -23.08
N PRO A 20 -5.06 -32.42 -21.86
CA PRO A 20 -4.11 -33.31 -21.20
C PRO A 20 -4.02 -34.64 -21.89
N LYS A 21 -2.83 -35.23 -21.88
CA LYS A 21 -2.64 -36.54 -22.47
C LYS A 21 -3.47 -37.57 -21.71
N PRO A 22 -4.00 -38.59 -22.39
CA PRO A 22 -4.63 -39.70 -21.68
C PRO A 22 -3.65 -40.35 -20.73
N GLU A 23 -4.16 -40.75 -19.56
CA GLU A 23 -3.29 -41.24 -18.50
C GLU A 23 -2.63 -42.58 -18.82
N ASP A 24 -3.02 -43.24 -19.91
CA ASP A 24 -2.34 -44.45 -20.36
C ASP A 24 -1.34 -44.16 -21.49
N GLU A 25 -0.95 -42.90 -21.66
CA GLU A 25 0.04 -42.51 -22.65
C GLU A 25 1.09 -41.60 -22.03
N LEU A 26 1.28 -41.70 -20.72
CA LEU A 26 2.19 -40.80 -20.01
C LEU A 26 3.61 -41.35 -19.91
N LEU A 27 3.78 -42.67 -19.86
CA LEU A 27 5.11 -43.23 -19.62
C LEU A 27 5.89 -43.33 -20.92
N ILE A 28 7.20 -43.11 -20.82
CA ILE A 28 8.11 -43.25 -21.95
C ILE A 28 8.86 -44.57 -21.85
N ASP A 29 9.22 -45.13 -23.01
CA ASP A 29 10.06 -46.32 -23.05
C ASP A 29 11.49 -45.94 -22.72
N PRO A 30 12.09 -46.50 -21.67
CA PRO A 30 13.49 -46.15 -21.36
C PRO A 30 14.48 -46.58 -22.44
N GLU A 31 14.16 -47.62 -23.21
CA GLU A 31 15.07 -48.11 -24.24
C GLU A 31 15.01 -47.36 -25.55
N LYS A 32 13.98 -46.55 -25.79
CA LYS A 32 13.88 -45.84 -27.05
C LYS A 32 14.90 -44.70 -27.06
N LYS A 33 15.81 -44.73 -28.03
CA LYS A 33 16.89 -43.75 -28.15
C LYS A 33 17.61 -43.56 -26.81
N ARG A 34 18.40 -44.57 -26.47
CA ARG A 34 19.13 -44.57 -25.20
C ARG A 34 20.37 -43.73 -25.38
N LYS A 35 20.41 -42.57 -24.73
CA LYS A 35 21.50 -41.61 -24.82
C LYS A 35 22.82 -42.20 -24.32
N PRO A 36 23.95 -41.56 -24.60
CA PRO A 36 25.22 -42.08 -24.09
C PRO A 36 25.39 -41.84 -22.60
N GLY A 37 25.84 -42.88 -21.90
CA GLY A 37 26.19 -42.77 -20.50
C GLY A 37 25.06 -42.87 -19.52
N VAL A 38 23.81 -42.74 -19.96
CA VAL A 38 22.68 -42.78 -19.04
C VAL A 38 22.35 -44.24 -18.71
N ALA A 39 22.32 -44.55 -17.42
CA ALA A 39 22.03 -45.90 -16.96
C ALA A 39 20.54 -46.20 -17.06
N ALA A 40 20.23 -47.49 -17.00
CA ALA A 40 18.84 -47.93 -16.97
C ALA A 40 18.18 -47.49 -15.65
N PRO A 41 16.86 -47.34 -15.64
CA PRO A 41 16.19 -46.96 -14.38
C PRO A 41 16.40 -48.02 -13.31
N GLN A 42 16.59 -47.55 -12.08
CA GLN A 42 16.76 -48.47 -10.96
C GLN A 42 15.42 -49.05 -10.50
N LEU A 43 14.33 -48.30 -10.67
CA LEU A 43 13.01 -48.74 -10.25
C LEU A 43 12.16 -49.08 -11.47
N VAL A 44 11.26 -50.06 -11.28
CA VAL A 44 10.37 -50.51 -12.34
C VAL A 44 8.95 -50.59 -11.78
N ALA A 45 7.99 -50.81 -12.68
CA ALA A 45 6.59 -50.86 -12.31
C ALA A 45 6.34 -51.88 -11.21
N GLY A 46 5.63 -51.46 -10.17
CA GLY A 46 5.30 -52.29 -9.05
C GLY A 46 6.16 -52.08 -7.82
N ASP A 47 7.36 -51.52 -8.00
CA ASP A 47 8.21 -51.22 -6.85
C ASP A 47 7.52 -50.22 -5.94
N ILE A 48 7.65 -50.44 -4.64
CA ILE A 48 7.09 -49.56 -3.62
C ILE A 48 8.21 -48.73 -3.02
N VAL A 49 8.02 -47.42 -2.99
CA VAL A 49 9.01 -46.49 -2.46
C VAL A 49 8.44 -45.85 -1.20
N ALA A 50 9.20 -45.91 -0.11
CA ALA A 50 8.78 -45.34 1.18
C ALA A 50 7.41 -45.84 1.60
N GLU A 51 7.13 -47.11 1.26
CA GLU A 51 5.88 -47.81 1.59
C GLU A 51 4.63 -46.98 1.31
N GLN A 52 4.72 -46.06 0.35
CA GLN A 52 3.56 -45.24 0.00
C GLN A 52 3.39 -45.00 -1.49
N TYR A 53 4.44 -45.08 -2.30
CA TYR A 53 4.36 -44.72 -3.71
C TYR A 53 4.66 -45.95 -4.56
N GLU A 54 3.68 -46.34 -5.38
CA GLU A 54 3.81 -47.49 -6.26
C GLU A 54 4.30 -47.03 -7.61
N VAL A 55 5.54 -47.40 -7.96
CA VAL A 55 6.15 -46.93 -9.20
C VAL A 55 5.42 -47.52 -10.39
N LEU A 56 5.13 -46.68 -11.38
CA LEU A 56 4.52 -47.11 -12.63
C LEU A 56 5.50 -47.12 -13.80
N GLY A 57 6.50 -46.25 -13.77
CA GLY A 57 7.45 -46.14 -14.86
C GLY A 57 8.12 -44.78 -14.81
N VAL A 58 8.77 -44.42 -15.91
CA VAL A 58 9.47 -43.15 -16.03
C VAL A 58 8.77 -42.30 -17.07
N ILE A 59 8.79 -40.99 -16.85
CA ILE A 59 8.23 -40.04 -17.80
C ILE A 59 9.30 -39.19 -18.48
N ALA A 60 10.51 -39.13 -17.94
CA ALA A 60 11.58 -38.32 -18.50
C ALA A 60 12.88 -38.67 -17.80
N HIS A 61 13.98 -38.27 -18.43
CA HIS A 61 15.30 -38.30 -17.83
C HIS A 61 15.88 -36.90 -17.91
N GLY A 62 16.38 -36.40 -16.78
CA GLY A 62 16.90 -35.05 -16.75
C GLY A 62 18.21 -34.94 -16.00
N GLY A 63 18.61 -33.72 -15.64
CA GLY A 63 19.86 -33.52 -14.93
C GLY A 63 19.89 -34.27 -13.61
N MET A 64 18.77 -34.32 -12.90
CA MET A 64 18.69 -35.03 -11.63
C MET A 64 18.50 -36.54 -11.81
N GLY A 65 18.44 -37.03 -13.04
CA GLY A 65 18.26 -38.46 -13.28
C GLY A 65 16.87 -38.77 -13.82
N TRP A 66 16.50 -40.04 -13.70
CA TRP A 66 15.20 -40.49 -14.17
C TRP A 66 14.09 -39.90 -13.30
N ILE A 67 12.99 -39.55 -13.94
CA ILE A 67 11.82 -38.99 -13.26
C ILE A 67 10.70 -40.02 -13.33
N TYR A 68 10.31 -40.55 -12.18
CA TYR A 68 9.33 -41.63 -12.12
C TYR A 68 7.91 -41.10 -11.95
N LEU A 69 6.95 -41.90 -12.37
CA LEU A 69 5.55 -41.69 -12.07
C LEU A 69 5.08 -42.80 -11.15
N ALA A 70 4.23 -42.45 -10.18
CA ALA A 70 3.83 -43.43 -9.18
C ALA A 70 2.43 -43.13 -8.68
N ASN A 71 1.74 -44.19 -8.24
CA ASN A 71 0.48 -44.03 -7.52
C ASN A 71 0.79 -43.66 -6.07
N ASP A 72 0.06 -42.67 -5.55
CA ASP A 72 0.12 -42.32 -4.14
C ASP A 72 -0.90 -43.17 -3.40
N ARG A 73 -0.42 -44.16 -2.63
CA ARG A 73 -1.29 -45.15 -2.01
C ARG A 73 -2.11 -44.59 -0.85
N ASN A 74 -1.90 -43.33 -0.45
CA ASN A 74 -2.67 -42.70 0.61
C ASN A 74 -3.75 -41.76 0.09
N VAL A 75 -3.80 -41.52 -1.22
CA VAL A 75 -4.88 -40.74 -1.84
C VAL A 75 -5.32 -41.53 -3.07
N SER A 76 -6.51 -42.12 -2.99
CA SER A 76 -7.00 -42.99 -4.06
C SER A 76 -7.04 -42.24 -5.38
N GLY A 77 -6.40 -42.82 -6.40
CA GLY A 77 -6.41 -42.29 -7.74
C GLY A 77 -5.38 -41.23 -8.05
N ARG A 78 -4.62 -40.78 -7.06
CA ARG A 78 -3.62 -39.72 -7.28
C ARG A 78 -2.32 -40.33 -7.81
N ILE A 79 -1.81 -39.76 -8.90
CA ILE A 79 -0.48 -40.10 -9.42
C ILE A 79 0.45 -38.95 -9.08
N VAL A 80 1.69 -39.29 -8.70
CA VAL A 80 2.69 -38.31 -8.28
C VAL A 80 3.97 -38.53 -9.06
N VAL A 81 4.86 -37.55 -8.94
CA VAL A 81 6.18 -37.57 -9.59
C VAL A 81 7.23 -37.78 -8.52
N LEU A 82 8.18 -38.66 -8.80
CA LEU A 82 9.37 -38.85 -7.96
C LEU A 82 10.57 -38.29 -8.72
N LYS A 83 11.15 -37.23 -8.20
CA LYS A 83 12.26 -36.54 -8.87
C LYS A 83 13.44 -36.43 -7.91
N GLY A 84 14.64 -36.61 -8.44
CA GLY A 84 15.85 -36.44 -7.65
C GLY A 84 15.93 -35.07 -7.00
N MET A 85 16.22 -35.04 -5.71
CA MET A 85 16.23 -33.79 -4.95
C MET A 85 17.63 -33.45 -4.49
N MET A 86 17.96 -32.15 -4.53
CA MET A 86 19.30 -31.71 -4.20
C MET A 86 19.53 -31.84 -2.70
N ALA A 87 20.63 -32.47 -2.33
CA ALA A 87 20.99 -32.56 -0.92
C ALA A 87 21.43 -31.20 -0.38
N GLN A 88 21.41 -31.06 0.94
CA GLN A 88 21.84 -29.84 1.60
C GLN A 88 23.29 -29.97 2.06
N SER A 89 23.74 -29.02 2.87
CA SER A 89 25.16 -28.89 3.19
C SER A 89 25.68 -29.99 4.10
N SER A 90 24.80 -30.76 4.75
CA SER A 90 25.15 -31.83 5.67
C SER A 90 25.94 -31.35 6.88
N VAL A 91 26.11 -30.04 7.02
CA VAL A 91 26.79 -29.46 8.18
C VAL A 91 25.94 -28.44 8.92
N GLN A 92 24.89 -27.89 8.30
CA GLN A 92 24.03 -26.92 8.94
C GLN A 92 23.25 -27.56 10.09
N ASP A 93 22.65 -26.70 10.92
CA ASP A 93 21.88 -27.18 12.05
C ASP A 93 20.67 -27.98 11.56
N GLN A 94 20.35 -29.05 12.29
CA GLN A 94 19.38 -30.04 11.80
C GLN A 94 18.00 -29.42 11.67
N GLY A 95 17.57 -28.63 12.66
CA GLY A 95 16.30 -27.95 12.57
C GLY A 95 16.19 -27.06 11.35
N THR A 96 17.26 -26.31 11.06
CA THR A 96 17.24 -25.43 9.89
C THR A 96 17.11 -26.21 8.60
N ALA A 97 17.68 -27.42 8.53
CA ALA A 97 17.52 -28.22 7.32
C ALA A 97 16.11 -28.75 7.20
N GLU A 98 15.49 -29.16 8.31
CA GLU A 98 14.11 -29.62 8.27
C GLU A 98 13.17 -28.46 7.96
N ALA A 99 13.45 -27.28 8.53
CA ALA A 99 12.59 -26.12 8.31
C ALA A 99 12.55 -25.71 6.84
N GLU A 100 13.67 -25.84 6.14
CA GLU A 100 13.67 -25.44 4.73
C GLU A 100 12.83 -26.39 3.89
N ARG A 101 12.83 -27.69 4.22
CA ARG A 101 12.03 -28.63 3.45
C ARG A 101 10.56 -28.53 3.81
N GLU A 102 10.25 -28.27 5.08
CA GLU A 102 8.86 -28.06 5.47
C GLU A 102 8.29 -26.78 4.87
N PHE A 103 9.16 -25.86 4.43
CA PHE A 103 8.69 -24.64 3.81
C PHE A 103 8.33 -24.90 2.34
N LEU A 104 9.06 -25.80 1.69
CA LEU A 104 8.72 -26.16 0.32
C LEU A 104 7.37 -26.86 0.28
N ALA A 105 7.07 -27.66 1.31
CA ALA A 105 5.82 -28.40 1.35
C ALA A 105 4.62 -27.49 1.59
N ASP A 106 4.82 -26.40 2.34
CA ASP A 106 3.73 -25.51 2.69
C ASP A 106 3.42 -24.48 1.61
N ILE A 107 4.27 -24.36 0.58
CA ILE A 107 4.01 -23.40 -0.49
C ILE A 107 2.70 -23.79 -1.16
N THR A 108 1.79 -22.82 -1.25
CA THR A 108 0.43 -23.10 -1.72
C THR A 108 0.02 -21.98 -2.69
N HIS A 109 0.02 -22.30 -3.98
CA HIS A 109 -0.38 -21.37 -5.02
C HIS A 109 -0.79 -22.18 -6.24
N PRO A 110 -1.87 -21.82 -6.94
CA PRO A 110 -2.32 -22.64 -8.07
C PRO A 110 -1.35 -22.63 -9.25
N GLY A 111 -0.42 -21.70 -9.30
CA GLY A 111 0.58 -21.67 -10.35
C GLY A 111 1.87 -22.38 -10.02
N ILE A 112 1.94 -23.07 -8.89
CA ILE A 112 3.15 -23.77 -8.47
C ILE A 112 2.78 -25.21 -8.15
N VAL A 113 3.61 -26.15 -8.61
CA VAL A 113 3.37 -27.57 -8.32
C VAL A 113 3.49 -27.80 -6.82
N LYS A 114 2.62 -28.66 -6.29
CA LYS A 114 2.63 -28.95 -4.87
C LYS A 114 3.64 -30.05 -4.57
N ALA A 115 4.36 -29.90 -3.45
CA ALA A 115 5.27 -30.94 -2.97
C ALA A 115 4.56 -31.71 -1.87
N TYR A 116 4.66 -33.04 -1.93
CA TYR A 116 3.97 -33.89 -0.97
C TYR A 116 4.90 -34.57 0.04
N ASN A 117 6.15 -34.81 -0.32
CA ASN A 117 7.02 -35.56 0.57
C ASN A 117 8.47 -35.39 0.14
N PHE A 118 9.37 -35.76 1.04
CA PHE A 118 10.81 -35.83 0.78
C PHE A 118 11.30 -37.16 1.33
N ILE A 119 11.72 -38.05 0.45
CA ILE A 119 12.04 -39.42 0.84
C ILE A 119 13.40 -39.82 0.26
N ASP A 120 13.95 -40.90 0.80
CA ASP A 120 15.23 -41.45 0.37
C ASP A 120 15.07 -42.95 0.22
N ASP A 121 15.21 -43.46 -1.03
CA ASP A 121 15.12 -44.89 -1.28
C ASP A 121 16.50 -45.49 -1.48
N PRO A 122 16.82 -46.60 -0.82
CA PRO A 122 18.20 -47.12 -0.88
C PRO A 122 18.60 -47.64 -2.25
N ARG A 123 17.65 -47.91 -3.15
CA ARG A 123 17.99 -48.30 -4.51
C ARG A 123 18.33 -47.13 -5.42
N VAL A 124 18.03 -45.90 -5.00
CA VAL A 124 18.32 -44.70 -5.78
C VAL A 124 19.03 -43.70 -4.88
N PRO A 125 20.36 -43.65 -4.88
CA PRO A 125 21.07 -42.69 -4.02
C PRO A 125 20.75 -41.26 -4.41
N GLY A 126 20.57 -40.41 -3.39
CA GLY A 126 20.33 -38.99 -3.58
C GLY A 126 18.98 -38.49 -3.09
N GLY A 127 18.03 -39.37 -2.86
CA GLY A 127 16.74 -38.97 -2.34
C GLY A 127 15.83 -38.36 -3.39
N PHE A 128 14.52 -38.42 -3.12
CA PHE A 128 13.50 -37.89 -4.00
C PHE A 128 12.75 -36.74 -3.34
N ILE A 129 12.26 -35.83 -4.18
CA ILE A 129 11.13 -34.98 -3.84
C ILE A 129 9.90 -35.54 -4.54
N VAL A 130 8.82 -35.70 -3.79
CA VAL A 130 7.57 -36.22 -4.31
C VAL A 130 6.65 -35.03 -4.57
N MET A 131 6.17 -34.90 -5.80
CA MET A 131 5.39 -33.72 -6.15
C MET A 131 4.21 -34.10 -7.06
N GLU A 132 3.28 -33.16 -7.18
CA GLU A 132 2.13 -33.31 -8.05
C GLU A 132 2.56 -33.52 -9.49
N TYR A 133 1.85 -34.42 -10.19
CA TYR A 133 2.07 -34.64 -11.61
C TYR A 133 1.23 -33.64 -12.40
N VAL A 134 1.89 -32.83 -13.22
CA VAL A 134 1.24 -31.82 -14.04
C VAL A 134 1.16 -32.36 -15.47
N ASN A 135 -0.07 -32.58 -15.94
CA ASN A 135 -0.28 -33.22 -17.25
C ASN A 135 -0.30 -32.13 -18.32
N GLY A 136 0.83 -31.96 -19.00
CA GLY A 136 0.91 -31.02 -20.09
C GLY A 136 2.31 -30.89 -20.64
N PRO A 137 2.44 -30.30 -21.83
CA PRO A 137 3.76 -30.03 -22.39
C PRO A 137 4.42 -28.83 -21.73
N SER A 138 5.74 -28.86 -21.70
CA SER A 138 6.48 -27.70 -21.24
C SER A 138 6.52 -26.64 -22.33
N LEU A 139 6.82 -25.41 -21.94
CA LEU A 139 6.96 -24.34 -22.93
C LEU A 139 8.06 -24.66 -23.93
N LYS A 140 9.06 -25.46 -23.53
CA LYS A 140 10.07 -25.92 -24.47
C LYS A 140 9.47 -26.82 -25.53
N ASP A 141 8.59 -27.74 -25.12
CA ASP A 141 7.90 -28.60 -26.08
C ASP A 141 7.03 -27.79 -27.03
N ARG A 142 6.37 -26.75 -26.53
CA ARG A 142 5.53 -25.94 -27.40
C ARG A 142 6.36 -25.21 -28.45
N CYS A 143 7.59 -24.84 -28.12
CA CYS A 143 8.47 -24.21 -29.10
C CYS A 143 8.91 -25.21 -30.16
N LYS A 144 9.35 -26.40 -29.71
CA LYS A 144 9.77 -27.43 -30.66
C LYS A 144 8.63 -27.90 -31.54
N ALA A 145 7.38 -27.72 -31.10
CA ALA A 145 6.25 -28.08 -31.95
C ALA A 145 5.99 -27.05 -33.05
N GLN A 146 6.76 -25.93 -33.07
CA GLN A 146 6.63 -24.97 -34.15
C GLN A 146 7.74 -25.18 -35.17
N PRO A 147 7.48 -24.93 -36.46
CA PRO A 147 8.51 -25.19 -37.48
C PRO A 147 9.80 -24.41 -37.28
N ASP A 148 9.73 -23.18 -36.76
CA ASP A 148 10.92 -22.39 -36.54
C ASP A 148 11.41 -22.45 -35.10
N GLY A 149 10.84 -23.32 -34.28
CA GLY A 149 11.32 -23.51 -32.93
C GLY A 149 11.05 -22.41 -31.94
N VAL A 150 10.21 -21.43 -32.27
CA VAL A 150 9.91 -20.33 -31.36
C VAL A 150 8.41 -20.10 -31.31
N LEU A 151 7.96 -19.53 -30.20
CA LEU A 151 6.59 -19.09 -30.04
C LEU A 151 6.42 -17.67 -30.58
N ARG A 152 5.22 -17.38 -31.05
CA ARG A 152 4.89 -16.03 -31.48
C ARG A 152 5.00 -15.08 -30.28
N VAL A 153 5.59 -13.90 -30.52
CA VAL A 153 6.07 -13.07 -29.43
C VAL A 153 4.94 -12.68 -28.49
N ASP A 154 3.74 -12.43 -29.02
CA ASP A 154 2.64 -12.04 -28.15
C ASP A 154 2.14 -13.22 -27.32
N LEU A 155 2.20 -14.43 -27.87
CA LEU A 155 1.82 -15.60 -27.10
C LEU A 155 2.81 -15.85 -25.96
N ALA A 156 4.12 -15.65 -26.22
CA ALA A 156 5.12 -15.85 -25.18
C ALA A 156 4.96 -14.85 -24.05
N ILE A 157 4.61 -13.60 -24.38
CA ILE A 157 4.37 -12.61 -23.34
C ILE A 157 3.15 -13.00 -22.53
N GLY A 158 2.12 -13.55 -23.18
CA GLY A 158 0.96 -14.01 -22.46
C GLY A 158 1.30 -15.11 -21.48
N TYR A 159 2.18 -16.03 -21.87
CA TYR A 159 2.60 -17.10 -20.95
C TYR A 159 3.42 -16.53 -19.79
N ILE A 160 4.31 -15.58 -20.08
CA ILE A 160 5.09 -14.94 -19.02
C ILE A 160 4.17 -14.24 -18.04
N LEU A 161 3.21 -13.47 -18.56
CA LEU A 161 2.26 -12.79 -17.69
C LEU A 161 1.49 -13.77 -16.81
N GLU A 162 1.23 -14.98 -17.32
CA GLU A 162 0.46 -15.95 -16.55
C GLU A 162 1.26 -16.52 -15.37
N LEU A 163 2.58 -16.57 -15.48
CA LEU A 163 3.39 -17.13 -14.40
C LEU A 163 3.85 -16.06 -13.41
N LEU A 164 3.70 -14.79 -13.74
CA LEU A 164 4.13 -13.73 -12.83
C LEU A 164 3.47 -13.78 -11.46
N PRO A 165 2.17 -14.09 -11.33
CA PRO A 165 1.61 -14.20 -9.96
C PRO A 165 2.31 -15.24 -9.11
N ALA A 166 2.72 -16.37 -9.69
CA ALA A 166 3.43 -17.38 -8.91
C ALA A 166 4.81 -16.87 -8.51
N MET A 167 5.50 -16.17 -9.42
CA MET A 167 6.80 -15.60 -9.08
C MET A 167 6.67 -14.58 -7.95
N ASP A 168 5.64 -13.74 -8.00
CA ASP A 168 5.47 -12.72 -6.97
C ASP A 168 5.04 -13.32 -5.64
N TYR A 169 4.26 -14.40 -5.68
CA TYR A 169 3.91 -15.10 -4.44
C TYR A 169 5.16 -15.55 -3.70
N LEU A 170 6.13 -16.12 -4.42
CA LEU A 170 7.39 -16.52 -3.81
C LEU A 170 8.15 -15.30 -3.28
N HIS A 171 8.26 -14.27 -4.12
CA HIS A 171 9.07 -13.11 -3.74
C HIS A 171 8.52 -12.44 -2.48
N GLN A 172 7.19 -12.35 -2.35
CA GLN A 172 6.61 -11.73 -1.17
C GLN A 172 6.80 -12.58 0.08
N ARG A 173 7.04 -13.89 -0.07
CA ARG A 173 7.34 -14.74 1.06
C ARG A 173 8.84 -14.86 1.33
N GLY A 174 9.66 -14.06 0.66
CA GLY A 174 11.08 -14.06 0.89
C GLY A 174 11.86 -15.17 0.22
N VAL A 175 11.29 -15.83 -0.79
CA VAL A 175 11.97 -16.90 -1.51
C VAL A 175 11.96 -16.60 -3.00
N VAL A 176 12.88 -17.25 -3.72
CA VAL A 176 13.05 -17.04 -5.15
C VAL A 176 13.06 -18.39 -5.86
N TYR A 177 12.71 -18.36 -7.15
CA TYR A 177 12.52 -19.59 -7.92
C TYR A 177 13.85 -20.12 -8.47
N ASN A 178 14.76 -19.23 -8.86
CA ASN A 178 16.13 -19.56 -9.24
C ASN A 178 16.29 -20.19 -10.63
N ASP A 179 15.47 -21.17 -10.99
CA ASP A 179 15.75 -21.96 -12.19
C ASP A 179 14.67 -21.81 -13.26
N LEU A 180 14.10 -20.61 -13.40
CA LEU A 180 13.09 -20.43 -14.43
C LEU A 180 13.68 -20.61 -15.82
N LYS A 181 13.04 -21.45 -16.62
CA LYS A 181 13.40 -21.71 -18.00
C LYS A 181 12.24 -22.47 -18.65
N PRO A 182 12.16 -22.47 -19.99
CA PRO A 182 10.98 -23.06 -20.66
C PRO A 182 10.66 -24.48 -20.24
N GLU A 183 11.66 -25.29 -19.90
CA GLU A 183 11.41 -26.71 -19.68
C GLU A 183 10.79 -27.01 -18.33
N ASN A 184 10.74 -26.06 -17.39
CA ASN A 184 10.02 -26.28 -16.14
C ASN A 184 8.79 -25.36 -16.01
N VAL A 185 8.30 -24.85 -17.14
CA VAL A 185 6.99 -24.19 -17.22
C VAL A 185 6.07 -25.06 -18.06
N ILE A 186 5.01 -25.58 -17.45
CA ILE A 186 4.09 -26.48 -18.12
C ILE A 186 2.76 -25.77 -18.36
N ALA A 187 2.27 -25.84 -19.60
CA ALA A 187 0.95 -25.36 -19.96
C ALA A 187 -0.01 -26.54 -19.94
N THR A 188 -0.99 -26.50 -19.05
CA THR A 188 -1.95 -27.59 -18.87
C THR A 188 -3.36 -27.01 -18.82
N GLU A 189 -4.24 -27.55 -19.66
CA GLU A 189 -5.61 -27.06 -19.81
C GLU A 189 -5.62 -25.55 -20.01
N ASP A 190 -6.05 -24.80 -19.00
CA ASP A 190 -6.14 -23.35 -19.08
C ASP A 190 -5.24 -22.64 -18.07
N GLN A 191 -4.24 -23.31 -17.52
CA GLN A 191 -3.37 -22.72 -16.51
C GLN A 191 -1.90 -22.93 -16.90
N VAL A 192 -1.03 -22.12 -16.30
CA VAL A 192 0.42 -22.20 -16.48
C VAL A 192 1.02 -22.50 -15.12
N LYS A 193 1.89 -23.52 -15.05
CA LYS A 193 2.40 -24.02 -13.79
C LYS A 193 3.92 -24.09 -13.78
N LEU A 194 4.50 -23.67 -12.66
CA LEU A 194 5.93 -23.88 -12.38
C LEU A 194 6.10 -25.21 -11.67
N ILE A 195 7.09 -25.99 -12.10
CA ILE A 195 7.26 -27.35 -11.60
C ILE A 195 8.59 -27.57 -10.88
N ASP A 196 9.57 -26.69 -11.02
CA ASP A 196 10.90 -26.91 -10.44
C ASP A 196 10.94 -26.39 -9.00
N LEU A 197 10.13 -27.02 -8.14
CA LEU A 197 10.01 -26.58 -6.76
C LEU A 197 11.29 -26.81 -5.97
N GLY A 198 12.02 -27.89 -6.27
CA GLY A 198 13.24 -28.22 -5.53
C GLY A 198 14.35 -27.19 -5.66
N ALA A 199 14.23 -26.24 -6.58
CA ALA A 199 15.25 -25.21 -6.75
C ALA A 199 14.97 -23.96 -5.93
N VAL A 200 13.80 -23.85 -5.32
CA VAL A 200 13.43 -22.66 -4.56
C VAL A 200 14.33 -22.54 -3.33
N THR A 201 14.89 -21.34 -3.13
CA THR A 201 15.67 -21.03 -1.93
C THR A 201 15.25 -19.67 -1.41
N GLY A 202 15.73 -19.35 -0.20
CA GLY A 202 15.48 -18.03 0.34
C GLY A 202 16.31 -16.96 -0.34
N ILE A 203 15.86 -15.72 -0.19
CA ILE A 203 16.55 -14.56 -0.76
C ILE A 203 17.88 -14.38 -0.05
N GLY A 204 18.97 -14.51 -0.80
CA GLY A 204 20.30 -14.37 -0.25
C GLY A 204 20.71 -15.57 0.58
N ALA A 205 20.66 -16.74 -0.02
CA ALA A 205 20.91 -17.98 0.68
C ALA A 205 22.28 -18.52 0.32
N PHE A 206 23.02 -18.95 1.34
CA PHE A 206 24.35 -19.52 1.12
C PHE A 206 24.18 -20.93 0.55
N GLY A 207 25.17 -21.35 -0.23
CA GLY A 207 25.14 -22.65 -0.88
C GLY A 207 25.15 -22.50 -2.39
N TYR A 208 25.36 -23.65 -3.05
CA TYR A 208 25.38 -23.67 -4.50
C TYR A 208 23.96 -23.54 -5.04
N ILE A 209 23.70 -22.45 -5.77
CA ILE A 209 22.37 -22.20 -6.33
C ILE A 209 22.22 -23.00 -7.62
N TYR A 210 21.24 -23.91 -7.65
CA TYR A 210 21.02 -24.79 -8.79
C TYR A 210 20.26 -24.09 -9.93
N GLY A 211 20.89 -23.04 -10.45
CA GLY A 211 20.42 -22.38 -11.65
C GLY A 211 20.89 -23.11 -12.90
N THR A 212 20.64 -22.50 -14.05
CA THR A 212 21.04 -23.07 -15.33
C THR A 212 21.90 -22.05 -16.08
N LYS A 213 23.10 -22.46 -16.45
CA LYS A 213 23.99 -21.58 -17.22
C LYS A 213 23.34 -21.24 -18.55
N GLY A 214 23.30 -19.94 -18.85
CA GLY A 214 22.52 -19.43 -19.96
C GLY A 214 21.26 -18.72 -19.54
N PHE A 215 20.77 -18.97 -18.33
CA PHE A 215 19.62 -18.28 -17.76
C PHE A 215 19.93 -17.55 -16.47
N GLN A 216 20.92 -18.01 -15.70
CA GLN A 216 21.19 -17.46 -14.39
C GLN A 216 21.89 -16.11 -14.49
N ALA A 217 21.60 -15.23 -13.52
CA ALA A 217 22.23 -13.93 -13.46
C ALA A 217 23.70 -14.07 -13.07
N PRO A 218 24.57 -13.16 -13.53
CA PRO A 218 26.01 -13.33 -13.30
C PRO A 218 26.44 -13.15 -11.86
N GLU A 219 25.67 -12.46 -11.03
CA GLU A 219 26.09 -12.18 -9.66
C GLU A 219 25.65 -13.26 -8.67
N VAL A 220 24.90 -14.27 -9.11
CA VAL A 220 24.36 -15.25 -8.19
C VAL A 220 25.47 -16.08 -7.55
N ALA A 221 26.47 -16.48 -8.34
CA ALA A 221 27.52 -17.35 -7.83
C ALA A 221 28.26 -16.72 -6.66
N THR A 222 28.46 -15.40 -6.70
CA THR A 222 29.23 -14.71 -5.68
C THR A 222 28.37 -14.05 -4.60
N HIS A 223 27.22 -13.50 -4.96
CA HIS A 223 26.40 -12.74 -4.02
C HIS A 223 25.13 -13.46 -3.58
N GLY A 224 24.77 -14.56 -4.22
CA GLY A 224 23.57 -15.30 -3.86
C GLY A 224 22.35 -14.84 -4.63
N PRO A 225 21.23 -15.54 -4.42
CA PRO A 225 20.01 -15.22 -5.17
C PRO A 225 19.28 -14.02 -4.61
N SER A 226 18.48 -13.40 -5.47
CA SER A 226 17.70 -12.23 -5.09
C SER A 226 16.46 -12.15 -5.97
N ILE A 227 15.57 -11.23 -5.63
CA ILE A 227 14.42 -10.94 -6.49
C ILE A 227 14.91 -10.49 -7.86
N SER A 228 15.98 -9.69 -7.87
CA SER A 228 16.53 -9.21 -9.14
C SER A 228 17.09 -10.36 -9.99
N SER A 229 17.66 -11.39 -9.36
CA SER A 229 18.18 -12.49 -10.15
C SER A 229 17.06 -13.33 -10.75
N ASP A 230 15.90 -13.39 -10.10
CA ASP A 230 14.74 -14.05 -10.70
C ASP A 230 14.23 -13.25 -11.90
N ILE A 231 14.18 -11.93 -11.78
CA ILE A 231 13.80 -11.08 -12.91
C ILE A 231 14.70 -11.38 -14.10
N PHE A 232 15.99 -11.58 -13.84
CA PHE A 232 16.94 -11.90 -14.90
C PHE A 232 16.53 -13.16 -15.65
N THR A 233 16.18 -14.22 -14.92
CA THR A 233 15.77 -15.46 -15.58
C THR A 233 14.46 -15.28 -16.33
N ILE A 234 13.59 -14.37 -15.89
CA ILE A 234 12.37 -14.10 -16.65
C ILE A 234 12.71 -13.51 -18.00
N GLY A 235 13.68 -12.59 -18.05
CA GLY A 235 14.08 -12.01 -19.31
C GLY A 235 14.76 -13.02 -20.22
N ARG A 236 15.63 -13.85 -19.66
CA ARG A 236 16.27 -14.90 -20.44
C ARG A 236 15.25 -15.91 -20.96
N THR A 237 14.29 -16.30 -20.12
CA THR A 237 13.26 -17.23 -20.57
C THR A 237 12.45 -16.63 -21.70
N LEU A 238 12.01 -15.38 -21.55
CA LEU A 238 11.23 -14.72 -22.59
C LEU A 238 12.02 -14.62 -23.88
N ALA A 239 13.33 -14.36 -23.78
CA ALA A 239 14.16 -14.33 -24.98
C ALA A 239 14.23 -15.69 -25.64
N ALA A 240 14.37 -16.76 -24.84
CA ALA A 240 14.50 -18.10 -25.40
C ALA A 240 13.22 -18.57 -26.07
N LEU A 241 12.06 -18.08 -25.62
CA LEU A 241 10.80 -18.51 -26.21
C LEU A 241 10.55 -17.90 -27.59
N THR A 242 11.18 -16.77 -27.89
CA THR A 242 10.77 -15.96 -29.05
C THR A 242 11.78 -15.90 -30.17
N MET A 243 13.03 -16.34 -29.97
CA MET A 243 14.02 -16.22 -31.02
C MET A 243 15.07 -17.32 -30.88
N PRO A 244 15.70 -17.73 -31.99
CA PRO A 244 16.74 -18.77 -31.89
C PRO A 244 18.05 -18.21 -31.38
N LEU A 245 18.23 -18.23 -30.06
CA LEU A 245 19.41 -17.63 -29.45
C LEU A 245 20.66 -18.44 -29.78
N PRO A 246 21.80 -17.78 -29.97
CA PRO A 246 23.05 -18.53 -30.21
C PRO A 246 23.40 -19.41 -29.02
N VAL A 247 23.87 -20.62 -29.32
CA VAL A 247 24.19 -21.63 -28.32
C VAL A 247 25.65 -22.02 -28.47
N GLU A 248 26.39 -22.04 -27.36
CA GLU A 248 27.79 -22.44 -27.33
C GLU A 248 27.90 -23.67 -26.45
N ASP A 249 28.03 -24.85 -27.07
CA ASP A 249 28.18 -26.12 -26.36
C ASP A 249 27.01 -26.35 -25.39
N GLY A 250 25.79 -26.29 -25.93
CA GLY A 250 24.60 -26.51 -25.14
C GLY A 250 24.25 -25.42 -24.17
N VAL A 251 25.00 -24.32 -24.15
CA VAL A 251 24.75 -23.19 -23.25
C VAL A 251 24.39 -21.97 -24.09
N LEU A 252 23.30 -21.31 -23.72
CA LEU A 252 22.88 -20.09 -24.41
C LEU A 252 23.92 -18.99 -24.23
N ALA A 253 24.34 -18.39 -25.34
CA ALA A 253 25.31 -17.31 -25.29
C ALA A 253 24.75 -16.14 -24.50
N PRO A 254 25.57 -15.44 -23.70
CA PRO A 254 25.06 -14.34 -22.89
C PRO A 254 24.68 -13.14 -23.75
N GLY A 255 23.90 -12.25 -23.15
CA GLY A 255 23.48 -11.03 -23.79
C GLY A 255 22.30 -11.24 -24.72
N ILE A 256 21.62 -10.13 -25.02
CA ILE A 256 20.51 -10.10 -25.97
C ILE A 256 21.08 -9.77 -27.35
N PRO A 257 20.68 -10.48 -28.40
CA PRO A 257 21.25 -10.21 -29.73
C PRO A 257 20.90 -8.81 -30.21
N SER A 258 21.78 -8.28 -31.07
CA SER A 258 21.57 -6.97 -31.65
C SER A 258 20.40 -6.98 -32.63
N PRO A 259 19.64 -5.88 -32.71
CA PRO A 259 18.58 -5.81 -33.72
C PRO A 259 19.10 -5.80 -35.15
N LYS A 260 20.40 -5.54 -35.34
CA LYS A 260 21.00 -5.71 -36.66
C LYS A 260 21.03 -7.17 -37.10
N ASN A 261 20.98 -8.11 -36.15
CA ASN A 261 21.05 -9.53 -36.45
C ASN A 261 19.80 -10.28 -35.97
N SER A 262 18.69 -9.58 -35.81
CA SER A 262 17.45 -10.22 -35.36
C SER A 262 16.25 -9.56 -36.00
N PRO A 263 15.53 -10.26 -36.88
CA PRO A 263 14.32 -9.67 -37.49
C PRO A 263 13.25 -9.32 -36.47
N LEU A 264 13.08 -10.13 -35.43
CA LEU A 264 12.05 -9.87 -34.44
C LEU A 264 12.34 -8.58 -33.66
N LEU A 265 13.57 -8.45 -33.13
CA LEU A 265 13.93 -7.26 -32.38
C LEU A 265 13.94 -6.02 -33.25
N ARG A 266 14.25 -6.18 -34.53
CA ARG A 266 14.22 -5.06 -35.47
C ARG A 266 12.80 -4.54 -35.65
N ARG A 267 11.81 -5.43 -35.63
CA ARG A 267 10.42 -5.02 -35.80
C ARG A 267 9.81 -4.47 -34.52
N HIS A 268 10.23 -4.96 -33.35
CA HIS A 268 9.67 -4.56 -32.06
C HIS A 268 10.83 -4.13 -31.16
N LEU A 269 11.26 -2.87 -31.31
CA LEU A 269 12.41 -2.40 -30.56
C LEU A 269 12.11 -2.22 -29.08
N SER A 270 10.87 -1.92 -28.71
CA SER A 270 10.54 -1.83 -27.29
C SER A 270 10.64 -3.20 -26.62
N PHE A 271 10.30 -4.26 -27.36
CA PHE A 271 10.55 -5.61 -26.88
C PHE A 271 12.04 -5.85 -26.67
N TYR A 272 12.87 -5.31 -27.57
CA TYR A 272 14.31 -5.36 -27.38
C TYR A 272 14.73 -4.60 -26.13
N ARG A 273 14.19 -3.39 -25.94
CA ARG A 273 14.54 -2.58 -24.77
C ARG A 273 14.14 -3.29 -23.49
N LEU A 274 12.97 -3.90 -23.47
CA LEU A 274 12.51 -4.61 -22.28
C LEU A 274 13.44 -5.77 -21.93
N LEU A 275 13.85 -6.53 -22.94
CA LEU A 275 14.76 -7.65 -22.70
C LEU A 275 16.09 -7.18 -22.17
N GLN A 276 16.55 -6.01 -22.64
CA GLN A 276 17.80 -5.45 -22.13
C GLN A 276 17.69 -5.13 -20.65
N ARG A 277 16.61 -4.45 -20.24
CA ARG A 277 16.48 -4.04 -18.84
C ARG A 277 16.30 -5.24 -17.92
N ALA A 278 15.55 -6.25 -18.37
CA ALA A 278 15.34 -7.43 -17.55
C ALA A 278 16.62 -8.23 -17.36
N THR A 279 17.49 -8.24 -18.36
CA THR A 279 18.73 -9.01 -18.32
C THR A 279 19.96 -8.12 -18.20
N ALA A 280 19.82 -6.95 -17.57
CA ALA A 280 20.94 -6.04 -17.40
C ALA A 280 22.03 -6.67 -16.53
N ASP A 281 23.29 -6.39 -16.89
CA ASP A 281 24.40 -6.97 -16.15
C ASP A 281 24.41 -6.50 -14.70
N ASP A 282 24.18 -5.20 -14.48
CA ASP A 282 24.10 -4.67 -13.13
C ASP A 282 22.70 -4.89 -12.58
N PRO A 283 22.54 -5.59 -11.45
CA PRO A 283 21.18 -5.77 -10.89
C PRO A 283 20.50 -4.46 -10.57
N GLN A 284 21.27 -3.41 -10.29
CA GLN A 284 20.70 -2.09 -10.04
C GLN A 284 19.91 -1.58 -11.25
N HIS A 285 20.32 -1.96 -12.46
CA HIS A 285 19.70 -1.49 -13.69
C HIS A 285 18.61 -2.43 -14.20
N ARG A 286 18.07 -3.29 -13.35
CA ARG A 286 17.02 -4.21 -13.73
C ARG A 286 15.69 -3.78 -13.14
N PHE A 287 14.61 -4.39 -13.62
CA PHE A 287 13.30 -4.19 -13.00
C PHE A 287 13.38 -4.59 -11.53
N ARG A 288 12.80 -3.75 -10.66
CA ARG A 288 12.96 -3.98 -9.23
C ARG A 288 12.12 -5.16 -8.74
N ASN A 289 10.98 -5.42 -9.38
CA ASN A 289 10.09 -6.49 -8.95
C ASN A 289 9.22 -6.90 -10.13
N VAL A 290 8.37 -7.90 -9.89
CA VAL A 290 7.55 -8.47 -10.97
C VAL A 290 6.51 -7.47 -11.47
N SER A 291 5.87 -6.74 -10.54
CA SER A 291 4.85 -5.78 -10.95
C SER A 291 5.46 -4.68 -11.81
N GLU A 292 6.70 -4.28 -11.52
CA GLU A 292 7.39 -3.30 -12.36
C GLU A 292 7.55 -3.85 -13.78
N LEU A 293 7.98 -5.10 -13.90
CA LEU A 293 8.10 -5.73 -15.21
C LEU A 293 6.74 -5.92 -15.87
N ARG A 294 5.72 -6.27 -15.08
CA ARG A 294 4.39 -6.50 -15.63
C ARG A 294 3.85 -5.26 -16.33
N THR A 295 4.05 -4.08 -15.71
CA THR A 295 3.52 -2.84 -16.28
C THR A 295 4.10 -2.57 -17.67
N GLN A 296 5.42 -2.74 -17.83
CA GLN A 296 6.03 -2.47 -19.13
C GLN A 296 5.67 -3.55 -20.15
N LEU A 297 5.46 -4.80 -19.71
CA LEU A 297 5.07 -5.84 -20.64
C LEU A 297 3.75 -5.51 -21.33
N TYR A 298 2.82 -4.88 -20.60
CA TYR A 298 1.55 -4.50 -21.20
C TYR A 298 1.76 -3.45 -22.29
N GLY A 299 2.57 -2.43 -22.01
CA GLY A 299 2.83 -1.40 -23.00
C GLY A 299 3.56 -1.94 -24.22
N VAL A 300 4.54 -2.82 -23.99
CA VAL A 300 5.26 -3.43 -25.10
C VAL A 300 4.34 -4.32 -25.92
N LEU A 301 3.44 -5.04 -25.26
CA LEU A 301 2.49 -5.89 -25.98
C LEU A 301 1.56 -5.05 -26.85
N ARG A 302 1.16 -3.87 -26.36
CA ARG A 302 0.34 -2.96 -27.16
C ARG A 302 1.07 -2.55 -28.42
N GLU A 303 2.36 -2.22 -28.31
CA GLU A 303 3.12 -1.77 -29.48
C GLU A 303 3.40 -2.93 -30.42
N ILE A 304 3.48 -4.16 -29.89
CA ILE A 304 3.65 -5.33 -30.75
C ILE A 304 2.41 -5.56 -31.61
N LEU A 305 1.23 -5.52 -30.97
CA LEU A 305 0.00 -5.80 -31.69
C LEU A 305 -0.35 -4.67 -32.67
N ALA A 306 0.05 -3.44 -32.36
CA ALA A 306 -0.19 -2.36 -33.31
C ALA A 306 0.72 -2.48 -34.53
N VAL A 307 1.99 -2.78 -34.31
CA VAL A 307 2.94 -2.87 -35.42
C VAL A 307 2.62 -4.06 -36.31
N ARG A 308 2.28 -5.20 -35.71
CA ARG A 308 2.15 -6.43 -36.48
C ARG A 308 0.76 -6.61 -37.08
N ASP A 309 -0.29 -6.36 -36.30
CA ASP A 309 -1.65 -6.63 -36.74
C ASP A 309 -2.47 -5.37 -37.00
N GLY A 310 -1.96 -4.19 -36.67
CA GLY A 310 -2.77 -3.00 -36.77
C GLY A 310 -3.85 -2.86 -35.72
N LYS A 311 -3.80 -3.68 -34.66
CA LYS A 311 -4.77 -3.60 -33.58
C LYS A 311 -4.38 -2.50 -32.61
N GLN A 312 -5.34 -1.66 -32.24
CA GLN A 312 -5.10 -0.53 -31.35
C GLN A 312 -5.95 -0.70 -30.09
N TYR A 313 -5.29 -0.68 -28.93
CA TYR A 313 -5.93 -0.74 -27.63
C TYR A 313 -5.65 0.53 -26.85
N PRO A 314 -6.57 0.96 -25.99
CA PRO A 314 -6.30 2.14 -25.16
C PRO A 314 -5.28 1.81 -24.09
N PRO A 315 -4.44 2.78 -23.71
CA PRO A 315 -3.48 2.53 -22.63
C PRO A 315 -4.20 2.42 -21.30
N GLN A 316 -3.95 1.32 -20.58
CA GLN A 316 -4.62 1.07 -19.31
C GLN A 316 -3.67 1.06 -18.11
N HIS A 317 -2.37 0.89 -18.33
CA HIS A 317 -1.42 0.72 -17.24
C HIS A 317 -0.28 1.74 -17.28
N SER A 318 -0.47 2.84 -18.02
CA SER A 318 0.60 3.82 -18.17
C SER A 318 0.96 4.47 -16.85
N LEU A 319 2.23 4.82 -16.72
CA LEU A 319 2.72 5.63 -15.60
C LEU A 319 2.61 7.12 -15.87
N PHE A 320 2.05 7.51 -17.01
CA PHE A 320 1.89 8.89 -17.41
C PHE A 320 0.41 9.22 -17.53
N SER A 321 0.10 10.52 -17.46
CA SER A 321 -1.21 11.01 -17.84
C SER A 321 -1.36 10.88 -19.35
N PRO A 322 -2.57 11.09 -19.90
CA PRO A 322 -2.69 11.17 -21.37
C PRO A 322 -2.02 12.42 -21.92
N GLN A 323 -2.08 12.59 -23.25
CA GLN A 323 -1.59 13.84 -23.84
C GLN A 323 -2.40 15.01 -23.32
N ARG A 324 -1.70 16.11 -22.99
CA ARG A 324 -2.36 17.30 -22.48
C ARG A 324 -2.66 18.34 -23.56
N SER A 325 -1.96 18.28 -24.69
CA SER A 325 -2.20 19.20 -25.79
C SER A 325 -1.60 18.58 -27.06
N THR A 326 -1.55 19.35 -28.12
CA THR A 326 -0.90 18.95 -29.37
C THR A 326 0.19 19.95 -29.71
N PHE A 327 1.13 19.52 -30.55
CA PHE A 327 2.16 20.41 -31.06
C PHE A 327 2.38 20.15 -32.54
N GLY A 328 2.77 21.22 -33.26
CA GLY A 328 3.15 21.11 -34.65
C GLY A 328 2.05 20.76 -35.63
N THR A 329 0.79 20.78 -35.21
CA THR A 329 -0.29 20.43 -36.12
C THR A 329 -0.59 21.53 -37.12
N LYS A 330 -0.40 22.79 -36.74
CA LYS A 330 -0.62 23.93 -37.60
C LYS A 330 0.67 24.48 -38.17
N HIS A 331 1.78 23.75 -38.01
CA HIS A 331 3.10 24.21 -38.43
C HIS A 331 3.14 24.52 -39.93
N LEU A 332 2.87 23.52 -40.77
CA LEU A 332 3.02 23.70 -42.21
C LEU A 332 1.94 24.62 -42.79
N VAL A 333 0.75 24.61 -42.21
CA VAL A 333 -0.36 25.37 -42.78
C VAL A 333 -0.23 26.86 -42.46
N PHE A 334 0.22 27.20 -41.24
CA PHE A 334 0.33 28.59 -40.84
C PHE A 334 1.36 29.37 -41.66
N ARG A 335 2.30 28.69 -42.31
CA ARG A 335 3.34 29.38 -43.06
C ARG A 335 2.82 30.05 -44.32
N THR A 336 1.62 29.68 -44.79
CA THR A 336 1.01 30.30 -45.96
C THR A 336 0.19 31.53 -45.62
N ASP A 337 0.08 31.88 -44.33
CA ASP A 337 -0.66 33.07 -43.93
C ASP A 337 0.05 34.34 -44.43
N ARG A 338 -0.74 35.34 -44.79
CA ARG A 338 -0.22 36.54 -45.44
C ARG A 338 0.51 37.48 -44.46
N ILE A 339 -0.26 38.17 -43.60
CA ILE A 339 0.24 39.23 -42.73
C ILE A 339 1.12 40.23 -43.50
N ARG A 345 11.38 35.71 -40.16
CA ARG A 345 9.93 35.58 -40.14
C ARG A 345 9.51 34.12 -40.39
N GLN A 346 10.24 33.19 -39.80
CA GLN A 346 10.03 31.76 -40.02
C GLN A 346 9.40 31.12 -38.80
N ALA A 347 8.25 30.48 -39.01
CA ALA A 347 7.58 29.76 -37.94
C ALA A 347 8.33 28.45 -37.65
N ARG A 348 8.41 28.10 -36.38
CA ARG A 348 9.14 26.92 -35.96
C ARG A 348 8.42 26.26 -34.79
N ILE A 349 8.68 24.96 -34.64
CA ILE A 349 8.20 24.23 -33.47
C ILE A 349 9.08 24.57 -32.29
N THR A 350 8.45 24.96 -31.18
CA THR A 350 9.17 25.44 -30.01
C THR A 350 9.12 24.39 -28.90
N ALA A 351 10.08 24.50 -27.98
CA ALA A 351 10.20 23.62 -26.82
C ALA A 351 9.03 23.77 -25.86
N PRO A 352 8.61 25.01 -25.51
CA PRO A 352 7.44 25.14 -24.62
C PRO A 352 6.17 24.55 -25.22
N GLU A 353 6.06 24.56 -26.55
CA GLU A 353 4.89 23.96 -27.19
C GLU A 353 4.92 22.44 -27.05
N ILE A 354 6.10 21.84 -27.16
CA ILE A 354 6.22 20.40 -26.99
C ILE A 354 5.96 20.00 -25.54
N VAL A 355 6.50 20.77 -24.58
CA VAL A 355 6.33 20.44 -23.18
C VAL A 355 4.87 20.56 -22.77
N SER A 356 4.17 21.58 -23.26
CA SER A 356 2.76 21.73 -22.91
C SER A 356 1.91 20.59 -23.43
N ALA A 357 2.36 19.88 -24.47
CA ALA A 357 1.61 18.76 -25.01
C ALA A 357 1.96 17.44 -24.32
N LEU A 358 3.23 17.26 -23.95
CA LEU A 358 3.69 16.00 -23.38
C LEU A 358 2.98 15.72 -22.06
N PRO A 359 2.81 14.45 -21.71
CA PRO A 359 2.13 14.10 -20.45
C PRO A 359 2.97 14.47 -19.25
N VAL A 360 2.37 14.29 -18.07
CA VAL A 360 3.07 14.41 -16.81
C VAL A 360 3.03 13.06 -16.11
N PRO A 361 4.02 12.74 -15.28
CA PRO A 361 3.97 11.48 -14.53
C PRO A 361 2.79 11.45 -13.58
N LEU A 362 2.16 10.29 -13.47
CA LEU A 362 1.10 10.11 -12.50
C LEU A 362 1.69 10.13 -11.10
N ILE A 363 0.95 10.73 -10.16
CA ILE A 363 1.42 10.84 -8.79
C ILE A 363 1.45 9.45 -8.15
N ASP A 364 2.55 9.12 -7.48
CA ASP A 364 2.67 7.85 -6.80
C ASP A 364 1.93 7.93 -5.47
N ARG A 365 0.96 7.03 -5.26
CA ARG A 365 0.12 7.10 -4.08
C ARG A 365 0.86 6.63 -2.82
N THR A 366 1.90 5.82 -2.96
CA THR A 366 2.67 5.37 -1.80
C THR A 366 3.55 6.46 -1.22
N ASP A 367 3.82 7.52 -1.98
CA ASP A 367 4.64 8.61 -1.46
C ASP A 367 3.91 9.30 -0.32
N PRO A 368 4.60 9.60 0.79
CA PRO A 368 3.91 10.27 1.91
C PRO A 368 3.37 11.64 1.56
N GLY A 369 4.05 12.39 0.69
CA GLY A 369 3.61 13.72 0.35
C GLY A 369 2.63 13.78 -0.81
N ALA A 370 2.04 12.63 -1.16
CA ALA A 370 1.10 12.61 -2.27
C ALA A 370 -0.11 13.49 -2.03
N ARG A 371 -0.56 13.59 -0.77
CA ARG A 371 -1.71 14.44 -0.48
C ARG A 371 -1.40 15.92 -0.63
N MET A 372 -0.12 16.30 -0.53
CA MET A 372 0.28 17.69 -0.72
C MET A 372 0.20 18.14 -2.17
N LEU A 373 0.18 17.21 -3.12
CA LEU A 373 0.23 17.54 -4.54
C LEU A 373 -1.12 17.43 -5.24
N SER A 374 -2.11 16.79 -4.62
CA SER A 374 -3.43 16.70 -5.22
C SER A 374 -4.07 18.08 -5.18
N GLY A 375 -4.09 18.75 -6.33
CA GLY A 375 -4.60 20.11 -6.41
C GLY A 375 -3.54 21.10 -6.82
N SER A 376 -2.36 20.59 -7.21
CA SER A 376 -1.27 21.46 -7.64
C SER A 376 -1.47 21.94 -9.08
N SER A 377 -2.17 21.16 -9.89
CA SER A 377 -2.42 21.59 -11.28
C SER A 377 -3.36 22.78 -11.33
N TYR A 378 -4.39 22.79 -10.48
CA TYR A 378 -5.40 23.84 -10.52
C TYR A 378 -5.01 25.10 -9.77
N ALA A 379 -4.04 25.01 -8.87
CA ALA A 379 -3.70 26.14 -8.00
C ALA A 379 -2.61 27.00 -8.62
N GLU A 380 -2.51 28.22 -8.09
CA GLU A 380 -1.51 29.17 -8.56
C GLU A 380 -0.10 28.64 -8.27
N PRO A 381 0.79 28.61 -9.26
CA PRO A 381 2.12 28.01 -9.04
C PRO A 381 2.93 28.69 -7.96
N SER A 382 2.79 30.01 -7.78
CA SER A 382 3.52 30.70 -6.73
C SER A 382 3.10 30.21 -5.35
N GLU A 383 1.80 29.94 -5.17
CA GLU A 383 1.32 29.41 -3.90
C GLU A 383 1.76 27.96 -3.72
N THR A 384 1.67 27.15 -4.77
CA THR A 384 2.08 25.75 -4.68
C THR A 384 3.54 25.63 -4.29
N LEU A 385 4.40 26.47 -4.88
CA LEU A 385 5.81 26.47 -4.51
C LEU A 385 5.99 26.72 -3.02
N GLU A 386 5.27 27.70 -2.47
CA GLU A 386 5.41 28.04 -1.06
C GLU A 386 4.89 26.90 -0.18
N THR A 387 3.72 26.35 -0.51
CA THR A 387 3.14 25.29 0.30
C THR A 387 4.02 24.04 0.28
N LEU A 388 4.61 23.72 -0.87
CA LEU A 388 5.48 22.56 -0.95
C LEU A 388 6.83 22.82 -0.26
N ARG A 389 7.23 24.08 -0.14
CA ARG A 389 8.50 24.38 0.53
C ARG A 389 8.36 24.24 2.03
N ASN A 390 7.28 24.76 2.61
CA ASN A 390 7.06 24.60 4.04
C ASN A 390 6.79 23.15 4.41
N SER A 391 6.40 22.31 3.45
CA SER A 391 6.26 20.88 3.72
C SER A 391 7.62 20.21 3.88
N MET A 392 8.63 20.66 3.13
CA MET A 392 9.96 20.08 3.24
C MET A 392 10.64 20.40 4.57
N GLU A 393 10.09 21.32 5.34
CA GLU A 393 10.53 21.63 6.69
C GLU A 393 10.04 20.60 7.71
N ASP A 394 9.40 19.54 7.25
CA ASP A 394 8.80 18.50 8.09
C ASP A 394 9.59 17.21 7.91
N GLU A 395 10.03 16.62 9.02
CA GLU A 395 10.85 15.43 8.96
C GLU A 395 10.13 14.24 8.33
N GLN A 396 8.79 14.18 8.44
CA GLN A 396 8.07 13.07 7.86
C GLN A 396 8.14 13.05 6.34
N TYR A 397 8.52 14.17 5.71
CA TYR A 397 8.59 14.27 4.27
C TYR A 397 10.02 14.37 3.78
N ARG A 398 10.99 13.97 4.61
CA ARG A 398 12.40 14.08 4.23
C ARG A 398 12.73 13.17 3.07
N GLN A 399 12.10 12.00 2.99
CA GLN A 399 12.35 11.01 1.95
C GLN A 399 11.37 11.11 0.79
N SER A 400 10.47 12.08 0.80
CA SER A 400 9.49 12.20 -0.27
C SER A 400 10.16 12.48 -1.61
N ILE A 401 9.55 11.96 -2.67
CA ILE A 401 9.97 12.27 -4.03
C ILE A 401 8.93 13.12 -4.76
N GLU A 402 7.64 12.97 -4.46
CA GLU A 402 6.62 13.78 -5.09
C GLU A 402 6.75 15.25 -4.71
N ILE A 403 7.01 15.54 -3.43
CA ILE A 403 7.12 16.94 -3.00
C ILE A 403 8.30 17.64 -3.67
N PRO A 404 9.53 17.10 -3.64
CA PRO A 404 10.63 17.83 -4.32
C PRO A 404 10.42 18.02 -5.81
N LEU A 405 9.89 17.01 -6.49
CA LEU A 405 9.60 17.17 -7.92
C LEU A 405 8.38 18.04 -8.15
N GLY A 406 7.47 18.13 -7.18
CA GLY A 406 6.42 19.13 -7.27
C GLY A 406 6.96 20.54 -7.22
N VAL A 407 8.07 20.74 -6.49
CA VAL A 407 8.74 22.04 -6.49
C VAL A 407 9.32 22.32 -7.86
N VAL A 408 9.93 21.32 -8.50
CA VAL A 408 10.50 21.50 -9.83
C VAL A 408 9.42 21.95 -10.81
N ARG A 409 8.26 21.28 -10.80
CA ARG A 409 7.19 21.66 -11.71
C ARG A 409 6.71 23.08 -11.46
N ALA A 410 6.58 23.47 -10.19
CA ALA A 410 6.17 24.83 -9.87
C ALA A 410 7.18 25.84 -10.41
N LEU A 411 8.47 25.54 -10.28
CA LEU A 411 9.49 26.44 -10.83
C LEU A 411 9.39 26.50 -12.35
N LEU A 412 9.12 25.37 -13.00
CA LEU A 412 8.96 25.38 -14.45
C LEU A 412 7.66 26.07 -14.86
N ASP A 413 6.61 25.96 -14.03
CA ASP A 413 5.35 26.63 -14.33
C ASP A 413 5.47 28.14 -14.14
N LEU A 414 6.39 28.58 -13.28
CA LEU A 414 6.66 30.00 -13.08
C LEU A 414 7.67 30.55 -14.07
N GLY A 415 8.21 29.71 -14.95
CA GLY A 415 9.23 30.14 -15.88
C GLY A 415 10.62 30.24 -15.30
N PHE A 416 10.82 29.84 -14.04
CA PHE A 416 12.14 29.90 -13.41
C PHE A 416 12.92 28.63 -13.78
N THR A 417 13.23 28.53 -15.07
CA THR A 417 13.83 27.31 -15.61
C THR A 417 15.22 27.08 -15.05
N THR A 418 16.01 28.14 -14.88
CA THR A 418 17.37 27.97 -14.38
C THR A 418 17.37 27.53 -12.92
N GLU A 419 16.46 28.07 -12.11
CA GLU A 419 16.36 27.58 -10.73
C GLU A 419 15.87 26.14 -10.70
N ALA A 420 15.03 25.74 -11.66
CA ALA A 420 14.58 24.37 -11.72
C ALA A 420 15.72 23.41 -12.02
N ARG A 421 16.65 23.82 -12.89
CA ARG A 421 17.81 22.99 -13.18
C ARG A 421 18.72 22.87 -11.96
N GLN A 422 18.93 23.97 -11.24
CA GLN A 422 19.78 23.93 -10.05
C GLN A 422 19.15 23.09 -8.95
N TRP A 423 17.83 23.16 -8.79
CA TRP A 423 17.17 22.34 -7.77
C TRP A 423 17.21 20.86 -8.13
N LEU A 424 17.13 20.54 -9.43
CA LEU A 424 17.29 19.15 -9.85
C LEU A 424 18.71 18.66 -9.58
N GLU A 425 19.71 19.53 -9.72
CA GLU A 425 21.08 19.15 -9.43
C GLU A 425 21.25 18.87 -7.95
N THR A 426 20.57 19.62 -7.09
CA THR A 426 20.64 19.40 -5.65
C THR A 426 20.06 18.04 -5.27
N LEU A 427 19.04 17.58 -5.99
CA LEU A 427 18.39 16.31 -5.70
C LEU A 427 19.08 15.13 -6.37
N GLU A 428 20.12 15.37 -7.17
CA GLU A 428 20.75 14.29 -7.93
C GLU A 428 21.31 13.20 -7.03
N GLY A 429 21.94 13.59 -5.92
CA GLY A 429 22.57 12.60 -5.06
C GLY A 429 21.59 11.61 -4.48
N ARG A 430 20.42 12.08 -4.05
CA ARG A 430 19.46 11.22 -3.37
C ARG A 430 18.52 10.49 -4.33
N ILE A 431 17.92 11.21 -5.28
CA ILE A 431 16.85 10.66 -6.09
C ILE A 431 17.19 10.69 -7.59
N GLY A 432 18.48 10.83 -7.92
CA GLY A 432 18.86 10.91 -9.32
C GLY A 432 18.54 9.65 -10.11
N ASP A 433 18.48 8.50 -9.43
CA ASP A 433 18.19 7.25 -10.13
C ASP A 433 16.73 7.16 -10.56
N ASP A 434 15.82 7.83 -9.84
CA ASP A 434 14.40 7.73 -10.12
C ASP A 434 14.08 8.28 -11.51
N TRP A 435 13.30 7.53 -12.28
CA TRP A 435 13.02 7.93 -13.66
C TRP A 435 12.27 9.26 -13.71
N ARG A 436 11.51 9.58 -12.67
CA ARG A 436 10.80 10.86 -12.63
C ARG A 436 11.76 12.03 -12.50
N HIS A 437 12.90 11.82 -11.84
CA HIS A 437 13.95 12.83 -11.82
C HIS A 437 14.57 12.99 -13.19
N LYS A 438 14.83 11.87 -13.88
CA LYS A 438 15.36 11.92 -15.23
C LYS A 438 14.37 12.58 -16.19
N TRP A 439 13.07 12.28 -16.02
CA TRP A 439 12.06 12.85 -16.91
C TRP A 439 12.04 14.38 -16.80
N PHE A 440 12.01 14.90 -15.58
CA PHE A 440 11.94 16.35 -15.42
C PHE A 440 13.28 17.01 -15.75
N SER A 441 14.39 16.27 -15.62
CA SER A 441 15.66 16.78 -16.12
C SER A 441 15.61 16.95 -17.64
N GLY A 442 14.99 16.00 -18.34
CA GLY A 442 14.82 16.16 -19.78
C GLY A 442 13.91 17.31 -20.14
N ILE A 443 12.81 17.47 -19.38
CA ILE A 443 11.90 18.59 -19.60
C ILE A 443 12.63 19.91 -19.41
N THR A 444 13.39 20.03 -18.33
CA THR A 444 14.04 21.29 -18.00
C THR A 444 15.09 21.67 -19.04
N TYR A 445 15.94 20.72 -19.43
CA TYR A 445 16.97 21.03 -20.42
C TYR A 445 16.35 21.30 -21.79
N LEU A 446 15.22 20.65 -22.10
CA LEU A 446 14.51 20.96 -23.33
C LEU A 446 14.02 22.41 -23.35
N LEU A 447 13.55 22.89 -22.19
CA LEU A 447 13.11 24.29 -22.11
C LEU A 447 14.28 25.26 -22.16
N LEU A 448 15.47 24.81 -21.76
CA LEU A 448 16.69 25.59 -21.89
C LEU A 448 17.31 25.50 -23.28
N ASP A 449 16.65 24.81 -24.22
CA ASP A 449 17.12 24.62 -25.59
C ASP A 449 18.45 23.87 -25.67
N ASP A 450 18.78 23.09 -24.63
CA ASP A 450 19.93 22.19 -24.68
C ASP A 450 19.41 20.82 -25.12
N TYR A 451 19.24 20.67 -26.45
CA TYR A 451 18.58 19.49 -26.99
C TYR A 451 19.42 18.23 -26.82
N ALA A 452 20.75 18.37 -26.82
CA ALA A 452 21.60 17.20 -26.67
C ALA A 452 21.50 16.60 -25.27
N THR A 453 21.43 17.46 -24.25
CA THR A 453 21.29 16.96 -22.89
C THR A 453 19.90 16.37 -22.66
N ALA A 454 18.86 17.03 -23.18
CA ALA A 454 17.51 16.50 -23.05
C ALA A 454 17.39 15.12 -23.69
N GLN A 455 18.05 14.92 -24.83
CA GLN A 455 18.03 13.62 -25.47
C GLN A 455 18.60 12.53 -24.57
N VAL A 456 19.64 12.88 -23.80
CA VAL A 456 20.25 11.91 -22.90
C VAL A 456 19.27 11.51 -21.80
N PHE A 457 18.59 12.49 -21.21
CA PHE A 457 17.69 12.19 -20.10
C PHE A 457 16.45 11.44 -20.58
N PHE A 458 15.91 11.81 -21.73
CA PHE A 458 14.72 11.11 -22.22
C PHE A 458 15.04 9.69 -22.65
N ASN A 459 16.27 9.44 -23.14
CA ASN A 459 16.68 8.08 -23.44
C ASN A 459 16.81 7.26 -22.17
N HIS A 460 17.31 7.88 -21.09
CA HIS A 460 17.34 7.19 -19.80
C HIS A 460 15.95 6.78 -19.36
N VAL A 461 14.95 7.64 -19.58
CA VAL A 461 13.59 7.32 -19.19
C VAL A 461 13.05 6.17 -20.04
N LEU A 462 13.31 6.21 -21.36
CA LEU A 462 12.84 5.15 -22.23
C LEU A 462 13.49 3.82 -21.87
N THR A 463 14.77 3.86 -21.48
CA THR A 463 15.45 2.65 -21.03
C THR A 463 14.75 2.02 -19.84
N ILE A 464 14.31 2.86 -18.89
CA ILE A 464 13.67 2.35 -17.68
C ILE A 464 12.23 1.96 -17.93
N LEU A 465 11.54 2.67 -18.83
CA LEU A 465 10.12 2.43 -19.11
C LEU A 465 9.94 2.15 -20.61
N PRO A 466 10.41 1.01 -21.10
CA PRO A 466 10.40 0.77 -22.55
C PRO A 466 9.00 0.64 -23.15
N GLY A 467 7.97 0.41 -22.35
CA GLY A 467 6.63 0.29 -22.87
C GLY A 467 5.79 1.55 -22.88
N GLU A 468 6.35 2.69 -22.48
CA GLU A 468 5.60 3.93 -22.35
C GLU A 468 5.75 4.78 -23.61
N ALA A 469 4.63 5.37 -24.03
CA ALA A 469 4.62 6.20 -25.23
C ALA A 469 5.22 7.58 -25.01
N ALA A 470 5.09 8.13 -23.80
CA ALA A 470 5.53 9.50 -23.55
C ALA A 470 7.02 9.71 -23.80
N PRO A 471 7.94 8.87 -23.31
CA PRO A 471 9.37 9.11 -23.62
C PRO A 471 9.69 8.97 -25.10
N LYS A 472 8.96 8.12 -25.83
CA LYS A 472 9.23 8.00 -27.26
C LYS A 472 8.83 9.26 -28.01
N LEU A 473 7.67 9.84 -27.67
CA LEU A 473 7.26 11.07 -28.33
C LEU A 473 8.17 12.24 -27.94
N ALA A 474 8.60 12.28 -26.68
CA ALA A 474 9.56 13.29 -26.24
C ALA A 474 10.86 13.17 -27.01
N LEU A 475 11.39 11.94 -27.13
CA LEU A 475 12.60 11.72 -27.91
C LEU A 475 12.40 12.10 -29.37
N ALA A 476 11.25 11.76 -29.94
CA ALA A 476 10.99 12.10 -31.34
C ALA A 476 10.95 13.61 -31.53
N ALA A 477 10.40 14.35 -30.57
CA ALA A 477 10.32 15.79 -30.70
C ALA A 477 11.69 16.45 -30.49
N VAL A 478 12.48 15.93 -29.55
CA VAL A 478 13.81 16.47 -29.34
C VAL A 478 14.69 16.23 -30.56
N ASP A 479 14.59 15.04 -31.16
CA ASP A 479 15.36 14.75 -32.37
C ASP A 479 14.94 15.65 -33.51
N GLU A 480 13.64 15.97 -33.60
CA GLU A 480 13.19 16.90 -34.62
C GLU A 480 13.71 18.32 -34.36
N LEU A 481 13.81 18.71 -33.09
CA LEU A 481 14.36 20.02 -32.76
C LEU A 481 15.85 20.09 -33.05
N ILE A 482 16.57 18.98 -32.89
CA ILE A 482 17.98 18.94 -33.27
C ILE A 482 18.13 19.16 -34.77
N LEU A 483 17.30 18.48 -35.56
CA LEU A 483 17.36 18.65 -37.01
C LEU A 483 16.91 20.04 -37.42
N GLN A 484 15.95 20.62 -36.70
CA GLN A 484 15.52 21.99 -36.98
C GLN A 484 16.61 23.00 -36.63
N GLN A 485 17.37 22.73 -35.58
CA GLN A 485 18.45 23.63 -35.19
C GLN A 485 19.51 23.75 -36.28
N ILE A 486 19.77 22.64 -37.00
CA ILE A 486 20.76 22.64 -38.06
C ILE A 486 20.13 22.89 -39.44
N GLY A 487 18.82 23.14 -39.50
CA GLY A 487 18.16 23.40 -40.76
C GLY A 487 18.10 22.20 -41.69
N ALA A 488 17.70 21.05 -41.17
CA ALA A 488 17.65 19.82 -41.94
C ALA A 488 16.24 19.37 -42.27
N GLU A 489 15.24 20.26 -42.10
CA GLU A 489 13.86 19.89 -42.43
C GLU A 489 13.63 19.76 -43.93
N SER A 490 14.64 19.98 -44.76
CA SER A 490 14.54 19.78 -46.19
C SER A 490 15.64 18.86 -46.73
N THR A 491 16.57 18.41 -45.88
CA THR A 491 17.67 17.55 -46.29
C THR A 491 17.32 16.11 -45.99
N ALA A 492 17.59 15.23 -46.97
CA ALA A 492 17.41 13.79 -46.80
C ALA A 492 18.74 13.15 -46.45
N TYR A 493 18.71 12.20 -45.53
CA TYR A 493 19.90 11.47 -45.11
C TYR A 493 19.82 9.98 -45.31
N LEU A 494 18.63 9.43 -45.56
CA LEU A 494 18.41 8.00 -45.65
C LEU A 494 18.02 7.62 -47.08
N THR A 495 18.28 6.36 -47.41
CA THR A 495 17.89 5.85 -48.72
C THR A 495 16.37 5.63 -48.76
N PRO A 496 15.76 5.72 -49.94
CA PRO A 496 14.31 5.51 -50.02
C PRO A 496 13.85 4.15 -49.53
N ASP A 497 14.72 3.14 -49.59
CA ASP A 497 14.33 1.81 -49.12
C ASP A 497 14.20 1.76 -47.61
N ILE A 498 15.13 2.40 -46.90
CA ILE A 498 15.09 2.42 -45.44
C ILE A 498 13.90 3.25 -44.95
N VAL A 499 13.69 4.42 -45.54
CA VAL A 499 12.59 5.28 -45.14
C VAL A 499 11.26 4.58 -45.34
N SER A 500 11.08 3.95 -46.51
CA SER A 500 9.83 3.24 -46.79
C SER A 500 9.57 2.13 -45.78
N ALA A 501 10.62 1.38 -45.43
CA ALA A 501 10.45 0.29 -44.46
C ALA A 501 10.26 0.83 -43.05
N THR A 502 11.00 1.88 -42.67
CA THR A 502 10.88 2.42 -41.32
C THR A 502 9.53 3.07 -41.10
N ALA A 503 9.02 3.78 -42.11
CA ALA A 503 7.77 4.53 -41.95
C ALA A 503 6.57 3.61 -41.74
N THR A 504 6.61 2.41 -42.30
CA THR A 504 5.48 1.48 -42.20
C THR A 504 5.64 0.45 -41.11
N LEU A 505 6.86 0.23 -40.61
CA LEU A 505 7.13 -0.77 -39.56
C LEU A 505 6.62 -2.14 -40.00
N SER A 506 6.88 -2.50 -41.25
CA SER A 506 6.39 -3.73 -41.85
C SER A 506 7.51 -4.75 -41.98
N LYS A 507 7.21 -5.84 -42.71
CA LYS A 507 8.22 -6.86 -42.98
C LYS A 507 9.38 -6.32 -43.79
N ASP A 508 9.19 -5.23 -44.55
CA ASP A 508 10.30 -4.63 -45.28
C ASP A 508 11.41 -4.18 -44.35
N PHE A 509 11.05 -3.73 -43.14
CA PHE A 509 12.06 -3.38 -42.15
C PHE A 509 12.87 -4.60 -41.71
N GLU A 510 12.31 -5.80 -41.88
CA GLU A 510 13.06 -7.01 -41.58
C GLU A 510 13.92 -7.47 -42.74
N ASP A 511 13.49 -7.20 -43.98
CA ASP A 511 14.23 -7.64 -45.15
C ASP A 511 15.55 -6.90 -45.33
N LEU A 512 15.70 -5.72 -44.74
CA LEU A 512 16.93 -4.96 -44.91
C LEU A 512 18.10 -5.67 -44.24
N ASP A 513 19.27 -5.59 -44.87
CA ASP A 513 20.48 -6.19 -44.33
C ASP A 513 21.08 -5.30 -43.25
N ALA A 514 21.93 -5.91 -42.42
CA ALA A 514 22.57 -5.19 -41.33
C ALA A 514 23.48 -4.07 -41.82
N SER A 515 23.90 -4.09 -43.08
CA SER A 515 24.72 -3.01 -43.61
C SER A 515 23.93 -1.72 -43.79
N ALA A 516 22.60 -1.78 -43.79
CA ALA A 516 21.80 -0.57 -43.87
C ALA A 516 21.85 0.24 -42.58
N PHE A 517 22.21 -0.38 -41.46
CA PHE A 517 22.22 0.28 -40.16
C PHE A 517 23.64 0.55 -39.65
N GLU A 518 24.58 0.79 -40.57
CA GLU A 518 25.98 0.95 -40.17
C GLU A 518 26.16 2.12 -39.22
N SER A 519 25.41 3.21 -39.42
CA SER A 519 25.59 4.39 -38.58
C SER A 519 25.05 4.18 -37.16
N LEU A 520 24.17 3.21 -36.96
CA LEU A 520 23.63 2.95 -35.63
C LEU A 520 24.59 2.08 -34.83
N SER A 521 24.58 2.28 -33.51
CA SER A 521 25.35 1.40 -32.64
C SER A 521 24.72 0.01 -32.62
N ASP A 522 25.44 -0.94 -32.02
CA ASP A 522 24.95 -2.32 -31.97
C ASP A 522 23.62 -2.42 -31.25
N THR A 523 23.36 -1.53 -30.29
CA THR A 523 22.10 -1.53 -29.55
C THR A 523 21.14 -0.45 -30.05
N TRP A 524 21.43 0.15 -31.21
CA TRP A 524 20.60 1.23 -31.77
C TRP A 524 20.35 2.33 -30.75
N SER A 525 21.45 2.81 -30.15
CA SER A 525 21.36 3.84 -29.13
C SER A 525 20.74 5.12 -29.68
N HIS A 526 19.93 5.77 -28.84
CA HIS A 526 19.31 7.03 -29.23
C HIS A 526 20.23 8.23 -29.06
N ILE A 527 21.31 8.09 -28.29
CA ILE A 527 22.20 9.21 -28.01
C ILE A 527 23.14 9.37 -29.21
N SER A 528 22.98 10.48 -29.93
CA SER A 528 23.80 10.74 -31.12
C SER A 528 23.60 12.18 -31.55
N SER A 529 24.66 12.75 -32.15
CA SER A 529 24.58 14.02 -32.84
C SER A 529 24.71 13.86 -34.35
N ASP A 530 24.90 12.64 -34.83
CA ASP A 530 24.93 12.38 -36.26
C ASP A 530 23.54 12.60 -36.84
N PRO A 531 23.37 13.50 -37.81
CA PRO A 531 22.02 13.74 -38.35
C PRO A 531 21.39 12.51 -38.99
N HIS A 532 22.21 11.57 -39.49
CA HIS A 532 21.65 10.35 -40.05
C HIS A 532 20.93 9.54 -38.99
N VAL A 533 21.52 9.42 -37.81
CA VAL A 533 20.92 8.66 -36.73
C VAL A 533 19.74 9.41 -36.13
N VAL A 534 19.89 10.73 -35.96
CA VAL A 534 18.82 11.54 -35.39
C VAL A 534 17.57 11.49 -36.27
N ARG A 535 17.76 11.53 -37.59
CA ARG A 535 16.62 11.46 -38.51
C ARG A 535 15.99 10.08 -38.50
N PHE A 536 16.81 9.02 -38.42
CA PHE A 536 16.26 7.67 -38.37
C PHE A 536 15.41 7.46 -37.13
N HIS A 537 15.88 7.93 -35.97
CA HIS A 537 15.13 7.71 -34.73
C HIS A 537 13.87 8.55 -34.69
N SER A 538 13.95 9.82 -35.08
CA SER A 538 12.75 10.66 -35.11
C SER A 538 11.69 10.08 -36.03
N LEU A 539 12.10 9.62 -37.21
CA LEU A 539 11.14 9.02 -38.15
C LEU A 539 10.52 7.75 -37.58
N ARG A 540 11.34 6.89 -36.98
CA ARG A 540 10.82 5.62 -36.49
C ARG A 540 9.93 5.84 -35.25
N LEU A 541 10.37 6.68 -34.33
CA LEU A 541 9.62 6.86 -33.08
C LEU A 541 8.25 7.50 -33.35
N TYR A 542 8.21 8.50 -34.23
CA TYR A 542 6.92 9.07 -34.63
C TYR A 542 6.03 7.99 -35.25
N ALA A 543 6.61 7.15 -36.11
CA ALA A 543 5.81 6.10 -36.75
C ALA A 543 5.26 5.12 -35.74
N LEU A 544 6.06 4.74 -34.73
CA LEU A 544 5.59 3.79 -33.73
C LEU A 544 4.47 4.40 -32.88
N VAL A 545 4.66 5.65 -32.43
CA VAL A 545 3.65 6.28 -31.58
C VAL A 545 2.34 6.44 -32.35
N TRP A 546 2.43 6.83 -33.63
CA TRP A 546 1.23 7.01 -34.44
C TRP A 546 0.51 5.70 -34.70
N ALA A 547 1.26 4.63 -34.98
CA ALA A 547 0.63 3.34 -35.22
C ALA A 547 0.02 2.76 -33.95
N THR A 548 0.54 3.16 -32.78
CA THR A 548 0.08 2.61 -31.51
C THR A 548 -1.03 3.42 -30.88
N ASN A 549 -1.00 4.75 -31.03
CA ASN A 549 -1.98 5.64 -30.42
C ASN A 549 -2.57 6.54 -31.50
N PRO A 550 -3.78 6.26 -31.99
CA PRO A 550 -4.37 7.13 -33.02
C PRO A 550 -4.81 8.49 -32.49
N THR A 551 -4.93 8.65 -31.17
CA THR A 551 -5.30 9.95 -30.60
C THR A 551 -4.12 10.91 -30.50
N THR A 552 -2.89 10.39 -30.49
CA THR A 552 -1.69 11.23 -30.39
C THR A 552 -1.36 11.79 -31.77
N VAL A 553 -2.18 12.77 -32.17
CA VAL A 553 -2.07 13.33 -33.52
C VAL A 553 -0.76 14.08 -33.73
N SER A 554 -0.10 14.52 -32.66
CA SER A 554 1.18 15.21 -32.82
C SER A 554 2.22 14.31 -33.49
N SER A 555 2.10 12.99 -33.31
CA SER A 555 3.02 12.07 -33.97
C SER A 555 2.69 11.88 -35.45
N ALA A 556 1.41 12.00 -35.82
CA ALA A 556 1.05 11.89 -37.23
C ALA A 556 1.65 13.02 -38.04
N PHE A 557 1.54 14.25 -37.55
CA PHE A 557 2.15 15.38 -38.25
C PHE A 557 3.68 15.31 -38.15
N GLY A 558 4.21 14.84 -37.03
CA GLY A 558 5.65 14.66 -36.92
C GLY A 558 6.17 13.61 -37.90
N LEU A 559 5.39 12.54 -38.10
CA LEU A 559 5.80 11.51 -39.07
C LEU A 559 5.83 12.08 -40.47
N ALA A 560 4.78 12.83 -40.85
CA ALA A 560 4.74 13.45 -42.17
C ALA A 560 5.87 14.44 -42.37
N ARG A 561 6.28 15.12 -41.31
CA ARG A 561 7.39 16.07 -41.43
C ARG A 561 8.71 15.37 -41.71
N GLN A 562 8.98 14.27 -41.00
CA GLN A 562 10.21 13.52 -41.25
C GLN A 562 10.18 12.86 -42.62
N LEU A 563 9.02 12.37 -43.04
CA LEU A 563 8.89 11.80 -44.38
C LEU A 563 9.08 12.86 -45.45
N MET A 564 8.58 14.07 -45.21
CA MET A 564 8.74 15.16 -46.16
C MET A 564 10.21 15.48 -46.38
N ALA A 565 11.00 15.54 -45.31
CA ALA A 565 12.43 15.80 -45.43
C ALA A 565 13.14 14.73 -46.25
N GLU A 566 12.64 13.49 -46.23
CA GLU A 566 13.21 12.39 -46.99
C GLU A 566 12.62 12.27 -48.39
N ASN A 567 11.91 13.30 -48.86
CA ASN A 567 11.32 13.33 -50.19
C ASN A 567 10.34 12.18 -50.42
N GLN A 568 9.66 11.75 -49.36
CA GLN A 568 8.69 10.67 -49.44
C GLN A 568 7.29 11.23 -49.24
N ILE A 569 6.88 12.07 -50.19
CA ILE A 569 5.59 12.76 -50.07
C ILE A 569 4.45 11.76 -50.08
N GLU A 570 4.55 10.70 -50.88
CA GLU A 570 3.47 9.73 -50.97
C GLU A 570 3.21 9.07 -49.61
N LEU A 571 4.28 8.69 -48.91
CA LEU A 571 4.10 8.08 -47.59
C LEU A 571 3.65 9.11 -46.56
N ALA A 572 4.15 10.34 -46.67
CA ALA A 572 3.69 11.39 -45.77
C ALA A 572 2.19 11.64 -45.92
N VAL A 573 1.71 11.68 -47.16
CA VAL A 573 0.27 11.86 -47.39
C VAL A 573 -0.51 10.69 -46.82
N GLN A 574 0.00 9.47 -47.00
CA GLN A 574 -0.70 8.29 -46.50
C GLN A 574 -0.77 8.31 -44.98
N ALA A 575 0.28 8.80 -44.32
CA ALA A 575 0.31 8.83 -42.85
C ALA A 575 -0.81 9.71 -42.30
N LEU A 576 -0.95 10.94 -42.84
CA LEU A 576 -1.97 11.86 -42.34
C LEU A 576 -3.37 11.53 -42.83
N ASP A 577 -3.51 10.76 -43.91
CA ASP A 577 -4.83 10.35 -44.36
C ASP A 577 -5.49 9.36 -43.41
N LYS A 578 -4.72 8.78 -42.47
CA LYS A 578 -5.27 7.86 -41.49
C LYS A 578 -5.91 8.56 -40.31
N LEU A 579 -5.73 9.87 -40.17
CA LEU A 579 -6.40 10.61 -39.13
C LEU A 579 -7.89 10.64 -39.43
N PRO A 580 -8.75 10.15 -38.55
CA PRO A 580 -10.17 9.96 -38.90
C PRO A 580 -10.93 11.26 -39.05
N GLN A 581 -12.04 11.18 -39.79
CA GLN A 581 -12.91 12.34 -39.98
C GLN A 581 -13.56 12.79 -38.68
N SER A 582 -13.62 11.92 -37.68
CA SER A 582 -14.20 12.27 -36.39
C SER A 582 -13.31 13.17 -35.55
N SER A 583 -12.05 13.35 -35.94
CA SER A 583 -11.12 14.15 -35.16
C SER A 583 -11.31 15.64 -35.45
N THR A 584 -11.12 16.45 -34.42
CA THR A 584 -11.16 17.89 -34.59
C THR A 584 -9.96 18.42 -35.38
N HIS A 585 -8.93 17.60 -35.56
CA HIS A 585 -7.77 17.97 -36.35
C HIS A 585 -7.90 17.52 -37.81
N TYR A 586 -9.08 17.03 -38.21
CA TYR A 586 -9.22 16.48 -39.56
C TYR A 586 -9.04 17.55 -40.62
N ARG A 587 -9.67 18.72 -40.43
CA ARG A 587 -9.52 19.80 -41.40
C ARG A 587 -8.07 20.22 -41.55
N MET A 588 -7.35 20.34 -40.42
CA MET A 588 -5.94 20.69 -40.49
C MET A 588 -5.14 19.63 -41.24
N ALA A 589 -5.46 18.35 -41.01
CA ALA A 589 -4.76 17.27 -41.69
C ALA A 589 -5.01 17.31 -43.20
N THR A 590 -6.25 17.60 -43.60
CA THR A 590 -6.55 17.67 -45.03
C THR A 590 -5.80 18.82 -45.70
N LEU A 591 -5.76 19.98 -45.05
CA LEU A 591 -5.01 21.11 -45.62
C LEU A 591 -3.52 20.80 -45.66
N THR A 592 -3.02 20.10 -44.64
CA THR A 592 -1.60 19.77 -44.59
C THR A 592 -1.20 18.82 -45.72
N THR A 593 -2.03 17.83 -46.02
CA THR A 593 -1.70 16.91 -47.11
C THR A 593 -1.67 17.64 -48.45
N ILE A 594 -2.54 18.63 -48.62
CA ILE A 594 -2.53 19.41 -49.86
C ILE A 594 -1.21 20.16 -50.00
N LEU A 595 -0.75 20.78 -48.91
CA LEU A 595 0.51 21.52 -48.96
C LEU A 595 1.72 20.59 -49.05
N LEU A 596 1.61 19.37 -48.51
CA LEU A 596 2.71 18.42 -48.67
C LEU A 596 2.94 18.06 -50.13
N LEU A 597 1.86 18.00 -50.91
CA LEU A 597 1.97 17.61 -52.31
C LEU A 597 2.75 18.61 -53.16
N VAL A 598 2.82 19.87 -52.73
CA VAL A 598 3.52 20.90 -53.50
C VAL A 598 4.67 21.51 -52.71
N SER A 599 5.16 20.80 -51.69
CA SER A 599 6.22 21.35 -50.85
C SER A 599 7.60 21.13 -51.47
N SER A 600 7.84 19.95 -52.05
CA SER A 600 9.12 19.63 -52.63
C SER A 600 8.92 18.62 -53.76
N ASN A 601 9.99 18.43 -54.55
CA ASN A 601 10.03 17.43 -55.62
C ASN A 601 8.76 17.49 -56.47
N LEU A 602 8.58 18.63 -57.13
CA LEU A 602 7.33 18.90 -57.84
C LEU A 602 7.19 18.00 -59.07
N SER A 603 5.97 17.54 -59.30
CA SER A 603 5.62 16.85 -60.53
C SER A 603 4.19 17.21 -60.88
N GLU A 604 3.85 17.07 -62.17
CA GLU A 604 2.49 17.39 -62.62
C GLU A 604 1.45 16.58 -61.87
N SER A 605 1.74 15.30 -61.62
CA SER A 605 0.79 14.45 -60.91
C SER A 605 0.52 14.96 -59.51
N ARG A 606 1.57 15.34 -58.77
CA ARG A 606 1.37 15.84 -57.41
C ARG A 606 0.66 17.18 -57.40
N ILE A 607 0.97 18.06 -58.36
CA ILE A 607 0.33 19.37 -58.39
C ILE A 607 -1.15 19.22 -58.73
N ARG A 608 -1.48 18.37 -59.69
CA ARG A 608 -2.87 18.19 -60.08
C ARG A 608 -3.66 17.49 -58.98
N ARG A 609 -3.05 16.52 -58.29
CA ARG A 609 -3.71 15.88 -57.16
C ARG A 609 -3.99 16.87 -56.03
N ALA A 610 -3.03 17.76 -55.75
CA ALA A 610 -3.23 18.77 -54.72
C ALA A 610 -4.42 19.67 -55.06
N ALA A 611 -4.51 20.11 -56.31
CA ALA A 611 -5.60 20.99 -56.72
C ALA A 611 -6.94 20.29 -56.61
N ARG A 612 -7.02 19.04 -57.07
CA ARG A 612 -8.28 18.30 -57.00
C ARG A 612 -8.67 18.00 -55.56
N ARG A 613 -7.70 17.91 -54.65
CA ARG A 613 -8.05 17.72 -53.24
C ARG A 613 -8.57 19.02 -52.64
N LEU A 614 -7.97 20.15 -53.00
CA LEU A 614 -8.47 21.44 -52.50
C LEU A 614 -9.90 21.69 -52.98
N THR A 615 -10.20 21.31 -54.23
CA THR A 615 -11.53 21.49 -54.78
C THR A 615 -12.57 20.71 -53.99
N GLU A 616 -12.17 19.63 -53.33
CA GLU A 616 -13.09 18.91 -52.45
C GLU A 616 -13.35 19.63 -51.14
N ILE A 617 -12.56 20.65 -50.81
CA ILE A 617 -12.74 21.40 -49.57
C ILE A 617 -13.68 22.58 -49.86
N PRO A 618 -14.65 22.84 -48.99
CA PRO A 618 -15.60 23.93 -49.25
C PRO A 618 -14.89 25.27 -49.34
N THR A 619 -15.39 26.13 -50.22
CA THR A 619 -14.87 27.50 -50.33
C THR A 619 -15.01 28.26 -49.03
N ASN A 620 -15.82 27.75 -48.09
CA ASN A 620 -15.98 28.37 -46.77
C ASN A 620 -14.67 28.45 -46.00
N GLU A 621 -13.72 27.55 -46.28
CA GLU A 621 -12.45 27.51 -45.57
C GLU A 621 -11.68 28.82 -45.73
N PRO A 622 -11.30 29.49 -44.64
CA PRO A 622 -10.61 30.78 -44.78
C PRO A 622 -9.32 30.71 -45.59
N ARG A 623 -8.55 29.64 -45.43
CA ARG A 623 -7.26 29.51 -46.10
C ARG A 623 -7.37 28.93 -47.50
N PHE A 624 -8.60 28.76 -48.03
CA PHE A 624 -8.77 28.18 -49.36
C PHE A 624 -7.95 28.93 -50.41
N ASN A 625 -8.12 30.25 -50.49
CA ASN A 625 -7.51 31.01 -51.57
C ASN A 625 -5.98 30.98 -51.49
N GLN A 626 -5.42 31.03 -50.27
CA GLN A 626 -3.97 31.05 -50.14
C GLN A 626 -3.36 29.67 -50.42
N ILE A 627 -4.10 28.60 -50.16
CA ILE A 627 -3.64 27.28 -50.58
C ILE A 627 -3.68 27.17 -52.10
N LYS A 628 -4.75 27.70 -52.72
CA LYS A 628 -4.86 27.68 -54.18
C LYS A 628 -3.69 28.41 -54.83
N ILE A 629 -3.30 29.55 -54.28
CA ILE A 629 -2.15 30.28 -54.79
C ILE A 629 -0.88 29.44 -54.66
N ALA A 630 -0.71 28.79 -53.51
CA ALA A 630 0.48 27.96 -53.30
C ALA A 630 0.56 26.83 -54.32
N ILE A 631 -0.59 26.28 -54.72
CA ILE A 631 -0.60 25.21 -55.71
C ILE A 631 -0.28 25.76 -57.09
N MET A 632 -0.94 26.85 -57.49
CA MET A 632 -0.65 27.45 -58.78
C MET A 632 0.78 27.94 -58.86
N SER A 633 1.32 28.45 -57.75
CA SER A 633 2.72 28.85 -57.75
C SER A 633 3.64 27.65 -57.93
N ALA A 634 3.26 26.50 -57.37
CA ALA A 634 4.02 25.28 -57.60
C ALA A 634 3.98 24.88 -59.07
N GLY A 635 2.80 24.95 -59.69
CA GLY A 635 2.70 24.59 -61.10
C GLY A 635 3.57 25.46 -61.99
N LEU A 636 3.55 26.78 -61.74
CA LEU A 636 4.40 27.69 -62.52
C LEU A 636 5.87 27.42 -62.25
N SER A 637 6.24 27.22 -60.98
CA SER A 637 7.63 26.90 -60.66
C SER A 637 8.07 25.60 -61.31
N TRP A 638 7.19 24.60 -61.33
CA TRP A 638 7.54 23.32 -61.96
C TRP A 638 7.69 23.46 -63.47
N LEU A 639 6.79 24.22 -64.11
CA LEU A 639 6.91 24.46 -65.55
C LEU A 639 8.21 25.16 -65.87
N ARG A 640 8.61 26.14 -65.06
CA ARG A 640 9.83 26.89 -65.36
C ARG A 640 11.07 26.04 -65.12
N GLU A 641 11.06 25.22 -64.07
CA GLU A 641 12.21 24.35 -63.80
C GLU A 641 12.34 23.27 -64.87
N ARG A 642 11.22 22.77 -65.40
CA ARG A 642 11.27 21.79 -66.47
C ARG A 642 11.44 22.42 -67.85
N LYS A 643 11.40 23.74 -67.95
CA LYS A 643 11.44 24.45 -69.24
C LYS A 643 10.29 24.00 -70.14
N LEU A 644 9.09 23.93 -69.56
CA LEU A 644 7.90 23.52 -70.27
C LEU A 644 6.99 24.73 -70.47
N LYS A 645 6.47 24.89 -71.68
CA LYS A 645 5.49 25.94 -71.93
C LYS A 645 4.16 25.62 -71.25
N ALA A 646 3.75 24.36 -71.29
CA ALA A 646 2.52 23.91 -70.65
C ALA A 646 2.64 22.42 -70.40
N SER A 647 1.68 21.89 -69.66
CA SER A 647 1.62 20.46 -69.48
C SER A 647 1.07 19.81 -70.76
N ALA A 648 1.28 18.50 -70.88
CA ALA A 648 0.83 17.80 -72.08
C ALA A 648 -0.69 17.87 -72.21
N SER A 649 -1.40 17.78 -71.09
CA SER A 649 -2.85 17.79 -71.11
C SER A 649 -3.41 19.20 -71.22
N ALA A 650 -4.50 19.34 -71.96
CA ALA A 650 -5.23 20.60 -72.01
C ALA A 650 -6.18 20.76 -70.83
N ASN A 651 -6.24 19.79 -69.93
CA ASN A 651 -7.07 19.93 -68.74
C ASN A 651 -6.53 21.08 -67.89
N PRO A 652 -7.37 21.97 -67.41
CA PRO A 652 -6.89 23.13 -66.65
C PRO A 652 -6.46 22.76 -65.24
N LEU A 653 -5.67 23.65 -64.66
CA LEU A 653 -5.37 23.62 -63.22
C LEU A 653 -6.34 24.62 -62.58
N PHE A 654 -7.26 24.09 -61.78
CA PHE A 654 -8.42 24.87 -61.32
C PHE A 654 -9.15 25.33 -62.59
N GLU A 655 -9.41 26.62 -62.77
CA GLU A 655 -10.08 27.09 -63.98
C GLU A 655 -9.12 27.69 -65.00
N TYR A 656 -7.81 27.57 -64.79
CA TYR A 656 -6.84 28.19 -65.69
C TYR A 656 -6.04 27.13 -66.45
N PRO A 657 -5.57 27.46 -67.66
CA PRO A 657 -4.70 26.51 -68.37
C PRO A 657 -3.41 26.28 -67.61
N PHE A 658 -2.98 25.01 -67.58
CA PHE A 658 -1.74 24.61 -66.92
C PHE A 658 -0.56 24.98 -67.83
N SER A 659 -0.35 26.29 -67.98
CA SER A 659 0.70 26.83 -68.82
C SER A 659 1.38 27.97 -68.08
N GLN A 660 2.55 28.36 -68.58
CA GLN A 660 3.26 29.47 -67.96
C GLN A 660 2.46 30.76 -68.06
N LYS A 661 1.79 30.98 -69.18
CA LYS A 661 0.95 32.17 -69.34
C LYS A 661 -0.36 32.04 -68.57
N GLY A 662 -0.96 30.84 -68.57
CA GLY A 662 -2.23 30.66 -67.88
C GLY A 662 -2.12 30.80 -66.38
N LEU A 663 -1.07 30.23 -65.78
CA LEU A 663 -0.92 30.25 -64.34
C LEU A 663 -0.46 31.62 -63.82
N ARG A 664 0.32 32.35 -64.61
CA ARG A 664 0.66 33.72 -64.23
C ARG A 664 -0.59 34.56 -64.09
N THR A 665 -1.51 34.44 -65.05
CA THR A 665 -2.80 35.10 -64.95
C THR A 665 -3.57 34.63 -63.73
N GLY A 666 -3.65 33.31 -63.53
CA GLY A 666 -4.42 32.78 -62.42
C GLY A 666 -3.89 33.20 -61.07
N ILE A 667 -2.56 33.21 -60.92
CA ILE A 667 -1.95 33.66 -59.66
C ILE A 667 -2.25 35.13 -59.43
N SER A 668 -2.07 35.97 -60.46
CA SER A 668 -2.35 37.38 -60.32
C SER A 668 -3.82 37.62 -59.95
N GLU A 669 -4.74 36.91 -60.59
CA GLU A 669 -6.15 37.06 -60.24
C GLU A 669 -6.41 36.65 -58.80
N ALA A 670 -5.83 35.54 -58.37
CA ALA A 670 -6.04 35.08 -57.00
C ALA A 670 -5.40 36.02 -55.98
N LEU A 671 -4.22 36.57 -56.29
CA LEU A 671 -3.57 37.50 -55.38
C LEU A 671 -4.42 38.75 -55.16
N ARG A 672 -5.10 39.22 -56.20
CA ARG A 672 -5.92 40.42 -56.07
C ARG A 672 -7.19 40.15 -55.27
N ILE A 673 -7.77 38.95 -55.42
CA ILE A 673 -8.87 38.56 -54.53
C ILE A 673 -8.38 38.52 -53.09
N GLN A 674 -7.15 38.05 -52.89
CA GLN A 674 -6.56 37.99 -51.55
C GLN A 674 -6.29 39.39 -51.01
N ALA A 675 -5.67 40.26 -51.83
CA ALA A 675 -5.30 41.59 -51.36
C ALA A 675 -6.52 42.43 -50.99
N ARG A 676 -7.66 42.20 -51.65
CA ARG A 676 -8.87 42.92 -51.32
C ARG A 676 -9.60 42.35 -50.10
N SER A 677 -9.15 41.22 -49.58
CA SER A 677 -9.80 40.59 -48.42
C SER A 677 -9.18 41.09 -47.11
N ARG B 3 13.55 25.80 20.24
CA ARG B 3 12.87 25.01 19.22
C ARG B 3 13.04 23.51 19.44
N GLN B 4 12.82 23.04 20.66
CA GLN B 4 12.95 21.62 20.92
C GLN B 4 11.57 20.96 20.98
N SER B 5 11.54 19.66 20.71
CA SER B 5 10.33 18.89 20.90
C SER B 5 10.07 18.70 22.39
N ARG B 6 8.81 18.71 22.80
CA ARG B 6 8.58 18.68 24.23
C ARG B 6 7.85 17.41 24.64
N PRO B 7 8.28 16.74 25.71
CA PRO B 7 7.62 15.52 26.15
C PRO B 7 6.34 15.84 26.91
N VAL B 8 5.26 15.12 26.59
CA VAL B 8 3.99 15.22 27.29
C VAL B 8 3.55 13.80 27.64
N ALA B 9 2.54 13.72 28.51
CA ALA B 9 1.93 12.46 28.93
C ALA B 9 2.99 11.48 29.43
N ASP B 10 3.67 11.90 30.51
CA ASP B 10 4.73 11.11 31.14
C ASP B 10 5.81 10.70 30.15
N GLY B 11 6.06 11.55 29.16
CA GLY B 11 7.08 11.27 28.17
C GLY B 11 6.71 10.26 27.11
N MET B 12 5.44 9.87 27.03
CA MET B 12 5.03 8.88 26.04
C MET B 12 4.81 9.50 24.66
N VAL B 13 4.56 10.80 24.58
CA VAL B 13 4.33 11.50 23.31
C VAL B 13 5.15 12.78 23.33
N GLU B 14 5.74 13.11 22.18
CA GLU B 14 6.48 14.36 22.01
C GLU B 14 5.71 15.27 21.06
N LEU B 15 5.40 16.49 21.51
CA LEU B 15 4.71 17.47 20.69
C LEU B 15 5.73 18.36 19.99
N PRO B 16 5.58 18.63 18.70
CA PRO B 16 6.58 19.43 17.99
C PRO B 16 6.51 20.90 18.37
N PHE B 17 7.66 21.56 18.30
CA PHE B 17 7.72 23.01 18.46
C PHE B 17 7.29 23.65 17.13
N ILE B 18 6.22 24.42 17.17
CA ILE B 18 5.67 25.03 15.96
C ILE B 18 6.24 26.43 15.81
N THR B 19 6.96 26.66 14.72
CA THR B 19 7.57 27.95 14.49
C THR B 19 6.50 28.98 14.13
N PRO B 20 6.47 30.13 14.81
CA PRO B 20 5.46 31.14 14.49
C PRO B 20 5.70 31.75 13.12
N LYS B 21 4.60 32.11 12.45
CA LYS B 21 4.70 32.78 11.17
C LYS B 21 5.36 34.15 11.35
N PRO B 22 6.15 34.60 10.39
CA PRO B 22 6.65 35.98 10.45
C PRO B 22 5.49 36.96 10.45
N GLU B 23 5.63 38.04 11.23
CA GLU B 23 4.52 38.96 11.41
C GLU B 23 4.18 39.76 10.16
N ASP B 24 5.01 39.68 9.11
CA ASP B 24 4.69 40.30 7.83
C ASP B 24 4.11 39.30 6.84
N GLU B 25 3.64 38.14 7.32
CA GLU B 25 3.00 37.15 6.48
C GLU B 25 1.69 36.65 7.10
N LEU B 26 1.08 37.44 7.98
CA LEU B 26 -0.12 37.04 8.70
C LEU B 26 -1.39 37.48 7.98
N LEU B 27 -1.34 38.57 7.23
CA LEU B 27 -2.53 39.16 6.62
C LEU B 27 -2.87 38.47 5.30
N ILE B 28 -4.14 38.55 4.94
CA ILE B 28 -4.62 38.03 3.67
C ILE B 28 -4.48 39.15 2.65
N ASP B 29 -4.25 38.78 1.40
CA ASP B 29 -4.05 39.76 0.34
C ASP B 29 -5.35 40.49 0.06
N PRO B 30 -5.39 41.83 0.17
CA PRO B 30 -6.63 42.55 -0.12
C PRO B 30 -7.09 42.42 -1.56
N GLU B 31 -6.19 42.12 -2.49
CA GLU B 31 -6.54 41.98 -3.90
C GLU B 31 -7.10 40.61 -4.23
N LYS B 32 -7.05 39.65 -3.31
CA LYS B 32 -7.54 38.30 -3.59
C LYS B 32 -9.05 38.29 -3.70
N LYS B 33 -9.56 37.77 -4.82
CA LYS B 33 -11.00 37.71 -5.05
C LYS B 33 -11.68 36.85 -3.99
N ARG B 34 -12.79 37.35 -3.48
CA ARG B 34 -13.54 36.70 -2.42
C ARG B 34 -14.49 35.62 -2.96
N LYS B 35 -14.87 34.71 -2.07
CA LYS B 35 -15.80 33.61 -2.31
C LYS B 35 -17.18 34.17 -2.69
N PRO B 36 -18.11 33.34 -3.15
CA PRO B 36 -19.45 33.87 -3.46
C PRO B 36 -20.21 34.25 -2.20
N GLY B 37 -20.84 35.43 -2.25
CA GLY B 37 -21.71 35.89 -1.20
C GLY B 37 -21.05 36.58 -0.04
N VAL B 38 -19.73 36.45 0.13
CA VAL B 38 -19.04 37.09 1.23
C VAL B 38 -18.75 38.54 0.87
N ALA B 39 -19.17 39.46 1.73
CA ALA B 39 -18.99 40.88 1.48
C ALA B 39 -17.55 41.29 1.71
N ALA B 40 -17.19 42.46 1.17
CA ALA B 40 -15.87 43.01 1.39
C ALA B 40 -15.71 43.45 2.85
N PRO B 41 -14.49 43.47 3.36
CA PRO B 41 -14.28 43.92 4.75
C PRO B 41 -14.70 45.38 4.90
N GLN B 42 -15.32 45.69 6.03
CA GLN B 42 -15.72 47.07 6.31
C GLN B 42 -14.55 47.92 6.72
N LEU B 43 -13.54 47.33 7.36
CA LEU B 43 -12.37 48.06 7.83
C LEU B 43 -11.15 47.69 7.00
N VAL B 44 -10.27 48.66 6.82
CA VAL B 44 -9.04 48.48 6.05
C VAL B 44 -7.88 49.08 6.85
N ALA B 45 -6.67 48.82 6.37
CA ALA B 45 -5.45 49.26 7.05
C ALA B 45 -5.49 50.77 7.30
N GLY B 46 -5.21 51.15 8.55
CA GLY B 46 -5.20 52.55 8.94
C GLY B 46 -6.43 52.99 9.70
N ASP B 47 -7.56 52.28 9.54
CA ASP B 47 -8.77 52.61 10.28
C ASP B 47 -8.51 52.49 11.78
N ILE B 48 -9.05 53.44 12.55
CA ILE B 48 -8.92 53.43 14.00
C ILE B 48 -10.23 52.98 14.60
N VAL B 49 -10.17 51.99 15.49
CA VAL B 49 -11.34 51.44 16.14
C VAL B 49 -11.27 51.77 17.62
N ALA B 50 -12.35 52.33 18.15
CA ALA B 50 -12.45 52.68 19.58
C ALA B 50 -11.26 53.52 20.04
N GLU B 51 -10.79 54.40 19.14
CA GLU B 51 -9.66 55.32 19.38
C GLU B 51 -8.47 54.63 20.05
N GLN B 52 -8.31 53.34 19.80
CA GLN B 52 -7.19 52.59 20.38
C GLN B 52 -6.57 51.57 19.42
N TYR B 53 -7.29 51.06 18.43
CA TYR B 53 -6.83 49.94 17.62
C TYR B 53 -6.69 50.37 16.16
N GLU B 54 -5.47 50.29 15.64
CA GLU B 54 -5.19 50.63 14.26
C GLU B 54 -5.28 49.37 13.41
N VAL B 55 -6.28 49.31 12.54
CA VAL B 55 -6.51 48.12 11.73
C VAL B 55 -5.36 47.95 10.73
N LEU B 56 -4.87 46.73 10.61
CA LEU B 56 -3.83 46.39 9.65
C LEU B 56 -4.34 45.59 8.47
N GLY B 57 -5.40 44.81 8.66
CA GLY B 57 -5.94 43.96 7.62
C GLY B 57 -6.78 42.86 8.25
N VAL B 58 -7.05 41.83 7.44
CA VAL B 58 -7.83 40.69 7.89
C VAL B 58 -6.95 39.44 7.85
N ILE B 59 -7.22 38.52 8.78
CA ILE B 59 -6.50 37.25 8.82
C ILE B 59 -7.39 36.08 8.44
N ALA B 60 -8.71 36.22 8.48
CA ALA B 60 -9.60 35.11 8.17
C ALA B 60 -11.01 35.64 8.02
N HIS B 61 -11.86 34.83 7.40
CA HIS B 61 -13.29 35.06 7.36
C HIS B 61 -13.99 33.82 7.89
N GLY B 62 -14.92 34.03 8.82
CA GLY B 62 -15.62 32.90 9.41
C GLY B 62 -17.10 33.19 9.57
N GLY B 63 -17.78 32.37 10.36
CA GLY B 63 -19.20 32.59 10.61
C GLY B 63 -19.48 33.95 11.24
N MET B 64 -18.59 34.39 12.13
CA MET B 64 -18.76 35.68 12.80
C MET B 64 -18.37 36.87 11.92
N GLY B 65 -17.92 36.63 10.69
CA GLY B 65 -17.52 37.68 9.79
C GLY B 65 -16.02 37.73 9.60
N TRP B 66 -15.55 38.87 9.10
CA TRP B 66 -14.12 39.07 8.92
C TRP B 66 -13.43 39.20 10.27
N ILE B 67 -12.22 38.65 10.36
CA ILE B 67 -11.42 38.71 11.57
C ILE B 67 -10.24 39.62 11.28
N TYR B 68 -10.17 40.76 11.96
CA TYR B 68 -9.18 41.79 11.69
C TYR B 68 -7.95 41.61 12.58
N LEU B 69 -6.83 42.15 12.10
CA LEU B 69 -5.63 42.30 12.90
C LEU B 69 -5.36 43.78 13.10
N ALA B 70 -4.92 44.16 14.30
CA ALA B 70 -4.75 45.57 14.61
C ALA B 70 -3.62 45.76 15.61
N ASN B 71 -2.98 46.92 15.53
CA ASN B 71 -2.05 47.37 16.56
C ASN B 71 -2.83 47.95 17.74
N ASP B 72 -2.40 47.60 18.96
CA ASP B 72 -2.92 48.23 20.17
C ASP B 72 -2.07 49.48 20.43
N ARG B 73 -2.64 50.66 20.15
CA ARG B 73 -1.88 51.90 20.19
C ARG B 73 -1.50 52.33 21.59
N ASN B 74 -1.95 51.65 22.62
CA ASN B 74 -1.60 51.98 23.99
C ASN B 74 -0.57 51.04 24.59
N VAL B 75 -0.18 49.99 23.88
CA VAL B 75 0.85 49.05 24.32
C VAL B 75 1.78 48.81 23.13
N SER B 76 3.02 49.30 23.24
CA SER B 76 3.98 49.26 22.15
C SER B 76 4.21 47.84 21.64
N GLY B 77 4.03 47.65 20.33
CA GLY B 77 4.34 46.39 19.68
C GLY B 77 3.28 45.32 19.75
N ARG B 78 2.18 45.56 20.46
CA ARG B 78 1.15 44.54 20.61
C ARG B 78 0.19 44.57 19.43
N ILE B 79 -0.03 43.40 18.81
CA ILE B 79 -1.04 43.22 17.80
C ILE B 79 -2.18 42.44 18.43
N VAL B 80 -3.42 42.79 18.08
CA VAL B 80 -4.61 42.17 18.65
C VAL B 80 -5.53 41.72 17.53
N VAL B 81 -6.51 40.92 17.90
CA VAL B 81 -7.52 40.39 17.00
C VAL B 81 -8.86 41.05 17.31
N LEU B 82 -9.57 41.48 16.26
CA LEU B 82 -10.94 41.97 16.38
C LEU B 82 -11.87 40.93 15.79
N LYS B 83 -12.72 40.32 16.61
CA LYS B 83 -13.60 39.23 16.20
C LYS B 83 -15.05 39.56 16.50
N GLY B 84 -15.94 39.15 15.60
CA GLY B 84 -17.38 39.32 15.78
C GLY B 84 -17.90 38.74 17.08
N MET B 85 -18.73 39.50 17.79
CA MET B 85 -19.17 39.16 19.12
C MET B 85 -20.68 38.88 19.22
N MET B 86 -21.48 39.47 18.34
CA MET B 86 -22.95 39.39 18.40
C MET B 86 -23.47 40.02 19.70
N GLY B 95 -31.08 39.27 25.64
CA GLY B 95 -30.99 39.26 27.08
C GLY B 95 -30.38 37.98 27.63
N THR B 96 -30.84 36.84 27.12
CA THR B 96 -30.27 35.57 27.54
C THR B 96 -28.80 35.45 27.14
N ALA B 97 -28.44 36.03 26.00
CA ALA B 97 -27.04 36.05 25.57
C ALA B 97 -26.21 37.01 26.41
N GLU B 98 -26.79 38.14 26.80
CA GLU B 98 -26.05 39.12 27.60
C GLU B 98 -25.67 38.58 28.96
N ALA B 99 -26.56 37.79 29.60
CA ALA B 99 -26.25 37.28 30.93
C ALA B 99 -25.04 36.36 30.91
N GLU B 100 -24.87 35.58 29.83
CA GLU B 100 -23.75 34.65 29.73
C GLU B 100 -22.42 35.37 29.54
N ARG B 101 -22.44 36.56 28.95
CA ARG B 101 -21.21 37.30 28.65
C ARG B 101 -20.54 37.89 29.88
N GLU B 102 -21.27 38.02 31.01
CA GLU B 102 -20.68 38.55 32.24
C GLU B 102 -19.50 37.73 32.74
N PHE B 103 -19.28 36.52 32.21
CA PHE B 103 -18.16 35.69 32.63
C PHE B 103 -16.85 36.00 31.90
N LEU B 104 -16.91 36.51 30.68
CA LEU B 104 -15.75 36.52 29.79
C LEU B 104 -14.57 37.36 30.30
N ALA B 105 -14.84 38.47 30.98
CA ALA B 105 -13.74 39.37 31.34
C ALA B 105 -12.80 38.77 32.39
N ASP B 106 -13.32 37.94 33.30
CA ASP B 106 -12.51 37.47 34.43
C ASP B 106 -11.65 36.25 34.10
N ILE B 107 -11.89 35.58 32.97
CA ILE B 107 -11.18 34.34 32.66
C ILE B 107 -9.68 34.60 32.48
N THR B 108 -8.87 33.85 33.23
CA THR B 108 -7.41 34.03 33.26
C THR B 108 -6.74 32.66 33.28
N HIS B 109 -6.18 32.23 32.14
CA HIS B 109 -5.48 30.95 32.10
C HIS B 109 -4.52 30.94 30.92
N PRO B 110 -3.31 30.40 31.08
CA PRO B 110 -2.32 30.45 29.98
C PRO B 110 -2.71 29.63 28.75
N GLY B 111 -3.64 28.68 28.88
CA GLY B 111 -4.13 27.88 27.78
C GLY B 111 -5.36 28.42 27.10
N ILE B 112 -5.79 29.63 27.44
CA ILE B 112 -6.96 30.27 26.86
C ILE B 112 -6.56 31.66 26.38
N VAL B 113 -7.07 32.05 25.21
CA VAL B 113 -6.74 33.37 24.67
C VAL B 113 -7.27 34.43 25.62
N LYS B 114 -6.47 35.47 25.83
CA LYS B 114 -6.86 36.56 26.73
C LYS B 114 -7.73 37.56 25.99
N ALA B 115 -8.71 38.11 26.70
CA ALA B 115 -9.53 39.19 26.16
C ALA B 115 -9.02 40.52 26.67
N TYR B 116 -8.89 41.49 25.77
CA TYR B 116 -8.38 42.80 26.13
C TYR B 116 -9.44 43.88 26.18
N ASN B 117 -10.54 43.73 25.44
CA ASN B 117 -11.55 44.78 25.39
C ASN B 117 -12.83 44.21 24.77
N PHE B 118 -13.91 44.95 24.96
CA PHE B 118 -15.19 44.65 24.33
C PHE B 118 -15.73 45.97 23.80
N ILE B 119 -15.80 46.09 22.47
CA ILE B 119 -16.12 47.37 21.84
C ILE B 119 -17.15 47.17 20.74
N ASP B 120 -17.75 48.28 20.31
CA ASP B 120 -18.75 48.31 19.26
C ASP B 120 -18.38 49.40 18.27
N ASP B 121 -18.07 49.02 17.03
CA ASP B 121 -17.76 50.01 16.00
C ASP B 121 -18.95 50.18 15.07
N PRO B 122 -19.38 51.41 14.78
CA PRO B 122 -20.60 51.59 13.99
C PRO B 122 -20.49 51.14 12.55
N ARG B 123 -19.28 50.97 12.02
CA ARG B 123 -19.12 50.43 10.68
C ARG B 123 -19.24 48.92 10.62
N VAL B 124 -19.22 48.25 11.77
CA VAL B 124 -19.36 46.80 11.82
C VAL B 124 -20.43 46.48 12.85
N PRO B 125 -21.68 46.31 12.45
CA PRO B 125 -22.74 45.99 13.41
C PRO B 125 -22.47 44.64 14.06
N GLY B 126 -22.73 44.56 15.36
CA GLY B 126 -22.58 43.35 16.12
C GLY B 126 -21.50 43.40 17.19
N GLY B 127 -20.61 44.38 17.12
CA GLY B 127 -19.59 44.54 18.13
C GLY B 127 -18.43 43.57 17.97
N PHE B 128 -17.29 43.95 18.55
CA PHE B 128 -16.10 43.13 18.53
C PHE B 128 -15.76 42.67 19.94
N ILE B 129 -15.16 41.49 20.03
CA ILE B 129 -14.34 41.12 21.16
C ILE B 129 -12.88 41.28 20.73
N VAL B 130 -12.10 42.00 21.53
CA VAL B 130 -10.70 42.23 21.23
C VAL B 130 -9.89 41.24 22.05
N MET B 131 -9.07 40.45 21.36
CA MET B 131 -8.36 39.38 22.05
C MET B 131 -6.93 39.29 21.55
N GLU B 132 -6.13 38.55 22.33
CA GLU B 132 -4.74 38.29 22.00
C GLU B 132 -4.64 37.55 20.67
N TYR B 133 -3.65 37.93 19.87
CA TYR B 133 -3.36 37.22 18.63
C TYR B 133 -2.46 36.03 18.93
N VAL B 134 -2.92 34.83 18.60
CA VAL B 134 -2.17 33.61 18.85
C VAL B 134 -1.55 33.19 17.52
N ASN B 135 -0.22 33.22 17.45
CA ASN B 135 0.51 32.98 16.20
C ASN B 135 0.80 31.49 16.09
N GLY B 136 -0.02 30.79 15.30
CA GLY B 136 0.20 29.40 15.02
C GLY B 136 -0.92 28.81 14.20
N PRO B 137 -0.70 27.63 13.64
CA PRO B 137 -1.76 26.93 12.92
C PRO B 137 -2.74 26.28 13.88
N SER B 138 -3.99 26.16 13.43
CA SER B 138 -4.98 25.44 14.20
C SER B 138 -4.78 23.93 14.02
N LEU B 139 -5.37 23.16 14.93
CA LEU B 139 -5.30 21.71 14.81
C LEU B 139 -5.95 21.23 13.51
N LYS B 140 -6.91 21.99 12.97
CA LYS B 140 -7.46 21.69 11.66
C LYS B 140 -6.41 21.86 10.57
N ASP B 141 -5.64 22.95 10.62
CA ASP B 141 -4.55 23.15 9.68
C ASP B 141 -3.50 22.06 9.82
N ARG B 142 -3.22 21.64 11.06
CA ARG B 142 -2.24 20.60 11.31
C ARG B 142 -2.65 19.26 10.73
N CYS B 143 -3.95 18.97 10.71
CA CYS B 143 -4.41 17.71 10.11
C CYS B 143 -4.25 17.72 8.60
N LYS B 144 -4.63 18.81 7.95
CA LYS B 144 -4.55 18.90 6.49
C LYS B 144 -3.11 18.78 5.99
N ALA B 145 -2.14 19.14 6.84
CA ALA B 145 -0.72 19.03 6.50
C ALA B 145 -0.19 17.61 6.65
N GLN B 146 -1.01 16.65 7.05
CA GLN B 146 -0.59 15.26 7.23
C GLN B 146 -0.90 14.42 6.01
N PRO B 147 -0.12 13.36 5.80
CA PRO B 147 -0.28 12.55 4.57
C PRO B 147 -1.67 11.98 4.37
N ASP B 148 -2.35 11.59 5.45
CA ASP B 148 -3.70 11.07 5.36
C ASP B 148 -4.75 12.09 5.79
N GLY B 149 -4.35 13.35 6.02
CA GLY B 149 -5.29 14.35 6.44
C GLY B 149 -5.73 14.23 7.88
N VAL B 150 -5.10 13.35 8.66
CA VAL B 150 -5.43 13.14 10.06
C VAL B 150 -4.13 13.12 10.85
N LEU B 151 -4.25 13.42 12.13
CA LEU B 151 -3.10 13.32 13.03
C LEU B 151 -2.94 11.87 13.51
N ARG B 152 -1.69 11.50 13.79
CA ARG B 152 -1.43 10.21 14.39
C ARG B 152 -2.08 10.15 15.77
N VAL B 153 -2.71 9.01 16.08
CA VAL B 153 -3.66 8.95 17.21
C VAL B 153 -2.96 9.31 18.52
N ASP B 154 -1.70 8.92 18.69
CA ASP B 154 -1.00 9.24 19.93
C ASP B 154 -0.68 10.74 20.01
N LEU B 155 -0.37 11.36 18.88
CA LEU B 155 -0.14 12.80 18.87
C LEU B 155 -1.41 13.56 19.18
N ALA B 156 -2.54 13.11 18.64
CA ALA B 156 -3.81 13.79 18.88
C ALA B 156 -4.19 13.72 20.35
N ILE B 157 -3.94 12.59 21.01
CA ILE B 157 -4.21 12.48 22.45
C ILE B 157 -3.31 13.42 23.23
N GLY B 158 -2.06 13.58 22.80
CA GLY B 158 -1.18 14.53 23.45
C GLY B 158 -1.70 15.96 23.37
N TYR B 159 -2.26 16.33 22.22
CA TYR B 159 -2.85 17.66 22.09
C TYR B 159 -4.07 17.81 22.98
N ILE B 160 -4.91 16.77 23.05
CA ILE B 160 -6.09 16.82 23.91
C ILE B 160 -5.66 16.98 25.36
N LEU B 161 -4.68 16.17 25.79
CA LEU B 161 -4.17 16.25 27.15
C LEU B 161 -3.65 17.65 27.48
N GLU B 162 -3.09 18.34 26.49
CA GLU B 162 -2.54 19.67 26.76
C GLU B 162 -3.63 20.71 26.97
N LEU B 163 -4.81 20.52 26.37
CA LEU B 163 -5.90 21.47 26.51
C LEU B 163 -6.83 21.17 27.68
N LEU B 164 -6.74 19.96 28.25
CA LEU B 164 -7.60 19.62 29.38
C LEU B 164 -7.42 20.54 30.59
N PRO B 165 -6.21 21.02 30.95
CA PRO B 165 -6.14 21.98 32.06
C PRO B 165 -6.97 23.23 31.84
N ALA B 166 -7.04 23.72 30.61
CA ALA B 166 -7.88 24.89 30.33
C ALA B 166 -9.36 24.53 30.43
N MET B 167 -9.74 23.36 29.95
CA MET B 167 -11.13 22.92 30.06
C MET B 167 -11.55 22.80 31.52
N ASP B 168 -10.70 22.21 32.36
CA ASP B 168 -11.07 22.02 33.75
C ASP B 168 -11.07 23.34 34.51
N TYR B 169 -10.19 24.28 34.14
CA TYR B 169 -10.22 25.61 34.75
C TYR B 169 -11.58 26.26 34.57
N LEU B 170 -12.13 26.18 33.35
CA LEU B 170 -13.46 26.73 33.11
C LEU B 170 -14.51 25.99 33.91
N HIS B 171 -14.47 24.65 33.90
CA HIS B 171 -15.50 23.85 34.55
C HIS B 171 -15.55 24.12 36.04
N GLN B 172 -14.39 24.28 36.69
CA GLN B 172 -14.38 24.54 38.13
C GLN B 172 -14.92 25.92 38.46
N ARG B 173 -14.91 26.85 37.51
CA ARG B 173 -15.50 28.16 37.71
C ARG B 173 -16.96 28.23 37.24
N GLY B 174 -17.56 27.10 36.92
CA GLY B 174 -18.95 27.08 36.52
C GLY B 174 -19.24 27.51 35.09
N VAL B 175 -18.23 27.50 34.22
CA VAL B 175 -18.43 27.88 32.83
C VAL B 175 -17.95 26.77 31.91
N VAL B 176 -18.46 26.79 30.68
CA VAL B 176 -18.18 25.77 29.69
C VAL B 176 -17.71 26.44 28.40
N TYR B 177 -16.97 25.68 27.60
CA TYR B 177 -16.35 26.20 26.38
C TYR B 177 -17.32 26.16 25.19
N ASN B 178 -18.16 25.12 25.12
CA ASN B 178 -19.27 25.00 24.17
C ASN B 178 -18.85 24.65 22.75
N ASP B 179 -17.83 25.29 22.20
CA ASP B 179 -17.53 25.16 20.77
C ASP B 179 -16.16 24.54 20.50
N LEU B 180 -15.75 23.58 21.31
CA LEU B 180 -14.47 22.94 21.06
C LEU B 180 -14.48 22.19 19.73
N LYS B 181 -13.49 22.46 18.90
CA LYS B 181 -13.30 21.78 17.62
C LYS B 181 -11.90 22.13 17.10
N PRO B 182 -11.37 21.34 16.17
CA PRO B 182 -9.98 21.55 15.74
C PRO B 182 -9.64 22.98 15.31
N GLU B 183 -10.60 23.72 14.76
CA GLU B 183 -10.27 25.02 14.19
C GLU B 183 -10.15 26.13 15.22
N ASN B 184 -10.57 25.93 16.46
CA ASN B 184 -10.34 26.94 17.49
C ASN B 184 -9.36 26.45 18.56
N VAL B 185 -8.56 25.44 18.24
CA VAL B 185 -7.41 25.02 19.03
C VAL B 185 -6.18 25.34 18.21
N ILE B 186 -5.33 26.23 18.71
CA ILE B 186 -4.13 26.66 18.00
C ILE B 186 -2.90 26.09 18.70
N ALA B 187 -2.03 25.47 17.92
CA ALA B 187 -0.73 25.01 18.40
C ALA B 187 0.31 26.06 18.06
N THR B 188 0.89 26.68 19.08
CA THR B 188 1.85 27.75 18.89
C THR B 188 3.08 27.46 19.74
N GLU B 189 4.25 27.48 19.09
CA GLU B 189 5.51 27.14 19.74
C GLU B 189 5.38 25.81 20.48
N ASP B 190 5.38 25.83 21.81
CA ASP B 190 5.29 24.61 22.61
C ASP B 190 4.04 24.57 23.49
N GLN B 191 3.02 25.35 23.17
CA GLN B 191 1.81 25.43 23.96
C GLN B 191 0.59 25.20 23.08
N VAL B 192 -0.51 24.84 23.73
CA VAL B 192 -1.81 24.63 23.08
C VAL B 192 -2.79 25.64 23.67
N LYS B 193 -3.49 26.38 22.80
CA LYS B 193 -4.34 27.48 23.22
C LYS B 193 -5.73 27.37 22.64
N LEU B 194 -6.74 27.63 23.47
CA LEU B 194 -8.12 27.81 23.03
C LEU B 194 -8.36 29.27 22.70
N ILE B 195 -9.05 29.52 21.59
CA ILE B 195 -9.22 30.88 21.08
C ILE B 195 -10.66 31.33 21.02
N ASP B 196 -11.64 30.43 21.14
CA ASP B 196 -13.05 30.81 20.96
C ASP B 196 -13.65 31.26 22.30
N LEU B 197 -13.15 32.39 22.78
CA LEU B 197 -13.57 32.90 24.08
C LEU B 197 -15.03 33.32 24.07
N GLY B 198 -15.50 33.88 22.96
CA GLY B 198 -16.87 34.37 22.86
C GLY B 198 -17.94 33.30 22.98
N ALA B 199 -17.57 32.03 22.93
CA ALA B 199 -18.53 30.94 23.07
C ALA B 199 -18.71 30.50 24.52
N VAL B 200 -17.87 30.97 25.43
CA VAL B 200 -17.95 30.52 26.82
C VAL B 200 -19.25 31.03 27.43
N THR B 201 -19.97 30.13 28.10
CA THR B 201 -21.16 30.47 28.85
C THR B 201 -21.12 29.76 30.19
N GLY B 202 -21.99 30.18 31.11
CA GLY B 202 -22.13 29.48 32.36
C GLY B 202 -22.88 28.18 32.19
N ILE B 203 -22.73 27.29 33.18
CA ILE B 203 -23.50 26.06 33.15
C ILE B 203 -24.96 26.42 33.32
N GLY B 204 -25.76 26.23 32.27
CA GLY B 204 -27.16 26.63 32.35
C GLY B 204 -27.96 26.32 31.10
N ALA B 205 -28.67 27.32 30.59
CA ALA B 205 -29.61 27.14 29.48
C ALA B 205 -29.11 27.68 28.14
N PHE B 206 -28.58 28.90 28.13
CA PHE B 206 -28.10 29.50 26.89
C PHE B 206 -26.76 28.89 26.47
N GLY B 207 -26.48 28.96 25.17
CA GLY B 207 -25.26 28.40 24.63
C GLY B 207 -25.45 27.34 23.57
N TYR B 208 -26.68 27.21 23.06
CA TYR B 208 -26.94 26.26 21.99
C TYR B 208 -26.37 26.72 20.66
N ILE B 209 -26.49 28.02 20.34
CA ILE B 209 -26.01 28.49 19.04
C ILE B 209 -24.52 28.69 19.02
N TYR B 210 -23.85 28.64 20.18
CA TYR B 210 -22.41 28.83 20.21
C TYR B 210 -21.65 27.58 19.79
N GLY B 211 -22.28 26.41 19.86
CA GLY B 211 -21.65 25.19 19.40
C GLY B 211 -21.76 25.02 17.90
N THR B 212 -21.25 23.87 17.44
CA THR B 212 -21.23 23.53 16.02
C THR B 212 -21.87 22.17 15.82
N LYS B 213 -22.85 22.09 14.94
CA LYS B 213 -23.49 20.81 14.63
C LYS B 213 -22.46 19.84 14.07
N GLY B 214 -22.42 18.63 14.63
CA GLY B 214 -21.39 17.67 14.36
C GLY B 214 -20.40 17.50 15.50
N PHE B 215 -20.31 18.49 16.39
CA PHE B 215 -19.50 18.42 17.59
C PHE B 215 -20.32 18.58 18.86
N GLN B 216 -21.46 19.26 18.79
CA GLN B 216 -22.27 19.58 19.95
C GLN B 216 -23.04 18.35 20.43
N ALA B 217 -23.25 18.29 21.75
CA ALA B 217 -24.03 17.20 22.32
C ALA B 217 -25.50 17.33 21.92
N PRO B 218 -26.22 16.21 21.81
CA PRO B 218 -27.61 16.28 21.33
C PRO B 218 -28.58 16.93 22.31
N GLU B 219 -28.26 16.97 23.61
CA GLU B 219 -29.18 17.49 24.61
C GLU B 219 -29.02 18.99 24.86
N VAL B 220 -28.07 19.65 24.20
CA VAL B 220 -27.81 21.05 24.50
C VAL B 220 -28.98 21.93 24.06
N ALA B 221 -29.57 21.61 22.90
CA ALA B 221 -30.65 22.44 22.35
C ALA B 221 -31.81 22.60 23.32
N THR B 222 -32.13 21.53 24.05
CA THR B 222 -33.28 21.54 24.95
C THR B 222 -32.92 21.82 26.39
N HIS B 223 -31.78 21.30 26.87
CA HIS B 223 -31.43 21.41 28.28
C HIS B 223 -30.28 22.39 28.56
N GLY B 224 -29.59 22.86 27.52
CA GLY B 224 -28.50 23.79 27.72
C GLY B 224 -27.17 23.10 27.90
N PRO B 225 -26.10 23.88 27.99
CA PRO B 225 -24.76 23.30 28.13
C PRO B 225 -24.46 22.88 29.55
N SER B 226 -23.53 21.94 29.68
CA SER B 226 -23.09 21.43 30.96
C SER B 226 -21.66 20.93 30.81
N ILE B 227 -21.07 20.54 31.94
CA ILE B 227 -19.75 19.92 31.90
C ILE B 227 -19.76 18.67 31.03
N SER B 228 -20.84 17.89 31.10
CA SER B 228 -20.94 16.69 30.28
C SER B 228 -21.01 17.02 28.80
N SER B 229 -21.64 18.14 28.43
CA SER B 229 -21.69 18.50 27.02
C SER B 229 -20.34 18.97 26.51
N ASP B 230 -19.51 19.55 27.38
CA ASP B 230 -18.14 19.87 26.99
C ASP B 230 -17.33 18.60 26.79
N ILE B 231 -17.48 17.62 27.68
CA ILE B 231 -16.82 16.32 27.51
C ILE B 231 -17.17 15.74 26.15
N PHE B 232 -18.44 15.90 25.73
CA PHE B 232 -18.88 15.40 24.43
C PHE B 232 -18.07 16.02 23.29
N THR B 233 -17.87 17.34 23.31
CA THR B 233 -17.10 17.98 22.25
C THR B 233 -15.64 17.54 22.26
N ILE B 234 -15.11 17.19 23.43
CA ILE B 234 -13.75 16.66 23.48
C ILE B 234 -13.66 15.34 22.73
N GLY B 235 -14.67 14.48 22.90
CA GLY B 235 -14.66 13.21 22.19
C GLY B 235 -14.85 13.37 20.70
N ARG B 236 -15.76 14.26 20.27
CA ARG B 236 -15.93 14.52 18.85
C ARG B 236 -14.68 15.14 18.24
N THR B 237 -14.06 16.08 18.95
CA THR B 237 -12.82 16.68 18.47
C THR B 237 -11.72 15.62 18.34
N LEU B 238 -11.58 14.77 19.36
CA LEU B 238 -10.58 13.71 19.31
C LEU B 238 -10.83 12.77 18.14
N ALA B 239 -12.10 12.46 17.87
CA ALA B 239 -12.42 11.63 16.71
C ALA B 239 -12.08 12.35 15.41
N ALA B 240 -12.37 13.65 15.32
CA ALA B 240 -12.13 14.38 14.08
C ALA B 240 -10.64 14.51 13.78
N LEU B 241 -9.80 14.50 14.81
CA LEU B 241 -8.36 14.63 14.59
C LEU B 241 -7.72 13.37 14.06
N THR B 242 -8.33 12.20 14.29
CA THR B 242 -7.65 10.92 14.08
C THR B 242 -8.23 10.07 12.95
N MET B 243 -9.39 10.41 12.40
CA MET B 243 -9.96 9.58 11.36
C MET B 243 -10.84 10.42 10.44
N PRO B 244 -10.97 10.04 9.17
CA PRO B 244 -11.80 10.82 8.23
C PRO B 244 -13.28 10.53 8.41
N LEU B 245 -13.95 11.32 9.27
CA LEU B 245 -15.34 11.05 9.57
C LEU B 245 -16.24 11.37 8.37
N PRO B 246 -17.30 10.61 8.16
CA PRO B 246 -18.24 10.93 7.08
C PRO B 246 -18.89 12.29 7.30
N VAL B 247 -19.04 13.03 6.21
CA VAL B 247 -19.59 14.38 6.26
C VAL B 247 -20.84 14.42 5.39
N GLU B 248 -21.93 14.94 5.96
CA GLU B 248 -23.21 15.09 5.26
C GLU B 248 -23.57 16.57 5.21
N ASP B 249 -23.39 17.18 4.04
CA ASP B 249 -23.72 18.59 3.81
C ASP B 249 -23.00 19.50 4.80
N GLY B 250 -21.67 19.38 4.82
CA GLY B 250 -20.84 20.19 5.68
C GLY B 250 -20.94 19.91 7.16
N VAL B 251 -21.72 18.90 7.57
CA VAL B 251 -21.90 18.55 8.97
C VAL B 251 -21.35 17.15 9.18
N LEU B 252 -20.54 16.99 10.23
CA LEU B 252 -20.03 15.67 10.59
C LEU B 252 -21.18 14.77 11.00
N ALA B 253 -21.24 13.59 10.41
CA ALA B 253 -22.31 12.64 10.72
C ALA B 253 -22.23 12.24 12.19
N PRO B 254 -23.37 12.06 12.86
CA PRO B 254 -23.34 11.73 14.29
C PRO B 254 -22.83 10.32 14.52
N GLY B 255 -22.42 10.07 15.76
CA GLY B 255 -21.94 8.77 16.18
C GLY B 255 -20.50 8.51 15.77
N ILE B 256 -19.90 7.54 16.46
CA ILE B 256 -18.54 7.10 16.15
C ILE B 256 -18.64 5.94 15.16
N PRO B 257 -17.83 5.93 14.10
CA PRO B 257 -17.94 4.85 13.10
C PRO B 257 -17.63 3.48 13.69
N SER B 258 -18.20 2.46 13.05
CA SER B 258 -18.00 1.09 13.48
C SER B 258 -16.55 0.65 13.22
N PRO B 259 -15.99 -0.19 14.09
CA PRO B 259 -14.65 -0.73 13.80
C PRO B 259 -14.63 -1.65 12.59
N LYS B 260 -15.79 -2.13 12.13
CA LYS B 260 -15.85 -2.86 10.87
C LYS B 260 -15.49 -1.96 9.69
N ASN B 261 -15.66 -0.65 9.82
CA ASN B 261 -15.39 0.30 8.75
C ASN B 261 -14.32 1.31 9.12
N SER B 262 -13.45 0.97 10.07
CA SER B 262 -12.39 1.88 10.49
C SER B 262 -11.13 1.10 10.85
N PRO B 263 -10.06 1.23 10.06
CA PRO B 263 -8.81 0.52 10.43
C PRO B 263 -8.24 0.97 11.76
N LEU B 264 -8.36 2.27 12.09
CA LEU B 264 -7.81 2.76 13.36
C LEU B 264 -8.54 2.16 14.55
N LEU B 265 -9.88 2.23 14.54
CA LEU B 265 -10.63 1.67 15.66
C LEU B 265 -10.48 0.17 15.74
N ARG B 266 -10.30 -0.50 14.59
CA ARG B 266 -10.08 -1.94 14.59
C ARG B 266 -8.77 -2.30 15.28
N ARG B 267 -7.76 -1.46 15.12
CA ARG B 267 -6.46 -1.72 15.72
C ARG B 267 -6.41 -1.32 17.20
N HIS B 268 -7.12 -0.26 17.58
CA HIS B 268 -7.10 0.26 18.94
C HIS B 268 -8.55 0.35 19.44
N LEU B 269 -9.08 -0.79 19.89
CA LEU B 269 -10.47 -0.81 20.34
C LEU B 269 -10.67 -0.08 21.65
N SER B 270 -9.65 -0.01 22.52
CA SER B 270 -9.79 0.77 23.73
C SER B 270 -9.92 2.26 23.41
N PHE B 271 -9.26 2.72 22.35
CA PHE B 271 -9.51 4.06 21.84
C PHE B 271 -10.94 4.20 21.34
N TYR B 272 -11.47 3.15 20.71
CA TYR B 272 -12.86 3.14 20.30
C TYR B 272 -13.80 3.21 21.50
N ARG B 273 -13.52 2.42 22.54
CA ARG B 273 -14.37 2.45 23.73
C ARG B 273 -14.35 3.82 24.39
N LEU B 274 -13.17 4.45 24.44
CA LEU B 274 -13.08 5.78 25.03
C LEU B 274 -13.94 6.78 24.24
N LEU B 275 -13.88 6.71 22.91
CA LEU B 275 -14.69 7.59 22.08
C LEU B 275 -16.18 7.33 22.28
N GLN B 276 -16.55 6.06 22.50
CA GLN B 276 -17.95 5.74 22.77
C GLN B 276 -18.41 6.41 24.06
N ARG B 277 -17.62 6.27 25.14
CA ARG B 277 -18.04 6.80 26.43
C ARG B 277 -18.03 8.33 26.44
N ALA B 278 -17.07 8.94 25.75
CA ALA B 278 -17.00 10.40 25.73
C ALA B 278 -18.17 11.01 24.95
N THR B 279 -18.64 10.33 23.90
CA THR B 279 -19.69 10.84 23.04
C THR B 279 -20.99 10.07 23.21
N ALA B 280 -21.23 9.54 24.42
CA ALA B 280 -22.45 8.77 24.66
C ALA B 280 -23.70 9.65 24.50
N ASP B 281 -24.75 9.04 23.95
CA ASP B 281 -26.00 9.77 23.74
C ASP B 281 -26.58 10.24 25.08
N ASP B 282 -26.61 9.36 26.06
CA ASP B 282 -27.08 9.72 27.39
C ASP B 282 -25.94 10.37 28.16
N PRO B 283 -26.10 11.61 28.65
CA PRO B 283 -25.02 12.23 29.44
C PRO B 283 -24.66 11.43 30.69
N GLN B 284 -25.60 10.64 31.21
CA GLN B 284 -25.31 9.78 32.36
C GLN B 284 -24.18 8.80 32.06
N HIS B 285 -24.09 8.35 30.81
CA HIS B 285 -23.11 7.35 30.40
C HIS B 285 -21.82 7.96 29.84
N ARG B 286 -21.54 9.22 30.16
CA ARG B 286 -20.33 9.91 29.74
C ARG B 286 -19.39 10.08 30.91
N PHE B 287 -18.14 10.44 30.60
CA PHE B 287 -17.20 10.84 31.64
C PHE B 287 -17.77 12.03 32.40
N ARG B 288 -17.69 11.98 33.74
CA ARG B 288 -18.33 13.01 34.55
C ARG B 288 -17.55 14.32 34.53
N ASN B 289 -16.23 14.26 34.36
CA ASN B 289 -15.43 15.48 34.37
C ASN B 289 -14.13 15.22 33.61
N VAL B 290 -13.29 16.26 33.53
CA VAL B 290 -12.08 16.19 32.72
C VAL B 290 -11.07 15.21 33.30
N SER B 291 -10.89 15.22 34.62
CA SER B 291 -9.92 14.33 35.24
C SER B 291 -10.29 12.87 35.02
N GLU B 292 -11.59 12.57 35.03
CA GLU B 292 -12.06 11.21 34.74
C GLU B 292 -11.64 10.79 33.33
N LEU B 293 -11.84 11.68 32.35
CA LEU B 293 -11.40 11.39 30.99
C LEU B 293 -9.88 11.33 30.90
N ARG B 294 -9.20 12.22 31.60
CA ARG B 294 -7.74 12.26 31.55
C ARG B 294 -7.13 10.94 32.01
N THR B 295 -7.68 10.34 33.07
CA THR B 295 -7.12 9.11 33.59
C THR B 295 -7.19 7.98 32.56
N GLN B 296 -8.32 7.87 31.86
CA GLN B 296 -8.46 6.80 30.88
C GLN B 296 -7.63 7.07 29.62
N LEU B 297 -7.42 8.34 29.28
CA LEU B 297 -6.59 8.66 28.12
C LEU B 297 -5.17 8.12 28.30
N TYR B 298 -4.65 8.15 29.53
CA TYR B 298 -3.31 7.63 29.78
C TYR B 298 -3.26 6.13 29.53
N GLY B 299 -4.25 5.40 30.04
CA GLY B 299 -4.28 3.95 29.84
C GLY B 299 -4.46 3.58 28.38
N VAL B 300 -5.34 4.29 27.67
CA VAL B 300 -5.54 4.03 26.25
C VAL B 300 -4.26 4.34 25.47
N LEU B 301 -3.56 5.40 25.86
CA LEU B 301 -2.31 5.77 25.19
C LEU B 301 -1.24 4.69 25.37
N ARG B 302 -1.19 4.07 26.56
CA ARG B 302 -0.26 2.96 26.75
C ARG B 302 -0.55 1.81 25.80
N GLU B 303 -1.83 1.45 25.66
CA GLU B 303 -2.19 0.33 24.81
C GLU B 303 -2.01 0.67 23.33
N ILE B 304 -2.12 1.96 22.97
CA ILE B 304 -1.86 2.37 21.59
C ILE B 304 -0.38 2.21 21.27
N LEU B 305 0.50 2.69 22.15
CA LEU B 305 1.93 2.63 21.89
C LEU B 305 2.45 1.20 21.98
N ALA B 306 1.82 0.36 22.78
CA ALA B 306 2.22 -1.04 22.85
C ALA B 306 1.84 -1.79 21.57
N VAL B 307 0.61 -1.58 21.09
CA VAL B 307 0.14 -2.28 19.90
C VAL B 307 0.90 -1.82 18.66
N ARG B 308 1.14 -0.52 18.53
CA ARG B 308 1.66 0.04 17.29
C ARG B 308 3.19 0.00 17.23
N ASP B 309 3.87 0.39 18.30
CA ASP B 309 5.32 0.52 18.29
C ASP B 309 6.04 -0.56 19.10
N GLY B 310 5.32 -1.38 19.85
CA GLY B 310 5.96 -2.32 20.73
C GLY B 310 6.58 -1.69 21.96
N LYS B 311 6.29 -0.43 22.24
CA LYS B 311 6.80 0.22 23.44
C LYS B 311 5.90 -0.13 24.63
N GLN B 312 6.51 -0.52 25.73
CA GLN B 312 5.79 -0.91 26.93
C GLN B 312 6.17 0.03 28.08
N TYR B 313 5.18 0.65 28.69
CA TYR B 313 5.36 1.52 29.83
C TYR B 313 4.65 0.93 31.05
N PRO B 314 5.18 1.16 32.25
CA PRO B 314 4.49 0.68 33.45
C PRO B 314 3.23 1.47 33.69
N PRO B 315 2.18 0.84 34.23
CA PRO B 315 0.97 1.59 34.55
C PRO B 315 1.19 2.52 35.72
N GLN B 316 0.88 3.81 35.52
CA GLN B 316 1.09 4.82 36.54
C GLN B 316 -0.20 5.44 37.05
N HIS B 317 -1.31 5.30 36.33
CA HIS B 317 -2.56 5.96 36.67
C HIS B 317 -3.70 4.98 36.89
N SER B 318 -3.39 3.70 37.10
CA SER B 318 -4.43 2.70 37.25
C SER B 318 -5.23 2.91 38.53
N LEU B 319 -6.52 2.57 38.47
CA LEU B 319 -7.37 2.52 39.65
C LEU B 319 -7.32 1.15 40.33
N PHE B 320 -6.50 0.24 39.83
CA PHE B 320 -6.36 -1.11 40.37
C PHE B 320 -4.96 -1.30 40.94
N SER B 321 -4.86 -2.29 41.84
CA SER B 321 -3.57 -2.79 42.27
C SER B 321 -2.92 -3.55 41.11
N PRO B 322 -1.65 -3.93 41.24
CA PRO B 322 -1.06 -4.83 40.23
C PRO B 322 -1.67 -6.22 40.31
N GLN B 323 -1.22 -7.12 39.43
CA GLN B 323 -1.64 -8.52 39.54
C GLN B 323 -1.18 -9.08 40.87
N ARG B 324 -2.06 -9.84 41.52
CA ARG B 324 -1.75 -10.43 42.81
C ARG B 324 -1.23 -11.85 42.71
N SER B 325 -1.50 -12.55 41.62
CA SER B 325 -0.99 -13.90 41.38
C SER B 325 -1.10 -14.18 39.89
N THR B 326 -0.89 -15.45 39.52
CA THR B 326 -1.07 -15.89 38.15
C THR B 326 -2.10 -17.02 38.11
N PHE B 327 -2.67 -17.24 36.93
CA PHE B 327 -3.59 -18.35 36.75
C PHE B 327 -3.30 -19.03 35.42
N GLY B 328 -3.56 -20.34 35.38
CA GLY B 328 -3.47 -21.13 34.16
C GLY B 328 -2.08 -21.33 33.59
N THR B 329 -1.02 -20.98 34.33
CA THR B 329 0.33 -21.13 33.78
C THR B 329 0.81 -22.57 33.77
N LYS B 330 0.40 -23.38 34.75
CA LYS B 330 0.75 -24.78 34.83
C LYS B 330 -0.38 -25.70 34.38
N HIS B 331 -1.41 -25.14 33.75
CA HIS B 331 -2.56 -25.93 33.32
C HIS B 331 -2.15 -27.06 32.39
N LEU B 332 -1.53 -26.73 31.26
CA LEU B 332 -1.22 -27.74 30.25
C LEU B 332 -0.14 -28.70 30.71
N VAL B 333 0.81 -28.23 31.51
CA VAL B 333 1.93 -29.08 31.91
C VAL B 333 1.52 -30.06 32.99
N PHE B 334 0.67 -29.64 33.93
CA PHE B 334 0.26 -30.52 35.02
C PHE B 334 -0.53 -31.73 34.53
N ARG B 335 -1.13 -31.66 33.34
CA ARG B 335 -1.93 -32.77 32.84
C ARG B 335 -1.10 -33.99 32.49
N THR B 336 0.20 -33.84 32.31
CA THR B 336 1.06 -34.98 32.02
C THR B 336 1.60 -35.68 33.26
N ASP B 337 1.34 -35.14 34.46
CA ASP B 337 1.77 -35.78 35.68
C ASP B 337 0.98 -37.08 35.90
N ARG B 338 1.67 -38.11 36.38
CA ARG B 338 1.03 -39.40 36.58
C ARG B 338 0.24 -39.40 37.88
N ILE B 339 -0.94 -40.01 37.84
CA ILE B 339 -1.88 -39.94 38.95
C ILE B 339 -1.40 -40.77 40.13
N GLN B 346 -8.52 -34.32 34.78
CA GLN B 346 -9.67 -33.62 35.34
C GLN B 346 -9.29 -32.19 35.73
N ALA B 347 -8.07 -31.78 35.35
CA ALA B 347 -7.61 -30.44 35.68
C ALA B 347 -8.30 -29.39 34.82
N ARG B 348 -8.67 -28.29 35.45
CA ARG B 348 -9.38 -27.20 34.77
C ARG B 348 -8.96 -25.88 35.40
N ILE B 349 -9.14 -24.80 34.63
CA ILE B 349 -8.96 -23.45 35.17
C ILE B 349 -10.19 -23.09 35.99
N THR B 350 -9.98 -22.66 37.23
CA THR B 350 -11.08 -22.43 38.15
C THR B 350 -11.30 -20.93 38.39
N ALA B 351 -12.51 -20.61 38.80
CA ALA B 351 -12.81 -19.21 39.13
C ALA B 351 -12.03 -18.71 40.35
N PRO B 352 -11.90 -19.47 41.45
CA PRO B 352 -11.09 -18.96 42.57
C PRO B 352 -9.64 -18.72 42.20
N GLU B 353 -9.11 -19.47 41.24
CA GLU B 353 -7.74 -19.24 40.76
C GLU B 353 -7.66 -17.93 39.98
N ILE B 354 -8.69 -17.63 39.18
CA ILE B 354 -8.71 -16.39 38.42
C ILE B 354 -8.86 -15.19 39.37
N VAL B 355 -9.75 -15.31 40.36
CA VAL B 355 -10.01 -14.21 41.28
C VAL B 355 -8.77 -13.90 42.11
N SER B 356 -8.06 -14.94 42.55
CA SER B 356 -6.85 -14.73 43.34
C SER B 356 -5.76 -14.03 42.55
N ALA B 357 -5.79 -14.12 41.22
CA ALA B 357 -4.81 -13.44 40.38
C ALA B 357 -5.23 -12.02 40.03
N LEU B 358 -6.52 -11.78 39.84
CA LEU B 358 -7.01 -10.47 39.42
C LEU B 358 -6.73 -9.42 40.50
N PRO B 359 -6.53 -8.16 40.10
CA PRO B 359 -6.26 -7.10 41.07
C PRO B 359 -7.46 -6.74 41.94
N VAL B 360 -7.24 -5.85 42.89
CA VAL B 360 -8.31 -5.27 43.69
C VAL B 360 -8.33 -3.76 43.44
N PRO B 361 -9.48 -3.10 43.54
CA PRO B 361 -9.50 -1.64 43.36
C PRO B 361 -8.69 -0.94 44.43
N LEU B 362 -8.01 0.13 44.04
CA LEU B 362 -7.30 0.95 45.01
C LEU B 362 -8.30 1.72 45.87
N ILE B 363 -7.97 1.85 47.15
CA ILE B 363 -8.86 2.52 48.10
C ILE B 363 -8.92 4.02 47.78
N ASP B 364 -10.13 4.57 47.76
CA ASP B 364 -10.33 6.00 47.54
C ASP B 364 -10.11 6.73 48.86
N ARG B 365 -9.16 7.67 48.87
CA ARG B 365 -8.84 8.40 50.10
C ARG B 365 -9.87 9.47 50.44
N THR B 366 -10.63 9.97 49.46
CA THR B 366 -11.66 10.96 49.74
C THR B 366 -12.85 10.37 50.48
N ASP B 367 -12.98 9.04 50.47
CA ASP B 367 -14.07 8.39 51.19
C ASP B 367 -13.89 8.62 52.70
N PRO B 368 -14.97 8.93 53.42
CA PRO B 368 -14.83 9.15 54.87
C PRO B 368 -14.31 7.93 55.63
N GLY B 369 -14.65 6.73 55.19
CA GLY B 369 -14.22 5.54 55.89
C GLY B 369 -12.87 5.01 55.44
N ALA B 370 -12.10 5.87 54.74
CA ALA B 370 -10.78 5.47 54.26
C ALA B 370 -9.85 5.12 55.41
N ARG B 371 -10.01 5.78 56.56
CA ARG B 371 -9.20 5.48 57.72
C ARG B 371 -9.47 4.08 58.27
N MET B 372 -10.64 3.51 58.00
CA MET B 372 -10.96 2.19 58.50
C MET B 372 -10.25 1.08 57.74
N LEU B 373 -9.75 1.35 56.54
CA LEU B 373 -9.12 0.31 55.74
C LEU B 373 -7.59 0.44 55.77
N ALA B 379 -5.06 -8.87 59.02
CA ALA B 379 -5.39 -9.37 57.69
C ALA B 379 -6.42 -10.49 57.76
N GLU B 380 -6.73 -10.94 58.97
CA GLU B 380 -7.70 -12.00 59.15
C GLU B 380 -9.08 -11.53 58.68
N PRO B 381 -9.71 -12.22 57.72
CA PRO B 381 -11.00 -11.73 57.21
C PRO B 381 -12.11 -11.76 58.24
N SER B 382 -12.11 -12.74 59.15
CA SER B 382 -13.17 -12.80 60.16
C SER B 382 -13.09 -11.61 61.09
N GLU B 383 -11.88 -11.19 61.47
CA GLU B 383 -11.74 -10.01 62.31
C GLU B 383 -12.06 -8.74 61.52
N THR B 384 -11.59 -8.68 60.28
CA THR B 384 -11.88 -7.52 59.43
C THR B 384 -13.37 -7.34 59.20
N LEU B 385 -14.08 -8.43 58.92
CA LEU B 385 -15.53 -8.34 58.71
C LEU B 385 -16.24 -7.78 59.93
N GLU B 386 -15.88 -8.25 61.12
CA GLU B 386 -16.56 -7.78 62.34
C GLU B 386 -16.25 -6.31 62.61
N THR B 387 -14.98 -5.92 62.52
CA THR B 387 -14.61 -4.54 62.82
C THR B 387 -15.26 -3.57 61.83
N LEU B 388 -15.35 -3.95 60.56
CA LEU B 388 -16.00 -3.09 59.58
C LEU B 388 -17.51 -3.04 59.76
N ARG B 389 -18.10 -4.05 60.38
CA ARG B 389 -19.56 -4.05 60.57
C ARG B 389 -19.98 -3.07 61.67
N ASN B 390 -19.29 -3.09 62.82
CA ASN B 390 -19.63 -2.11 63.86
C ASN B 390 -19.25 -0.69 63.47
N SER B 391 -18.41 -0.52 62.43
CA SER B 391 -18.18 0.82 61.90
C SER B 391 -19.42 1.32 61.16
N MET B 392 -20.11 0.41 60.47
CA MET B 392 -21.36 0.79 59.81
C MET B 392 -22.46 1.08 60.81
N GLU B 393 -22.26 0.76 62.10
CA GLU B 393 -23.21 1.13 63.14
C GLU B 393 -23.15 2.58 63.53
N ASP B 394 -22.30 3.38 62.90
CA ASP B 394 -22.12 4.77 63.26
C ASP B 394 -22.49 5.66 62.08
N GLU B 395 -23.33 6.67 62.35
CA GLU B 395 -23.78 7.60 61.32
C GLU B 395 -22.61 8.34 60.68
N GLN B 396 -21.44 8.35 61.33
CA GLN B 396 -20.27 9.03 60.78
C GLN B 396 -19.85 8.45 59.44
N TYR B 397 -20.24 7.20 59.13
CA TYR B 397 -19.86 6.55 57.88
C TYR B 397 -21.06 6.15 57.01
N ARG B 398 -22.21 6.80 57.18
CA ARG B 398 -23.41 6.34 56.47
C ARG B 398 -23.26 6.45 54.96
N GLN B 399 -22.53 7.44 54.46
CA GLN B 399 -22.39 7.64 53.02
C GLN B 399 -21.12 6.99 52.46
N SER B 400 -20.36 6.27 53.27
CA SER B 400 -19.13 5.65 52.80
C SER B 400 -19.41 4.58 51.76
N ILE B 401 -18.48 4.44 50.82
CA ILE B 401 -18.51 3.36 49.85
C ILE B 401 -17.41 2.33 50.09
N GLU B 402 -16.25 2.75 50.62
CA GLU B 402 -15.18 1.82 50.90
C GLU B 402 -15.58 0.80 51.98
N ILE B 403 -16.23 1.27 53.04
CA ILE B 403 -16.63 0.37 54.13
C ILE B 403 -17.61 -0.69 53.66
N PRO B 404 -18.72 -0.36 52.97
CA PRO B 404 -19.61 -1.43 52.50
C PRO B 404 -18.95 -2.39 51.53
N LEU B 405 -18.14 -1.89 50.60
CA LEU B 405 -17.44 -2.80 49.69
C LEU B 405 -16.31 -3.55 50.36
N GLY B 406 -15.74 -2.99 51.45
CA GLY B 406 -14.82 -3.76 52.26
C GLY B 406 -15.49 -4.93 52.95
N VAL B 407 -16.78 -4.79 53.28
CA VAL B 407 -17.53 -5.92 53.83
C VAL B 407 -17.71 -7.00 52.77
N VAL B 408 -17.99 -6.59 51.51
CA VAL B 408 -18.12 -7.57 50.43
C VAL B 408 -16.82 -8.35 50.26
N ARG B 409 -15.68 -7.64 50.25
CA ARG B 409 -14.40 -8.32 50.09
C ARG B 409 -14.14 -9.30 51.23
N ALA B 410 -14.46 -8.90 52.46
CA ALA B 410 -14.27 -9.82 53.59
C ALA B 410 -15.14 -11.06 53.44
N LEU B 411 -16.39 -10.88 53.03
CA LEU B 411 -17.28 -12.02 52.83
C LEU B 411 -16.76 -12.96 51.74
N LEU B 412 -16.21 -12.39 50.65
CA LEU B 412 -15.66 -13.23 49.59
C LEU B 412 -14.38 -13.93 50.03
N ASP B 413 -13.58 -13.28 50.87
CA ASP B 413 -12.36 -13.91 51.36
C ASP B 413 -12.66 -15.01 52.38
N LEU B 414 -13.81 -14.93 53.06
CA LEU B 414 -14.25 -15.96 54.00
C LEU B 414 -15.00 -17.09 53.32
N GLY B 415 -15.22 -17.02 52.01
CA GLY B 415 -15.98 -18.01 51.29
C GLY B 415 -17.48 -17.88 51.40
N PHE B 416 -17.97 -16.82 52.04
CA PHE B 416 -19.42 -16.59 52.17
C PHE B 416 -19.92 -15.87 50.92
N THR B 417 -19.85 -16.58 49.80
CA THR B 417 -20.13 -15.97 48.51
C THR B 417 -21.60 -15.57 48.39
N THR B 418 -22.51 -16.38 48.92
CA THR B 418 -23.94 -16.07 48.78
C THR B 418 -24.31 -14.84 49.59
N GLU B 419 -23.75 -14.68 50.79
CA GLU B 419 -24.01 -13.47 51.56
C GLU B 419 -23.43 -12.24 50.89
N ALA B 420 -22.30 -12.39 50.20
CA ALA B 420 -21.72 -11.26 49.48
C ALA B 420 -22.62 -10.80 48.34
N ARG B 421 -23.25 -11.75 47.64
CA ARG B 421 -24.19 -11.38 46.58
C ARG B 421 -25.41 -10.69 47.15
N GLN B 422 -25.94 -11.18 48.27
CA GLN B 422 -27.12 -10.57 48.88
C GLN B 422 -26.79 -9.17 49.40
N TRP B 423 -25.60 -9.00 49.97
CA TRP B 423 -25.20 -7.68 50.45
C TRP B 423 -24.94 -6.72 49.29
N LEU B 424 -24.47 -7.23 48.14
CA LEU B 424 -24.33 -6.39 46.96
C LEU B 424 -25.69 -5.95 46.43
N GLU B 425 -26.71 -6.82 46.52
CA GLU B 425 -28.05 -6.41 46.11
C GLU B 425 -28.61 -5.34 47.04
N THR B 426 -28.31 -5.43 48.34
CA THR B 426 -28.78 -4.42 49.28
C THR B 426 -28.20 -3.05 48.98
N LEU B 427 -26.96 -3.00 48.51
CA LEU B 427 -26.29 -1.75 48.18
C LEU B 427 -26.57 -1.26 46.77
N GLU B 428 -27.29 -2.06 45.96
CA GLU B 428 -27.49 -1.70 44.56
C GLU B 428 -28.22 -0.37 44.41
N GLY B 429 -29.23 -0.13 45.25
CA GLY B 429 -30.00 1.10 45.13
C GLY B 429 -29.17 2.36 45.31
N ARG B 430 -28.26 2.34 46.27
CA ARG B 430 -27.50 3.55 46.61
C ARG B 430 -26.23 3.70 45.77
N ILE B 431 -25.44 2.64 45.65
CA ILE B 431 -24.12 2.72 45.03
C ILE B 431 -23.98 1.81 43.83
N GLY B 432 -25.11 1.36 43.25
CA GLY B 432 -25.05 0.44 42.13
C GLY B 432 -24.35 1.00 40.91
N ASP B 433 -24.38 2.32 40.72
CA ASP B 433 -23.75 2.91 39.54
C ASP B 433 -22.24 2.91 39.65
N ASP B 434 -21.70 2.91 40.86
CA ASP B 434 -20.25 2.98 41.05
C ASP B 434 -19.57 1.75 40.45
N TRP B 435 -18.49 1.99 39.68
CA TRP B 435 -17.84 0.89 38.97
C TRP B 435 -17.28 -0.15 39.91
N ARG B 436 -16.92 0.25 41.14
CA ARG B 436 -16.42 -0.73 42.09
C ARG B 436 -17.50 -1.70 42.53
N HIS B 437 -18.76 -1.24 42.55
CA HIS B 437 -19.88 -2.15 42.79
C HIS B 437 -20.04 -3.12 41.63
N LYS B 438 -19.92 -2.63 40.40
CA LYS B 438 -20.00 -3.50 39.23
C LYS B 438 -18.84 -4.50 39.20
N TRP B 439 -17.65 -4.06 39.59
CA TRP B 439 -16.50 -4.96 39.60
C TRP B 439 -16.71 -6.11 40.57
N PHE B 440 -17.13 -5.81 41.80
CA PHE B 440 -17.30 -6.88 42.79
C PHE B 440 -18.54 -7.72 42.49
N SER B 441 -19.52 -7.16 41.80
CA SER B 441 -20.63 -7.99 41.32
C SER B 441 -20.13 -9.02 40.32
N GLY B 442 -19.22 -8.62 39.43
CA GLY B 442 -18.64 -9.57 38.50
C GLY B 442 -17.79 -10.62 39.20
N ILE B 443 -17.01 -10.20 40.19
CA ILE B 443 -16.20 -11.15 40.96
C ILE B 443 -17.10 -12.16 41.66
N THR B 444 -18.17 -11.68 42.30
CA THR B 444 -19.04 -12.56 43.06
C THR B 444 -19.74 -13.57 42.15
N TYR B 445 -20.29 -13.10 41.02
CA TYR B 445 -20.96 -14.01 40.09
C TYR B 445 -19.98 -14.95 39.41
N LEU B 446 -18.74 -14.51 39.20
CA LEU B 446 -17.71 -15.42 38.70
C LEU B 446 -17.45 -16.54 39.70
N LEU B 447 -17.43 -16.20 40.99
CA LEU B 447 -17.22 -17.23 42.01
C LEU B 447 -18.44 -18.13 42.16
N LEU B 448 -19.63 -17.63 41.82
CA LEU B 448 -20.83 -18.45 41.82
C LEU B 448 -20.98 -19.27 40.54
N ASP B 449 -19.98 -19.23 39.66
CA ASP B 449 -19.98 -19.98 38.40
C ASP B 449 -21.13 -19.56 37.48
N ASP B 450 -21.68 -18.36 37.69
CA ASP B 450 -22.65 -17.77 36.77
C ASP B 450 -21.88 -16.90 35.80
N TYR B 451 -21.30 -17.56 34.78
CA TYR B 451 -20.37 -16.88 33.89
C TYR B 451 -21.07 -15.84 33.01
N ALA B 452 -22.34 -16.06 32.69
CA ALA B 452 -23.06 -15.11 31.84
C ALA B 452 -23.27 -13.78 32.57
N THR B 453 -23.60 -13.83 33.86
CA THR B 453 -23.81 -12.59 34.62
C THR B 453 -22.49 -11.88 34.86
N ALA B 454 -21.43 -12.63 35.18
CA ALA B 454 -20.12 -12.02 35.38
C ALA B 454 -19.64 -11.28 34.13
N GLN B 455 -19.92 -11.85 32.95
CA GLN B 455 -19.56 -11.18 31.71
C GLN B 455 -20.24 -9.82 31.58
N VAL B 456 -21.49 -9.73 32.05
CA VAL B 456 -22.23 -8.46 31.96
C VAL B 456 -21.58 -7.41 32.85
N PHE B 457 -21.24 -7.77 34.08
CA PHE B 457 -20.69 -6.80 35.02
C PHE B 457 -19.27 -6.40 34.63
N PHE B 458 -18.47 -7.34 34.15
CA PHE B 458 -17.11 -6.99 33.74
C PHE B 458 -17.11 -6.13 32.48
N ASN B 459 -18.10 -6.32 31.60
CA ASN B 459 -18.23 -5.43 30.45
C ASN B 459 -18.63 -4.03 30.89
N HIS B 460 -19.50 -3.93 31.91
CA HIS B 460 -19.87 -2.63 32.46
C HIS B 460 -18.65 -1.87 32.97
N VAL B 461 -17.74 -2.58 33.64
CA VAL B 461 -16.53 -1.93 34.15
C VAL B 461 -15.63 -1.50 33.01
N LEU B 462 -15.45 -2.36 32.01
CA LEU B 462 -14.60 -2.02 30.88
C LEU B 462 -15.15 -0.82 30.10
N THR B 463 -16.48 -0.73 29.98
CA THR B 463 -17.09 0.43 29.34
C THR B 463 -16.76 1.71 30.09
N ILE B 464 -16.80 1.67 31.42
CA ILE B 464 -16.55 2.86 32.22
C ILE B 464 -15.06 3.15 32.32
N LEU B 465 -14.21 2.12 32.32
CA LEU B 465 -12.76 2.27 32.46
C LEU B 465 -12.06 1.62 31.26
N PRO B 466 -12.18 2.21 30.07
CA PRO B 466 -11.61 1.55 28.87
C PRO B 466 -10.10 1.50 28.87
N GLY B 467 -9.42 2.27 29.70
CA GLY B 467 -7.98 2.23 29.74
C GLY B 467 -7.38 1.28 30.75
N GLU B 468 -8.19 0.51 31.47
CA GLU B 468 -7.71 -0.36 32.53
C GLU B 468 -7.54 -1.78 32.02
N ALA B 469 -6.42 -2.41 32.41
CA ALA B 469 -6.12 -3.77 31.96
C ALA B 469 -6.91 -4.83 32.73
N ALA B 470 -7.22 -4.57 34.01
CA ALA B 470 -7.86 -5.60 34.83
C ALA B 470 -9.20 -6.07 34.30
N PRO B 471 -10.14 -5.19 33.91
CA PRO B 471 -11.39 -5.72 33.34
C PRO B 471 -11.20 -6.47 32.03
N LYS B 472 -10.15 -6.16 31.26
CA LYS B 472 -9.92 -6.89 30.01
C LYS B 472 -9.48 -8.32 30.31
N LEU B 473 -8.59 -8.51 31.29
CA LEU B 473 -8.16 -9.85 31.65
C LEU B 473 -9.28 -10.63 32.30
N ALA B 474 -10.10 -9.97 33.12
CA ALA B 474 -11.27 -10.62 33.70
C ALA B 474 -12.23 -11.09 32.61
N LEU B 475 -12.55 -10.21 31.66
CA LEU B 475 -13.41 -10.60 30.55
C LEU B 475 -12.81 -11.74 29.74
N ALA B 476 -11.50 -11.69 29.49
CA ALA B 476 -10.87 -12.77 28.73
C ALA B 476 -10.95 -14.09 29.47
N ALA B 477 -10.81 -14.06 30.80
CA ALA B 477 -10.87 -15.30 31.58
C ALA B 477 -12.30 -15.81 31.69
N VAL B 478 -13.28 -14.90 31.82
CA VAL B 478 -14.67 -15.32 31.88
C VAL B 478 -15.10 -15.92 30.54
N ASP B 479 -14.67 -15.32 29.43
CA ASP B 479 -14.97 -15.88 28.13
C ASP B 479 -14.33 -17.26 27.96
N GLU B 480 -13.13 -17.43 28.49
CA GLU B 480 -12.47 -18.74 28.43
C GLU B 480 -13.21 -19.76 29.29
N LEU B 481 -13.76 -19.34 30.43
CA LEU B 481 -14.55 -20.27 31.24
C LEU B 481 -15.87 -20.62 30.55
N ILE B 482 -16.43 -19.68 29.79
CA ILE B 482 -17.63 -19.99 29.02
C ILE B 482 -17.34 -21.08 28.00
N LEU B 483 -16.21 -20.97 27.30
CA LEU B 483 -15.83 -22.00 26.34
C LEU B 483 -15.46 -23.31 27.03
N GLN B 484 -14.87 -23.24 28.22
CA GLN B 484 -14.56 -24.45 28.97
C GLN B 484 -15.84 -25.13 29.46
N GLN B 485 -16.84 -24.33 29.83
CA GLN B 485 -18.12 -24.90 30.25
C GLN B 485 -18.79 -25.66 29.11
N ILE B 486 -18.61 -25.20 27.86
CA ILE B 486 -19.22 -25.85 26.72
C ILE B 486 -18.29 -26.86 26.05
N GLY B 487 -17.08 -27.04 26.58
CA GLY B 487 -16.13 -27.98 26.02
C GLY B 487 -15.63 -27.61 24.65
N ALA B 488 -15.25 -26.35 24.46
CA ALA B 488 -14.80 -25.84 23.16
C ALA B 488 -13.30 -25.56 23.13
N GLU B 489 -12.55 -26.07 24.11
CA GLU B 489 -11.11 -25.83 24.14
C GLU B 489 -10.34 -26.56 23.03
N SER B 490 -11.04 -27.33 22.19
CA SER B 490 -10.42 -27.96 21.03
C SER B 490 -11.17 -27.66 19.73
N THR B 491 -12.27 -26.90 19.80
CA THR B 491 -13.07 -26.57 18.62
C THR B 491 -12.64 -25.20 18.10
N ALA B 492 -12.46 -25.10 16.78
CA ALA B 492 -12.15 -23.85 16.12
C ALA B 492 -13.41 -23.23 15.56
N TYR B 493 -13.54 -21.91 15.70
CA TYR B 493 -14.68 -21.17 15.17
C TYR B 493 -14.31 -20.08 14.18
N LEU B 494 -13.04 -19.70 14.09
CA LEU B 494 -12.62 -18.58 13.26
C LEU B 494 -11.72 -19.06 12.13
N THR B 495 -11.69 -18.27 11.06
CA THR B 495 -10.83 -18.59 9.92
C THR B 495 -9.38 -18.29 10.28
N PRO B 496 -8.43 -19.02 9.68
CA PRO B 496 -7.01 -18.80 10.01
C PRO B 496 -6.51 -17.39 9.77
N ASP B 497 -7.10 -16.67 8.80
CA ASP B 497 -6.65 -15.31 8.54
C ASP B 497 -7.12 -14.35 9.63
N ILE B 498 -8.34 -14.54 10.13
CA ILE B 498 -8.83 -13.69 11.21
C ILE B 498 -8.02 -13.93 12.47
N VAL B 499 -7.76 -15.20 12.80
CA VAL B 499 -6.97 -15.52 13.99
C VAL B 499 -5.57 -14.94 13.88
N SER B 500 -4.93 -15.14 12.73
CA SER B 500 -3.57 -14.66 12.55
C SER B 500 -3.49 -13.14 12.70
N ALA B 501 -4.46 -12.42 12.15
CA ALA B 501 -4.47 -10.97 12.27
C ALA B 501 -4.82 -10.53 13.69
N THR B 502 -5.80 -11.20 14.31
CA THR B 502 -6.22 -10.82 15.65
C THR B 502 -5.11 -11.09 16.67
N ALA B 503 -4.39 -12.19 16.52
CA ALA B 503 -3.38 -12.56 17.51
C ALA B 503 -2.22 -11.57 17.55
N THR B 504 -1.91 -10.95 16.42
CA THR B 504 -0.78 -10.03 16.36
C THR B 504 -1.19 -8.57 16.47
N LEU B 505 -2.47 -8.26 16.23
CA LEU B 505 -2.98 -6.87 16.31
C LEU B 505 -2.16 -5.95 15.42
N SER B 506 -1.87 -6.39 14.21
CA SER B 506 -1.05 -5.62 13.29
C SER B 506 -1.93 -5.01 12.20
N LYS B 507 -1.30 -4.47 11.16
CA LYS B 507 -2.06 -3.94 10.02
C LYS B 507 -2.90 -5.01 9.35
N ASP B 508 -2.54 -6.29 9.51
CA ASP B 508 -3.35 -7.37 8.96
C ASP B 508 -4.76 -7.36 9.54
N PHE B 509 -4.90 -6.97 10.81
CA PHE B 509 -6.22 -6.84 11.42
C PHE B 509 -7.04 -5.74 10.76
N GLU B 510 -6.38 -4.77 10.13
CA GLU B 510 -7.07 -3.72 9.38
C GLU B 510 -7.36 -4.13 7.94
N ASP B 511 -6.51 -5.00 7.36
CA ASP B 511 -6.69 -5.43 5.97
C ASP B 511 -7.92 -6.32 5.80
N LEU B 512 -8.43 -6.91 6.87
CA LEU B 512 -9.58 -7.78 6.79
C LEU B 512 -10.84 -7.00 6.38
N ASP B 513 -11.71 -7.66 5.63
CA ASP B 513 -12.95 -7.05 5.18
C ASP B 513 -13.98 -7.05 6.31
N ALA B 514 -14.95 -6.14 6.19
CA ALA B 514 -16.01 -6.05 7.19
C ALA B 514 -16.87 -7.30 7.23
N SER B 515 -16.84 -8.10 6.16
CA SER B 515 -17.57 -9.37 6.13
C SER B 515 -16.93 -10.42 7.03
N ALA B 516 -15.67 -10.21 7.44
CA ALA B 516 -15.03 -11.15 8.35
C ALA B 516 -15.62 -11.07 9.76
N PHE B 517 -16.27 -9.96 10.10
CA PHE B 517 -16.81 -9.73 11.44
C PHE B 517 -18.34 -9.82 11.47
N GLU B 518 -18.92 -10.68 10.63
CA GLU B 518 -20.38 -10.74 10.53
C GLU B 518 -21.02 -11.10 11.86
N SER B 519 -20.39 -11.98 12.64
CA SER B 519 -20.98 -12.40 13.90
C SER B 519 -20.94 -11.31 14.97
N LEU B 520 -20.05 -10.34 14.82
CA LEU B 520 -19.95 -9.26 15.78
C LEU B 520 -21.00 -8.18 15.50
N SER B 521 -21.45 -7.53 16.57
CA SER B 521 -22.33 -6.38 16.43
C SER B 521 -21.56 -5.21 15.82
N ASP B 522 -22.30 -4.16 15.45
CA ASP B 522 -21.66 -2.99 14.85
C ASP B 522 -20.65 -2.36 15.79
N THR B 523 -20.87 -2.47 17.11
CA THR B 523 -19.95 -1.94 18.10
C THR B 523 -19.06 -3.01 18.72
N TRP B 524 -19.05 -4.23 18.15
CA TRP B 524 -18.27 -5.35 18.68
C TRP B 524 -18.56 -5.57 20.15
N SER B 525 -19.85 -5.70 20.48
CA SER B 525 -20.26 -5.87 21.87
C SER B 525 -19.69 -7.13 22.48
N HIS B 526 -19.28 -7.03 23.75
CA HIS B 526 -18.72 -8.18 24.47
C HIS B 526 -19.79 -9.12 25.00
N ILE B 527 -21.03 -8.66 25.11
CA ILE B 527 -22.11 -9.46 25.68
C ILE B 527 -22.61 -10.42 24.61
N SER B 528 -22.37 -11.72 24.82
CA SER B 528 -22.78 -12.72 23.84
C SER B 528 -22.67 -14.10 24.44
N SER B 529 -23.54 -15.00 23.99
CA SER B 529 -23.42 -16.42 24.27
C SER B 529 -23.01 -17.21 23.04
N ASP B 530 -22.88 -16.56 21.90
CA ASP B 530 -22.41 -17.19 20.67
C ASP B 530 -20.94 -17.57 20.83
N PRO B 531 -20.57 -18.84 20.67
CA PRO B 531 -19.16 -19.23 20.83
C PRO B 531 -18.21 -18.53 19.87
N HIS B 532 -18.68 -18.11 18.70
CA HIS B 532 -17.82 -17.40 17.77
C HIS B 532 -17.37 -16.06 18.35
N VAL B 533 -18.30 -15.32 18.94
CA VAL B 533 -17.95 -14.02 19.52
C VAL B 533 -17.15 -14.20 20.80
N VAL B 534 -17.54 -15.17 21.63
CA VAL B 534 -16.83 -15.43 22.88
C VAL B 534 -15.37 -15.80 22.61
N ARG B 535 -15.15 -16.60 21.56
CA ARG B 535 -13.78 -16.97 21.20
C ARG B 535 -13.00 -15.79 20.64
N PHE B 536 -13.65 -14.97 19.82
CA PHE B 536 -12.97 -13.81 19.25
C PHE B 536 -12.53 -12.84 20.34
N HIS B 537 -13.42 -12.54 21.30
CA HIS B 537 -13.07 -11.58 22.34
C HIS B 537 -12.04 -12.15 23.31
N SER B 538 -12.17 -13.41 23.70
CA SER B 538 -11.17 -14.03 24.56
C SER B 538 -9.80 -14.03 23.88
N LEU B 539 -9.77 -14.37 22.59
CA LEU B 539 -8.51 -14.35 21.85
C LEU B 539 -7.94 -12.94 21.77
N ARG B 540 -8.79 -11.96 21.49
CA ARG B 540 -8.31 -10.59 21.29
C ARG B 540 -7.87 -9.95 22.61
N LEU B 541 -8.66 -10.13 23.67
CA LEU B 541 -8.34 -9.49 24.95
C LEU B 541 -7.04 -10.02 25.53
N TYR B 542 -6.83 -11.34 25.50
CA TYR B 542 -5.56 -11.89 25.94
C TYR B 542 -4.40 -11.32 25.14
N ALA B 543 -4.57 -11.21 23.81
CA ALA B 543 -3.50 -10.68 22.98
C ALA B 543 -3.20 -9.23 23.33
N LEU B 544 -4.24 -8.42 23.56
CA LEU B 544 -4.02 -7.02 23.89
C LEU B 544 -3.32 -6.88 25.24
N VAL B 545 -3.75 -7.65 26.23
CA VAL B 545 -3.14 -7.56 27.56
C VAL B 545 -1.69 -7.99 27.52
N TRP B 546 -1.39 -9.06 26.77
CA TRP B 546 -0.04 -9.57 26.69
C TRP B 546 0.91 -8.59 26.01
N ALA B 547 0.45 -7.93 24.94
CA ALA B 547 1.29 -6.96 24.26
C ALA B 547 1.53 -5.72 25.09
N THR B 548 0.62 -5.40 26.01
CA THR B 548 0.72 -4.19 26.82
C THR B 548 1.47 -4.40 28.13
N ASN B 549 1.31 -5.57 28.75
CA ASN B 549 1.91 -5.85 30.05
C ASN B 549 2.71 -7.14 29.96
N PRO B 550 4.04 -7.07 29.87
CA PRO B 550 4.84 -8.29 29.82
C PRO B 550 4.89 -9.04 31.14
N THR B 551 4.51 -8.40 32.24
CA THR B 551 4.49 -9.08 33.53
C THR B 551 3.23 -9.92 33.74
N THR B 552 2.15 -9.62 33.02
CA THR B 552 0.91 -10.37 33.16
C THR B 552 1.01 -11.66 32.34
N VAL B 553 1.81 -12.59 32.86
CA VAL B 553 2.10 -13.83 32.15
C VAL B 553 0.87 -14.70 31.97
N SER B 554 -0.17 -14.51 32.80
CA SER B 554 -1.39 -15.27 32.63
C SER B 554 -2.03 -15.03 31.27
N SER B 555 -1.81 -13.84 30.69
CA SER B 555 -2.37 -13.55 29.38
C SER B 555 -1.59 -14.23 28.26
N ALA B 556 -0.28 -14.43 28.43
CA ALA B 556 0.49 -15.15 27.43
C ALA B 556 0.01 -16.60 27.32
N PHE B 557 -0.18 -17.27 28.46
CA PHE B 557 -0.69 -18.63 28.44
C PHE B 557 -2.14 -18.66 27.99
N GLY B 558 -2.92 -17.65 28.39
CA GLY B 558 -4.29 -17.57 27.90
C GLY B 558 -4.37 -17.36 26.40
N LEU B 559 -3.45 -16.57 25.85
CA LEU B 559 -3.42 -16.36 24.40
C LEU B 559 -3.05 -17.65 23.67
N ALA B 560 -2.04 -18.36 24.15
CA ALA B 560 -1.64 -19.62 23.52
C ALA B 560 -2.74 -20.65 23.58
N ARG B 561 -3.55 -20.64 24.64
CA ARG B 561 -4.65 -21.59 24.74
C ARG B 561 -5.72 -21.33 23.69
N GLN B 562 -6.08 -20.07 23.49
CA GLN B 562 -7.08 -19.74 22.47
C GLN B 562 -6.54 -20.01 21.07
N LEU B 563 -5.25 -19.75 20.85
CA LEU B 563 -4.66 -20.03 19.55
C LEU B 563 -4.63 -21.53 19.27
N MET B 564 -4.35 -22.34 20.30
CA MET B 564 -4.33 -23.78 20.12
C MET B 564 -5.69 -24.31 19.69
N ALA B 565 -6.76 -23.81 20.31
CA ALA B 565 -8.10 -24.24 19.93
C ALA B 565 -8.41 -23.91 18.47
N GLU B 566 -7.80 -22.85 17.94
CA GLU B 566 -7.96 -22.46 16.55
C GLU B 566 -6.95 -23.13 15.63
N ASN B 567 -6.27 -24.18 16.09
CA ASN B 567 -5.30 -24.93 15.29
C ASN B 567 -4.16 -24.05 14.78
N GLN B 568 -3.80 -23.04 15.56
CA GLN B 568 -2.73 -22.11 15.19
C GLN B 568 -1.52 -22.33 16.11
N ILE B 569 -0.91 -23.51 15.96
CA ILE B 569 0.20 -23.88 16.83
C ILE B 569 1.38 -22.95 16.62
N GLU B 570 1.61 -22.54 15.37
CA GLU B 570 2.76 -21.68 15.07
C GLU B 570 2.67 -20.37 15.85
N LEU B 571 1.49 -19.76 15.86
CA LEU B 571 1.32 -18.50 16.59
C LEU B 571 1.34 -18.73 18.10
N ALA B 572 0.77 -19.85 18.56
CA ALA B 572 0.81 -20.17 19.98
C ALA B 572 2.24 -20.30 20.49
N VAL B 573 3.11 -20.96 19.71
CA VAL B 573 4.51 -21.08 20.09
C VAL B 573 5.18 -19.71 20.12
N GLN B 574 4.86 -18.86 19.13
CA GLN B 574 5.48 -17.54 19.06
C GLN B 574 5.09 -16.67 20.25
N ALA B 575 3.83 -16.78 20.69
CA ALA B 575 3.36 -15.96 21.81
C ALA B 575 4.14 -16.27 23.09
N LEU B 576 4.30 -17.56 23.41
CA LEU B 576 5.00 -17.94 24.63
C LEU B 576 6.51 -17.80 24.52
N ASP B 577 7.06 -17.77 23.30
CA ASP B 577 8.49 -17.52 23.14
C ASP B 577 8.87 -16.08 23.45
N LYS B 578 7.90 -15.17 23.53
CA LYS B 578 8.18 -13.78 23.87
C LYS B 578 8.30 -13.56 25.37
N LEU B 579 7.93 -14.54 26.18
CA LEU B 579 8.12 -14.43 27.63
C LEU B 579 9.61 -14.45 27.92
N PRO B 580 10.16 -13.43 28.58
CA PRO B 580 11.63 -13.32 28.69
C PRO B 580 12.24 -14.37 29.61
N GLN B 581 13.53 -14.63 29.37
CA GLN B 581 14.28 -15.57 30.20
C GLN B 581 14.43 -15.09 31.63
N SER B 582 14.26 -13.79 31.88
CA SER B 582 14.36 -13.24 33.23
C SER B 582 13.15 -13.58 34.09
N SER B 583 12.07 -14.09 33.51
CA SER B 583 10.86 -14.40 34.26
C SER B 583 10.98 -15.75 34.96
N THR B 584 10.36 -15.83 36.15
CA THR B 584 10.31 -17.09 36.88
C THR B 584 9.41 -18.12 36.21
N HIS B 585 8.55 -17.70 35.29
CA HIS B 585 7.69 -18.62 34.55
C HIS B 585 8.33 -19.09 33.24
N TYR B 586 9.61 -18.79 33.03
CA TYR B 586 10.25 -19.11 31.76
C TYR B 586 10.30 -20.61 31.51
N ARG B 587 10.70 -21.38 32.53
CA ARG B 587 10.75 -22.84 32.38
C ARG B 587 9.37 -23.40 32.07
N MET B 588 8.34 -22.92 32.76
CA MET B 588 6.98 -23.39 32.50
C MET B 588 6.54 -23.05 31.08
N ALA B 589 6.89 -21.85 30.61
CA ALA B 589 6.53 -21.47 29.24
C ALA B 589 7.21 -22.36 28.22
N THR B 590 8.49 -22.69 28.45
CA THR B 590 9.21 -23.55 27.52
C THR B 590 8.62 -24.96 27.50
N LEU B 591 8.28 -25.50 28.67
CA LEU B 591 7.65 -26.82 28.72
C LEU B 591 6.29 -26.80 28.03
N THR B 592 5.57 -25.70 28.16
CA THR B 592 4.26 -25.59 27.54
C THR B 592 4.37 -25.59 26.02
N THR B 593 5.36 -24.88 25.47
CA THR B 593 5.52 -24.82 24.02
C THR B 593 5.86 -26.17 23.43
N ILE B 594 6.64 -26.99 24.16
CA ILE B 594 6.96 -28.32 23.67
C ILE B 594 5.70 -29.17 23.57
N LEU B 595 4.85 -29.10 24.59
CA LEU B 595 3.60 -29.88 24.57
C LEU B 595 2.62 -29.34 23.56
N LEU B 596 2.67 -28.03 23.28
CA LEU B 596 1.80 -27.47 22.25
C LEU B 596 2.13 -28.06 20.87
N LEU B 597 3.40 -28.32 20.61
CA LEU B 597 3.82 -28.84 19.31
C LEU B 597 3.29 -30.24 19.04
N VAL B 598 2.96 -31.00 20.08
CA VAL B 598 2.46 -32.37 19.94
C VAL B 598 1.04 -32.50 20.49
N SER B 599 0.33 -31.38 20.64
CA SER B 599 -1.02 -31.41 21.21
C SER B 599 -2.07 -31.78 20.17
N SER B 600 -1.96 -31.23 18.95
CA SER B 600 -2.95 -31.47 17.92
C SER B 600 -2.27 -31.38 16.55
N ASN B 601 -2.98 -31.85 15.53
CA ASN B 601 -2.55 -31.76 14.14
C ASN B 601 -1.10 -32.20 13.98
N LEU B 602 -0.86 -33.47 14.32
CA LEU B 602 0.51 -33.98 14.39
C LEU B 602 1.15 -34.07 13.02
N SER B 603 2.43 -33.72 12.95
CA SER B 603 3.24 -33.92 11.77
C SER B 603 4.66 -34.25 12.22
N GLU B 604 5.42 -34.90 11.34
CA GLU B 604 6.78 -35.28 11.70
C GLU B 604 7.62 -34.07 12.07
N SER B 605 7.44 -32.95 11.37
CA SER B 605 8.22 -31.75 11.65
C SER B 605 7.94 -31.22 13.06
N ARG B 606 6.67 -31.15 13.44
CA ARG B 606 6.33 -30.66 14.78
C ARG B 606 6.83 -31.62 15.85
N ILE B 607 6.77 -32.93 15.59
CA ILE B 607 7.23 -33.91 16.56
C ILE B 607 8.73 -33.81 16.76
N ARG B 608 9.48 -33.66 15.66
CA ARG B 608 10.93 -33.53 15.78
C ARG B 608 11.33 -32.20 16.40
N ARG B 609 10.62 -31.12 16.07
CA ARG B 609 10.92 -29.84 16.69
C ARG B 609 10.65 -29.88 18.19
N ALA B 610 9.55 -30.52 18.59
CA ALA B 610 9.26 -30.68 20.02
C ALA B 610 10.37 -31.45 20.71
N ALA B 611 10.84 -32.54 20.09
CA ALA B 611 11.93 -33.31 20.67
C ALA B 611 13.21 -32.48 20.73
N ARG B 612 13.48 -31.71 19.68
CA ARG B 612 14.69 -30.88 19.65
C ARG B 612 14.67 -29.80 20.71
N ARG B 613 13.49 -29.32 21.09
CA ARG B 613 13.38 -28.31 22.14
C ARG B 613 13.56 -28.92 23.52
N LEU B 614 13.01 -30.12 23.75
CA LEU B 614 13.18 -30.79 25.03
C LEU B 614 14.65 -31.09 25.32
N THR B 615 15.41 -31.46 24.28
CA THR B 615 16.82 -31.78 24.46
C THR B 615 17.61 -30.58 24.96
N GLU B 616 17.14 -29.37 24.65
CA GLU B 616 17.79 -28.16 25.15
C GLU B 616 17.52 -27.93 26.64
N ILE B 617 16.57 -28.64 27.21
CA ILE B 617 16.20 -28.50 28.62
C ILE B 617 17.04 -29.49 29.43
N PRO B 618 17.60 -29.07 30.58
CA PRO B 618 18.42 -29.98 31.38
C PRO B 618 17.62 -31.19 31.86
N THR B 619 18.29 -32.34 31.89
CA THR B 619 17.67 -33.56 32.42
C THR B 619 17.29 -33.44 33.89
N ASN B 620 17.83 -32.43 34.61
CA ASN B 620 17.43 -32.22 36.00
C ASN B 620 15.96 -31.91 36.14
N GLU B 621 15.33 -31.41 35.09
CA GLU B 621 13.92 -31.02 35.14
C GLU B 621 13.09 -32.22 35.54
N PRO B 622 12.32 -32.15 36.63
CA PRO B 622 11.56 -33.33 37.08
C PRO B 622 10.63 -33.89 36.01
N ARG B 623 9.99 -33.02 35.24
CA ARG B 623 9.02 -33.44 34.24
C ARG B 623 9.65 -33.78 32.90
N PHE B 624 10.99 -33.83 32.83
CA PHE B 624 11.67 -34.13 31.56
C PHE B 624 11.16 -35.44 30.96
N ASN B 625 11.18 -36.51 31.75
CA ASN B 625 10.86 -37.83 31.21
C ASN B 625 9.40 -37.91 30.78
N GLN B 626 8.49 -37.28 31.52
CA GLN B 626 7.08 -37.38 31.16
C GLN B 626 6.77 -36.56 29.91
N ILE B 627 7.51 -35.48 29.67
CA ILE B 627 7.39 -34.77 28.41
C ILE B 627 7.95 -35.62 27.27
N LYS B 628 9.08 -36.30 27.50
CA LYS B 628 9.66 -37.17 26.49
C LYS B 628 8.69 -38.26 26.07
N ILE B 629 7.97 -38.84 27.03
CA ILE B 629 6.97 -39.85 26.73
C ILE B 629 5.85 -39.24 25.87
N ALA B 630 5.41 -38.03 26.23
CA ALA B 630 4.34 -37.39 25.48
C ALA B 630 4.74 -37.16 24.03
N ILE B 631 6.01 -36.85 23.78
CA ILE B 631 6.48 -36.60 22.41
C ILE B 631 6.54 -37.91 21.64
N MET B 632 7.17 -38.94 22.22
CA MET B 632 7.27 -40.23 21.55
C MET B 632 5.89 -40.84 21.34
N SER B 633 4.98 -40.64 22.28
CA SER B 633 3.61 -41.12 22.11
C SER B 633 2.92 -40.40 20.97
N ALA B 634 3.18 -39.11 20.80
CA ALA B 634 2.65 -38.38 19.66
C ALA B 634 3.23 -38.94 18.35
N GLY B 635 4.54 -39.19 18.33
CA GLY B 635 5.16 -39.75 17.14
C GLY B 635 4.59 -41.11 16.78
N LEU B 636 4.41 -41.98 17.78
CA LEU B 636 3.83 -43.29 17.53
C LEU B 636 2.39 -43.16 17.03
N SER B 637 1.61 -42.27 17.65
CA SER B 637 0.24 -42.04 17.19
C SER B 637 0.21 -41.54 15.76
N TRP B 638 1.15 -40.66 15.39
CA TRP B 638 1.18 -40.12 14.03
C TRP B 638 1.55 -41.20 13.03
N LEU B 639 2.52 -42.05 13.37
CA LEU B 639 2.87 -43.16 12.48
C LEU B 639 1.68 -44.07 12.22
N ARG B 640 0.87 -44.31 13.25
CA ARG B 640 -0.26 -45.23 13.10
C ARG B 640 -1.39 -44.60 12.28
N GLU B 641 -1.63 -43.29 12.45
CA GLU B 641 -2.70 -42.64 11.70
C GLU B 641 -2.36 -42.59 10.22
N ARG B 642 -1.07 -42.41 9.90
CA ARG B 642 -0.61 -42.42 8.51
C ARG B 642 -0.38 -43.82 7.99
N LYS B 643 -0.51 -44.84 8.84
CA LYS B 643 -0.22 -46.23 8.49
C LYS B 643 1.21 -46.38 7.97
N LEU B 644 2.15 -45.75 8.67
CA LEU B 644 3.56 -45.79 8.32
C LEU B 644 4.33 -46.63 9.32
N LYS B 645 5.22 -47.47 8.78
CA LYS B 645 6.11 -48.26 9.61
C LYS B 645 7.16 -47.37 10.27
N ALA B 646 7.65 -46.36 9.56
CA ALA B 646 8.64 -45.43 10.08
C ALA B 646 8.49 -44.09 9.37
N SER B 647 9.21 -43.09 9.89
CA SER B 647 9.21 -41.76 9.29
C SER B 647 10.06 -41.71 8.03
N ALA B 648 9.84 -40.66 7.25
CA ALA B 648 10.57 -40.49 6.00
C ALA B 648 12.06 -40.29 6.23
N SER B 649 12.41 -39.53 7.27
CA SER B 649 13.81 -39.29 7.60
C SER B 649 14.37 -40.45 8.42
N ALA B 650 15.62 -40.79 8.17
CA ALA B 650 16.31 -41.80 8.96
C ALA B 650 16.87 -41.25 10.27
N ASN B 651 16.71 -39.96 10.52
CA ASN B 651 17.15 -39.38 11.79
C ASN B 651 16.32 -39.93 12.94
N PRO B 652 16.94 -40.31 14.05
CA PRO B 652 16.17 -40.89 15.16
C PRO B 652 15.40 -39.81 15.90
N LEU B 653 14.39 -40.26 16.64
CA LEU B 653 13.67 -39.42 17.60
C LEU B 653 14.27 -39.68 18.97
N PHE B 654 14.93 -38.68 19.54
CA PHE B 654 15.78 -38.82 20.72
C PHE B 654 16.86 -39.84 20.36
N GLU B 655 17.05 -40.91 21.14
CA GLU B 655 18.03 -41.94 20.81
C GLU B 655 17.39 -43.16 20.16
N TYR B 656 16.10 -43.09 19.81
CA TYR B 656 15.39 -44.23 19.27
C TYR B 656 15.02 -43.99 17.81
N PRO B 657 14.96 -45.04 17.00
CA PRO B 657 14.49 -44.87 15.62
C PRO B 657 13.05 -44.40 15.59
N PHE B 658 12.76 -43.46 14.68
CA PHE B 658 11.40 -42.94 14.52
C PHE B 658 10.57 -43.98 13.77
N SER B 659 10.31 -45.08 14.44
CA SER B 659 9.54 -46.19 13.90
C SER B 659 8.57 -46.66 14.97
N GLN B 660 7.58 -47.45 14.55
CA GLN B 660 6.63 -47.99 15.51
C GLN B 660 7.31 -48.92 16.51
N LYS B 661 8.28 -49.71 16.05
CA LYS B 661 9.02 -50.56 16.97
C LYS B 661 10.01 -49.75 17.79
N GLY B 662 10.65 -48.75 17.17
CA GLY B 662 11.62 -47.95 17.90
C GLY B 662 10.99 -47.11 18.99
N LEU B 663 9.85 -46.49 18.70
CA LEU B 663 9.21 -45.62 19.69
C LEU B 663 8.48 -46.42 20.77
N ARG B 664 7.94 -47.59 20.42
CA ARG B 664 7.34 -48.46 21.43
C ARG B 664 8.38 -48.86 22.47
N THR B 665 9.57 -49.25 22.01
CA THR B 665 10.68 -49.53 22.93
C THR B 665 11.02 -48.30 23.75
N GLY B 666 11.17 -47.15 23.10
CA GLY B 666 11.56 -45.95 23.80
C GLY B 666 10.56 -45.53 24.86
N ILE B 667 9.27 -45.64 24.55
CA ILE B 667 8.23 -45.30 25.52
C ILE B 667 8.32 -46.23 26.73
N SER B 668 8.40 -47.54 26.47
CA SER B 668 8.52 -48.49 27.57
C SER B 668 9.77 -48.24 28.40
N GLU B 669 10.89 -47.95 27.74
CA GLU B 669 12.13 -47.65 28.45
C GLU B 669 11.96 -46.42 29.34
N ALA B 670 11.32 -45.38 28.82
CA ALA B 670 11.07 -44.18 29.61
C ALA B 670 10.07 -44.45 30.73
N LEU B 671 9.03 -45.26 30.44
CA LEU B 671 8.04 -45.59 31.46
C LEU B 671 8.66 -46.36 32.62
N ARG B 672 9.66 -47.19 32.36
CA ARG B 672 10.26 -47.98 33.44
C ARG B 672 11.08 -47.09 34.36
N ILE B 673 11.77 -46.10 33.79
CA ILE B 673 12.46 -45.11 34.62
C ILE B 673 11.46 -44.31 35.46
N GLN B 674 10.32 -43.97 34.87
CA GLN B 674 9.30 -43.22 35.59
C GLN B 674 8.69 -44.03 36.73
N ALA B 675 8.30 -45.28 36.44
CA ALA B 675 7.65 -46.11 37.46
C ALA B 675 8.59 -46.42 38.61
N ARG B 676 9.88 -46.51 38.35
CA ARG B 676 10.87 -46.78 39.40
C ARG B 676 11.22 -45.50 40.14
PG MAP C . 17.46 -29.41 -14.31
O1G MAP C . 16.87 -28.92 -15.58
O2G MAP C . 18.84 -30.14 -14.65
O3G MAP C . 17.72 -28.16 -13.34
PB MAP C . 15.95 -31.84 -14.34
O1B MAP C . 16.56 -31.96 -15.69
O2B MAP C . 16.36 -33.12 -13.45
N3B MAP C . 16.43 -30.46 -13.60
PA MAP C . 13.34 -30.71 -15.05
O1A MAP C . 12.81 -29.80 -14.01
O2A MAP C . 14.12 -29.93 -16.07
O3A MAP C . 14.34 -31.79 -14.41
O5' MAP C . 12.17 -31.52 -15.82
C5' MAP C . 12.46 -32.31 -16.96
C4' MAP C . 11.14 -32.70 -17.61
O4' MAP C . 10.46 -33.63 -16.77
C3' MAP C . 10.21 -31.52 -17.72
O3' MAP C . 10.41 -30.79 -18.93
C2' MAP C . 8.80 -32.10 -17.65
O2' MAP C . 8.42 -32.51 -18.96
C1' MAP C . 9.05 -33.34 -16.81
N9 MAP C . 8.58 -33.09 -15.42
C8 MAP C . 9.35 -32.75 -14.38
N7 MAP C . 8.59 -32.60 -13.28
C5 MAP C . 7.31 -32.84 -13.65
C6 MAP C . 6.01 -32.83 -12.92
N6 MAP C . 5.96 -32.54 -11.59
N1 MAP C . 4.88 -33.12 -13.60
C2 MAP C . 5.01 -33.41 -14.90
N3 MAP C . 6.13 -33.43 -15.62
C4 MAP C . 7.31 -33.14 -15.01
MG MAP C . 15.83 -30.55 -16.83
MG MG D . 16.02 -27.26 -12.46
MG MG E . -6.35 -40.55 -11.09
PG MAP F . -17.58 29.67 14.32
O1G MAP F . -16.60 28.62 13.96
O2G MAP F . -18.25 29.30 15.72
O3G MAP F . -18.72 29.72 13.19
PB MAP F . -15.85 31.72 13.27
O1B MAP F . -15.87 30.84 12.08
O2B MAP F . -16.31 33.20 12.84
N3B MAP F . -16.84 31.13 14.44
PA MAP F . -13.32 30.77 14.47
O1A MAP F . -13.33 30.72 15.95
O2A MAP F . -13.71 29.43 13.89
O3A MAP F . -14.38 31.85 13.92
O5' MAP F . -11.86 31.14 13.90
C5' MAP F . -11.53 31.00 12.53
C4' MAP F . -10.04 31.16 12.36
O4' MAP F . -9.64 32.47 12.72
C3' MAP F . -9.27 30.26 13.31
O3' MAP F . -9.07 28.95 12.80
C2' MAP F . -7.94 30.96 13.55
O2' MAP F . -7.04 30.61 12.49
C1' MAP F . -8.35 32.43 13.35
N9 MAP F . -8.41 33.09 14.68
C8 MAP F . -9.53 33.35 15.38
N7 MAP F . -9.22 33.96 16.54
C5 MAP F . -7.87 34.08 16.58
C6 MAP F . -6.92 34.65 17.57
N6 MAP F . -7.35 35.20 18.72
N1 MAP F . -5.60 34.61 17.28
C2 MAP F . -5.23 34.05 16.11
N3 MAP F . -6.03 33.52 15.19
C4 MAP F . -7.37 33.53 15.40
MG MAP F . -14.89 29.21 12.32
MG MG G . -17.20 29.26 17.55
MG MG H . 4.85 43.16 18.12
#